data_1KLO
# 
_entry.id   1KLO 
# 
_audit_conform.dict_name       mmcif_pdbx.dic 
_audit_conform.dict_version    5.397 
_audit_conform.dict_location   http://mmcif.pdb.org/dictionaries/ascii/mmcif_pdbx.dic 
# 
loop_
_database_2.database_id 
_database_2.database_code 
_database_2.pdbx_database_accession 
_database_2.pdbx_DOI 
PDB   1KLO         pdb_00001klo 10.2210/pdb1klo/pdb 
WWPDB D_1000174456 ?            ?                   
# 
loop_
_pdbx_audit_revision_history.ordinal 
_pdbx_audit_revision_history.data_content_type 
_pdbx_audit_revision_history.major_revision 
_pdbx_audit_revision_history.minor_revision 
_pdbx_audit_revision_history.revision_date 
1 'Structure model' 1 0 1997-08-20 
2 'Structure model' 1 1 2008-03-24 
3 'Structure model' 1 2 2011-07-13 
4 'Structure model' 1 3 2024-06-05 
5 'Structure model' 1 4 2024-10-30 
# 
_pdbx_audit_revision_details.ordinal             1 
_pdbx_audit_revision_details.revision_ordinal    1 
_pdbx_audit_revision_details.data_content_type   'Structure model' 
_pdbx_audit_revision_details.provider            repository 
_pdbx_audit_revision_details.type                'Initial release' 
_pdbx_audit_revision_details.description         ? 
_pdbx_audit_revision_details.details             ? 
# 
loop_
_pdbx_audit_revision_group.ordinal 
_pdbx_audit_revision_group.revision_ordinal 
_pdbx_audit_revision_group.data_content_type 
_pdbx_audit_revision_group.group 
1 2 'Structure model' 'Version format compliance' 
2 3 'Structure model' 'Version format compliance' 
3 4 'Structure model' 'Data collection'           
4 4 'Structure model' 'Database references'       
5 4 'Structure model' Other                       
6 5 'Structure model' 'Structure summary'         
# 
loop_
_pdbx_audit_revision_category.ordinal 
_pdbx_audit_revision_category.revision_ordinal 
_pdbx_audit_revision_category.data_content_type 
_pdbx_audit_revision_category.category 
1 4 'Structure model' chem_comp_atom            
2 4 'Structure model' chem_comp_bond            
3 4 'Structure model' database_2                
4 4 'Structure model' pdbx_database_status      
5 5 'Structure model' pdbx_entry_details        
6 5 'Structure model' pdbx_modification_feature 
# 
loop_
_pdbx_audit_revision_item.ordinal 
_pdbx_audit_revision_item.revision_ordinal 
_pdbx_audit_revision_item.data_content_type 
_pdbx_audit_revision_item.item 
1 4 'Structure model' '_database_2.pdbx_DOI'                
2 4 'Structure model' '_database_2.pdbx_database_accession' 
3 4 'Structure model' '_pdbx_database_status.process_site'  
# 
_pdbx_database_status.status_code                     REL 
_pdbx_database_status.entry_id                        1KLO 
_pdbx_database_status.recvd_initial_deposition_date   1996-02-02 
_pdbx_database_status.deposit_site                    ? 
_pdbx_database_status.process_site                    BNL 
_pdbx_database_status.SG_entry                        . 
_pdbx_database_status.pdb_format_compatible           Y 
_pdbx_database_status.status_code_mr                  ? 
_pdbx_database_status.status_code_sf                  ? 
_pdbx_database_status.status_code_cs                  ? 
_pdbx_database_status.status_code_nmr_data            ? 
_pdbx_database_status.methods_development_category    ? 
# 
loop_
_audit_author.name 
_audit_author.pdbx_ordinal 
'Stetefeld, J.' 1 
'Mayer, U.'     2 
'Timpl, R.'     3 
'Huber, R.'     4 
# 
loop_
_citation.id 
_citation.title 
_citation.journal_abbrev 
_citation.journal_volume 
_citation.page_first 
_citation.page_last 
_citation.year 
_citation.journal_id_ASTM 
_citation.country 
_citation.journal_id_ISSN 
_citation.journal_id_CSD 
_citation.book_publisher 
_citation.pdbx_database_id_PubMed 
_citation.pdbx_database_id_DOI 
primary 
;Crystal structure of three consecutive laminin-type epidermal growth factor-like (LE) modules of laminin gamma1 chain harboring the nidogen binding site.
;
J.Mol.Biol. 257 644  657 1996 JMOBAK UK 0022-2836 0070 ? 8648630 10.1006/jmbi.1996.0191 
1       'Two Non-Contiguous Regions Contribute to Nidogen Binding to a Single Egf-Like Motif of the Laminin Gamma 1 Chain' 
'Embo J.'   13  3741 ?   1994 EMJODG UK 0261-4189 0897 ? ?       ?                      
2       'A Single Egf-Like Motif of Laminin is Responsible for High Affinity Nidogen Binding' 'Embo J.'   12  1879 ?   1993 EMJODG 
UK 0261-4189 0897 ? ?       ?                      
# 
loop_
_citation_author.citation_id 
_citation_author.name 
_citation_author.ordinal 
_citation_author.identifier_ORCID 
primary 'Stetefeld, J.' 1  ? 
primary 'Mayer, U.'     2  ? 
primary 'Timpl, R.'     3  ? 
primary 'Huber, R.'     4  ? 
1       'Poschl, E.'    5  ? 
1       'Fox, J.W.'     6  ? 
1       'Block, D.'     7  ? 
1       'Mayer, U.'     8  ? 
1       'Timpl, R.'     9  ? 
2       'Mayer, U.'     10 ? 
2       'Nischt, R.'    11 ? 
2       'Poschl, E.'    12 ? 
2       'Mann, K.'      13 ? 
2       'Fukuda, K.'    14 ? 
2       'Gerl, M.'      15 ? 
2       'Yamada, Y.'    16 ? 
2       'Timpl, R.'     17 ? 
# 
loop_
_entity.id 
_entity.type 
_entity.src_method 
_entity.pdbx_description 
_entity.formula_weight 
_entity.pdbx_number_of_molecules 
_entity.pdbx_ec 
_entity.pdbx_mutation 
_entity.pdbx_fragment 
_entity.details 
1 polymer nat LAMININ 17141.363 1   ? ? 'GAMMA-1 CHAIN, THREE CONSECUTIVE LAMININ-TYPE EPIDERMAL GROWTH FACTOR-LIKE (LE) MODULES' 
? 
2 water   nat water   18.015    119 ? ? ?                                                                                         
? 
# 
_entity_poly.entity_id                      1 
_entity_poly.type                           'polypeptide(L)' 
_entity_poly.nstd_linkage                   no 
_entity_poly.nstd_monomer                   no 
_entity_poly.pdbx_seq_one_letter_code       
;CPCPGGSSCAIVPKTKEVVCTHCPTGTAGKRCELCDDGYFGDPLGSNGPVRLCRPCQCNDNIDPNAVGNCNRLTGECLKC
IYNTAGFYCDRCKEGFFGNPLAPNPADKCKACACNPYGTVQQQSSCNPVTGQCQCLPHVSGRDCGTCDPGYYNLQSGQGC
ER
;
_entity_poly.pdbx_seq_one_letter_code_can   
;CPCPGGSSCAIVPKTKEVVCTHCPTGTAGKRCELCDDGYFGDPLGSNGPVRLCRPCQCNDNIDPNAVGNCNRLTGECLKC
IYNTAGFYCDRCKEGFFGNPLAPNPADKCKACACNPYGTVQQQSSCNPVTGQCQCLPHVSGRDCGTCDPGYYNLQSGQGC
ER
;
_entity_poly.pdbx_strand_id                 A 
_entity_poly.pdbx_target_identifier         ? 
# 
_pdbx_entity_nonpoly.entity_id   2 
_pdbx_entity_nonpoly.name        water 
_pdbx_entity_nonpoly.comp_id     HOH 
# 
loop_
_entity_poly_seq.entity_id 
_entity_poly_seq.num 
_entity_poly_seq.mon_id 
_entity_poly_seq.hetero 
1 1   CYS n 
1 2   PRO n 
1 3   CYS n 
1 4   PRO n 
1 5   GLY n 
1 6   GLY n 
1 7   SER n 
1 8   SER n 
1 9   CYS n 
1 10  ALA n 
1 11  ILE n 
1 12  VAL n 
1 13  PRO n 
1 14  LYS n 
1 15  THR n 
1 16  LYS n 
1 17  GLU n 
1 18  VAL n 
1 19  VAL n 
1 20  CYS n 
1 21  THR n 
1 22  HIS n 
1 23  CYS n 
1 24  PRO n 
1 25  THR n 
1 26  GLY n 
1 27  THR n 
1 28  ALA n 
1 29  GLY n 
1 30  LYS n 
1 31  ARG n 
1 32  CYS n 
1 33  GLU n 
1 34  LEU n 
1 35  CYS n 
1 36  ASP n 
1 37  ASP n 
1 38  GLY n 
1 39  TYR n 
1 40  PHE n 
1 41  GLY n 
1 42  ASP n 
1 43  PRO n 
1 44  LEU n 
1 45  GLY n 
1 46  SER n 
1 47  ASN n 
1 48  GLY n 
1 49  PRO n 
1 50  VAL n 
1 51  ARG n 
1 52  LEU n 
1 53  CYS n 
1 54  ARG n 
1 55  PRO n 
1 56  CYS n 
1 57  GLN n 
1 58  CYS n 
1 59  ASN n 
1 60  ASP n 
1 61  ASN n 
1 62  ILE n 
1 63  ASP n 
1 64  PRO n 
1 65  ASN n 
1 66  ALA n 
1 67  VAL n 
1 68  GLY n 
1 69  ASN n 
1 70  CYS n 
1 71  ASN n 
1 72  ARG n 
1 73  LEU n 
1 74  THR n 
1 75  GLY n 
1 76  GLU n 
1 77  CYS n 
1 78  LEU n 
1 79  LYS n 
1 80  CYS n 
1 81  ILE n 
1 82  TYR n 
1 83  ASN n 
1 84  THR n 
1 85  ALA n 
1 86  GLY n 
1 87  PHE n 
1 88  TYR n 
1 89  CYS n 
1 90  ASP n 
1 91  ARG n 
1 92  CYS n 
1 93  LYS n 
1 94  GLU n 
1 95  GLY n 
1 96  PHE n 
1 97  PHE n 
1 98  GLY n 
1 99  ASN n 
1 100 PRO n 
1 101 LEU n 
1 102 ALA n 
1 103 PRO n 
1 104 ASN n 
1 105 PRO n 
1 106 ALA n 
1 107 ASP n 
1 108 LYS n 
1 109 CYS n 
1 110 LYS n 
1 111 ALA n 
1 112 CYS n 
1 113 ALA n 
1 114 CYS n 
1 115 ASN n 
1 116 PRO n 
1 117 TYR n 
1 118 GLY n 
1 119 THR n 
1 120 VAL n 
1 121 GLN n 
1 122 GLN n 
1 123 GLN n 
1 124 SER n 
1 125 SER n 
1 126 CYS n 
1 127 ASN n 
1 128 PRO n 
1 129 VAL n 
1 130 THR n 
1 131 GLY n 
1 132 GLN n 
1 133 CYS n 
1 134 GLN n 
1 135 CYS n 
1 136 LEU n 
1 137 PRO n 
1 138 HIS n 
1 139 VAL n 
1 140 SER n 
1 141 GLY n 
1 142 ARG n 
1 143 ASP n 
1 144 CYS n 
1 145 GLY n 
1 146 THR n 
1 147 CYS n 
1 148 ASP n 
1 149 PRO n 
1 150 GLY n 
1 151 TYR n 
1 152 TYR n 
1 153 ASN n 
1 154 LEU n 
1 155 GLN n 
1 156 SER n 
1 157 GLY n 
1 158 GLN n 
1 159 GLY n 
1 160 CYS n 
1 161 GLU n 
1 162 ARG n 
# 
_entity_src_nat.entity_id                  1 
_entity_src_nat.pdbx_src_id                1 
_entity_src_nat.pdbx_alt_source_flag       sample 
_entity_src_nat.pdbx_beg_seq_num           ? 
_entity_src_nat.pdbx_end_seq_num           ? 
_entity_src_nat.common_name                'house mouse' 
_entity_src_nat.pdbx_organism_scientific   'Mus musculus' 
_entity_src_nat.pdbx_ncbi_taxonomy_id      10090 
_entity_src_nat.genus                      Mus 
_entity_src_nat.species                    ? 
_entity_src_nat.strain                     ? 
_entity_src_nat.tissue                     ? 
_entity_src_nat.tissue_fraction            ? 
_entity_src_nat.pdbx_secretion             ? 
_entity_src_nat.pdbx_fragment              ? 
_entity_src_nat.pdbx_variant               ? 
_entity_src_nat.pdbx_cell_line             ? 
_entity_src_nat.pdbx_atcc                  ? 
_entity_src_nat.pdbx_cellular_location     ? 
_entity_src_nat.pdbx_organ                 ? 
_entity_src_nat.pdbx_organelle             ? 
_entity_src_nat.pdbx_cell                  ? 
_entity_src_nat.pdbx_plasmid_name          ? 
_entity_src_nat.pdbx_plasmid_details       ? 
_entity_src_nat.details                    ? 
# 
loop_
_chem_comp.id 
_chem_comp.type 
_chem_comp.mon_nstd_flag 
_chem_comp.name 
_chem_comp.pdbx_synonyms 
_chem_comp.formula 
_chem_comp.formula_weight 
ALA 'L-peptide linking' y ALANINE         ? 'C3 H7 N O2'     89.093  
ARG 'L-peptide linking' y ARGININE        ? 'C6 H15 N4 O2 1' 175.209 
ASN 'L-peptide linking' y ASPARAGINE      ? 'C4 H8 N2 O3'    132.118 
ASP 'L-peptide linking' y 'ASPARTIC ACID' ? 'C4 H7 N O4'     133.103 
CYS 'L-peptide linking' y CYSTEINE        ? 'C3 H7 N O2 S'   121.158 
GLN 'L-peptide linking' y GLUTAMINE       ? 'C5 H10 N2 O3'   146.144 
GLU 'L-peptide linking' y 'GLUTAMIC ACID' ? 'C5 H9 N O4'     147.129 
GLY 'peptide linking'   y GLYCINE         ? 'C2 H5 N O2'     75.067  
HIS 'L-peptide linking' y HISTIDINE       ? 'C6 H10 N3 O2 1' 156.162 
HOH non-polymer         . WATER           ? 'H2 O'           18.015  
ILE 'L-peptide linking' y ISOLEUCINE      ? 'C6 H13 N O2'    131.173 
LEU 'L-peptide linking' y LEUCINE         ? 'C6 H13 N O2'    131.173 
LYS 'L-peptide linking' y LYSINE          ? 'C6 H15 N2 O2 1' 147.195 
PHE 'L-peptide linking' y PHENYLALANINE   ? 'C9 H11 N O2'    165.189 
PRO 'L-peptide linking' y PROLINE         ? 'C5 H9 N O2'     115.130 
SER 'L-peptide linking' y SERINE          ? 'C3 H7 N O3'     105.093 
THR 'L-peptide linking' y THREONINE       ? 'C4 H9 N O3'     119.119 
TYR 'L-peptide linking' y TYROSINE        ? 'C9 H11 N O3'    181.189 
VAL 'L-peptide linking' y VALINE          ? 'C5 H11 N O2'    117.146 
# 
loop_
_pdbx_poly_seq_scheme.asym_id 
_pdbx_poly_seq_scheme.entity_id 
_pdbx_poly_seq_scheme.seq_id 
_pdbx_poly_seq_scheme.mon_id 
_pdbx_poly_seq_scheme.ndb_seq_num 
_pdbx_poly_seq_scheme.pdb_seq_num 
_pdbx_poly_seq_scheme.auth_seq_num 
_pdbx_poly_seq_scheme.pdb_mon_id 
_pdbx_poly_seq_scheme.auth_mon_id 
_pdbx_poly_seq_scheme.pdb_strand_id 
_pdbx_poly_seq_scheme.pdb_ins_code 
_pdbx_poly_seq_scheme.hetero 
A 1 1   CYS 1   11  11  CYS CYS A . n 
A 1 2   PRO 2   12  12  PRO PRO A . n 
A 1 3   CYS 3   13  13  CYS CYS A . n 
A 1 4   PRO 4   14  14  PRO PRO A . n 
A 1 5   GLY 5   15  15  GLY GLY A . n 
A 1 6   GLY 6   16  16  GLY GLY A . n 
A 1 7   SER 7   17  17  SER SER A . n 
A 1 8   SER 8   18  18  SER SER A . n 
A 1 9   CYS 9   19  19  CYS CYS A . n 
A 1 10  ALA 10  20  20  ALA ALA A . n 
A 1 11  ILE 11  21  21  ILE ILE A . n 
A 1 12  VAL 12  22  22  VAL VAL A . n 
A 1 13  PRO 13  23  23  PRO PRO A . n 
A 1 14  LYS 14  24  24  LYS LYS A . n 
A 1 15  THR 15  25  25  THR THR A . n 
A 1 16  LYS 16  26  26  LYS LYS A . n 
A 1 17  GLU 17  27  27  GLU GLU A . n 
A 1 18  VAL 18  28  28  VAL VAL A . n 
A 1 19  VAL 19  29  29  VAL VAL A . n 
A 1 20  CYS 20  30  30  CYS CYS A . n 
A 1 21  THR 21  31  31  THR THR A . n 
A 1 22  HIS 22  32  32  HIS HIS A . n 
A 1 23  CYS 23  33  33  CYS CYS A . n 
A 1 24  PRO 24  34  34  PRO PRO A . n 
A 1 25  THR 25  35  35  THR THR A . n 
A 1 26  GLY 26  36  36  GLY GLY A . n 
A 1 27  THR 27  37  37  THR THR A . n 
A 1 28  ALA 28  38  38  ALA ALA A . n 
A 1 29  GLY 29  39  39  GLY GLY A . n 
A 1 30  LYS 30  40  40  LYS LYS A . n 
A 1 31  ARG 31  41  41  ARG ARG A . n 
A 1 32  CYS 32  42  42  CYS CYS A . n 
A 1 33  GLU 33  43  43  GLU GLU A . n 
A 1 34  LEU 34  44  44  LEU LEU A . n 
A 1 35  CYS 35  45  45  CYS CYS A . n 
A 1 36  ASP 36  46  46  ASP ASP A . n 
A 1 37  ASP 37  47  47  ASP ASP A . n 
A 1 38  GLY 38  48  48  GLY GLY A . n 
A 1 39  TYR 39  49  49  TYR TYR A . n 
A 1 40  PHE 40  50  50  PHE PHE A . n 
A 1 41  GLY 41  51  51  GLY GLY A . n 
A 1 42  ASP 42  52  52  ASP ASP A . n 
A 1 43  PRO 43  53  53  PRO PRO A . n 
A 1 44  LEU 44  54  54  LEU LEU A . n 
A 1 45  GLY 45  55  55  GLY GLY A . n 
A 1 46  SER 46  56  56  SER SER A . n 
A 1 47  ASN 47  57  57  ASN ASN A . n 
A 1 48  GLY 48  58  58  GLY GLY A . n 
A 1 49  PRO 49  59  59  PRO PRO A . n 
A 1 50  VAL 50  60  60  VAL VAL A . n 
A 1 51  ARG 51  61  61  ARG ARG A . n 
A 1 52  LEU 52  62  62  LEU LEU A . n 
A 1 53  CYS 53  63  63  CYS CYS A . n 
A 1 54  ARG 54  64  64  ARG ARG A . n 
A 1 55  PRO 55  65  65  PRO PRO A . n 
A 1 56  CYS 56  66  66  CYS CYS A . n 
A 1 57  GLN 57  67  67  GLN GLN A . n 
A 1 58  CYS 58  68  68  CYS CYS A . n 
A 1 59  ASN 59  69  69  ASN ASN A . n 
A 1 60  ASP 60  70  70  ASP ASP A . n 
A 1 61  ASN 61  71  71  ASN ASN A . n 
A 1 62  ILE 62  72  72  ILE ILE A . n 
A 1 63  ASP 63  73  73  ASP ASP A . n 
A 1 64  PRO 64  74  74  PRO PRO A . n 
A 1 65  ASN 65  75  75  ASN ASN A . n 
A 1 66  ALA 66  76  76  ALA ALA A . n 
A 1 67  VAL 67  77  77  VAL VAL A . n 
A 1 68  GLY 68  78  78  GLY GLY A . n 
A 1 69  ASN 69  79  79  ASN ASN A . n 
A 1 70  CYS 70  80  80  CYS CYS A . n 
A 1 71  ASN 71  81  81  ASN ASN A . n 
A 1 72  ARG 72  82  82  ARG ARG A . n 
A 1 73  LEU 73  83  83  LEU LEU A . n 
A 1 74  THR 74  84  84  THR THR A . n 
A 1 75  GLY 75  85  85  GLY GLY A . n 
A 1 76  GLU 76  86  86  GLU GLU A . n 
A 1 77  CYS 77  87  87  CYS CYS A . n 
A 1 78  LEU 78  88  88  LEU LEU A . n 
A 1 79  LYS 79  89  89  LYS LYS A . n 
A 1 80  CYS 80  90  90  CYS CYS A . n 
A 1 81  ILE 81  91  91  ILE ILE A . n 
A 1 82  TYR 82  92  92  TYR TYR A . n 
A 1 83  ASN 83  93  93  ASN ASN A . n 
A 1 84  THR 84  94  94  THR THR A . n 
A 1 85  ALA 85  95  95  ALA ALA A . n 
A 1 86  GLY 86  96  96  GLY GLY A . n 
A 1 87  PHE 87  97  97  PHE PHE A . n 
A 1 88  TYR 88  98  98  TYR TYR A . n 
A 1 89  CYS 89  99  99  CYS CYS A . n 
A 1 90  ASP 90  100 100 ASP ASP A . n 
A 1 91  ARG 91  101 101 ARG ARG A . n 
A 1 92  CYS 92  102 102 CYS CYS A . n 
A 1 93  LYS 93  103 103 LYS LYS A . n 
A 1 94  GLU 94  104 104 GLU GLU A . n 
A 1 95  GLY 95  105 105 GLY GLY A . n 
A 1 96  PHE 96  106 106 PHE PHE A . n 
A 1 97  PHE 97  107 107 PHE PHE A . n 
A 1 98  GLY 98  108 108 GLY GLY A . n 
A 1 99  ASN 99  109 109 ASN ASN A . n 
A 1 100 PRO 100 110 110 PRO PRO A . n 
A 1 101 LEU 101 111 111 LEU LEU A . n 
A 1 102 ALA 102 112 112 ALA ALA A . n 
A 1 103 PRO 103 113 113 PRO PRO A . n 
A 1 104 ASN 104 114 114 ASN ASN A . n 
A 1 105 PRO 105 115 115 PRO PRO A . n 
A 1 106 ALA 106 116 116 ALA ALA A . n 
A 1 107 ASP 107 117 117 ASP ASP A . n 
A 1 108 LYS 108 118 118 LYS LYS A . n 
A 1 109 CYS 109 119 119 CYS CYS A . n 
A 1 110 LYS 110 120 120 LYS LYS A . n 
A 1 111 ALA 111 121 121 ALA ALA A . n 
A 1 112 CYS 112 122 122 CYS CYS A . n 
A 1 113 ALA 113 123 123 ALA ALA A . n 
A 1 114 CYS 114 124 124 CYS CYS A . n 
A 1 115 ASN 115 125 125 ASN ASN A . n 
A 1 116 PRO 116 126 126 PRO PRO A . n 
A 1 117 TYR 117 127 127 TYR TYR A . n 
A 1 118 GLY 118 128 128 GLY GLY A . n 
A 1 119 THR 119 129 129 THR THR A . n 
A 1 120 VAL 120 130 130 VAL VAL A . n 
A 1 121 GLN 121 131 131 GLN GLN A . n 
A 1 122 GLN 122 132 132 GLN GLN A . n 
A 1 123 GLN 123 133 133 GLN GLN A . n 
A 1 124 SER 124 134 134 SER SER A . n 
A 1 125 SER 125 135 135 SER SER A . n 
A 1 126 CYS 126 136 136 CYS CYS A . n 
A 1 127 ASN 127 137 137 ASN ASN A . n 
A 1 128 PRO 128 138 138 PRO PRO A . n 
A 1 129 VAL 129 139 139 VAL VAL A . n 
A 1 130 THR 130 140 140 THR THR A . n 
A 1 131 GLY 131 141 141 GLY GLY A . n 
A 1 132 GLN 132 142 142 GLN GLN A . n 
A 1 133 CYS 133 143 143 CYS CYS A . n 
A 1 134 GLN 134 144 144 GLN GLN A . n 
A 1 135 CYS 135 145 145 CYS CYS A . n 
A 1 136 LEU 136 146 146 LEU LEU A . n 
A 1 137 PRO 137 147 147 PRO PRO A . n 
A 1 138 HIS 138 148 148 HIS HIS A . n 
A 1 139 VAL 139 149 149 VAL VAL A . n 
A 1 140 SER 140 150 150 SER SER A . n 
A 1 141 GLY 141 151 151 GLY GLY A . n 
A 1 142 ARG 142 152 152 ARG ARG A . n 
A 1 143 ASP 143 153 153 ASP ASP A . n 
A 1 144 CYS 144 154 154 CYS CYS A . n 
A 1 145 GLY 145 155 155 GLY GLY A . n 
A 1 146 THR 146 156 156 THR THR A . n 
A 1 147 CYS 147 157 157 CYS CYS A . n 
A 1 148 ASP 148 158 158 ASP ASP A . n 
A 1 149 PRO 149 159 159 PRO PRO A . n 
A 1 150 GLY 150 160 160 GLY GLY A . n 
A 1 151 TYR 151 161 161 TYR TYR A . n 
A 1 152 TYR 152 162 162 TYR TYR A . n 
A 1 153 ASN 153 163 163 ASN ASN A . n 
A 1 154 LEU 154 164 164 LEU LEU A . n 
A 1 155 GLN 155 165 165 GLN GLN A . n 
A 1 156 SER 156 166 166 SER SER A . n 
A 1 157 GLY 157 167 167 GLY GLY A . n 
A 1 158 GLN 158 168 168 GLN GLN A . n 
A 1 159 GLY 159 169 169 GLY GLY A . n 
A 1 160 CYS 160 170 170 CYS CYS A . n 
A 1 161 GLU 161 171 171 GLU GLU A . n 
A 1 162 ARG 162 172 172 ARG ARG A . n 
# 
loop_
_pdbx_nonpoly_scheme.asym_id 
_pdbx_nonpoly_scheme.entity_id 
_pdbx_nonpoly_scheme.mon_id 
_pdbx_nonpoly_scheme.ndb_seq_num 
_pdbx_nonpoly_scheme.pdb_seq_num 
_pdbx_nonpoly_scheme.auth_seq_num 
_pdbx_nonpoly_scheme.pdb_mon_id 
_pdbx_nonpoly_scheme.auth_mon_id 
_pdbx_nonpoly_scheme.pdb_strand_id 
_pdbx_nonpoly_scheme.pdb_ins_code 
B 2 HOH 1   8001 8001 HOH HOH A . 
B 2 HOH 2   8002 8002 HOH HOH A . 
B 2 HOH 3   8003 8003 HOH HOH A . 
B 2 HOH 4   8004 8004 HOH HOH A . 
B 2 HOH 5   8005 8005 HOH HOH A . 
B 2 HOH 6   8006 8006 HOH HOH A . 
B 2 HOH 7   8007 8007 HOH HOH A . 
B 2 HOH 8   8008 8008 HOH HOH A . 
B 2 HOH 9   8009 8009 HOH HOH A . 
B 2 HOH 10  8010 8010 HOH HOH A . 
B 2 HOH 11  8011 8011 HOH HOH A . 
B 2 HOH 12  8012 8012 HOH HOH A . 
B 2 HOH 13  8013 8013 HOH HOH A . 
B 2 HOH 14  8014 8014 HOH HOH A . 
B 2 HOH 15  8015 8015 HOH HOH A . 
B 2 HOH 16  8016 8016 HOH HOH A . 
B 2 HOH 17  8017 8017 HOH HOH A . 
B 2 HOH 18  8018 8018 HOH HOH A . 
B 2 HOH 19  8019 8019 HOH HOH A . 
B 2 HOH 20  8020 8020 HOH HOH A . 
B 2 HOH 21  8021 8021 HOH HOH A . 
B 2 HOH 22  8022 8022 HOH HOH A . 
B 2 HOH 23  8023 8023 HOH HOH A . 
B 2 HOH 24  8024 8024 HOH HOH A . 
B 2 HOH 25  8025 8025 HOH HOH A . 
B 2 HOH 26  8026 8026 HOH HOH A . 
B 2 HOH 27  8027 8027 HOH HOH A . 
B 2 HOH 28  8028 8028 HOH HOH A . 
B 2 HOH 29  8029 8029 HOH HOH A . 
B 2 HOH 30  8030 8030 HOH HOH A . 
B 2 HOH 31  8031 8031 HOH HOH A . 
B 2 HOH 32  8032 8032 HOH HOH A . 
B 2 HOH 33  8033 8033 HOH HOH A . 
B 2 HOH 34  8034 8034 HOH HOH A . 
B 2 HOH 35  8035 8035 HOH HOH A . 
B 2 HOH 36  8036 8036 HOH HOH A . 
B 2 HOH 37  8037 8037 HOH HOH A . 
B 2 HOH 38  8038 8038 HOH HOH A . 
B 2 HOH 39  8039 8039 HOH HOH A . 
B 2 HOH 40  8040 8040 HOH HOH A . 
B 2 HOH 41  8041 8041 HOH HOH A . 
B 2 HOH 42  8042 8042 HOH HOH A . 
B 2 HOH 43  8043 8043 HOH HOH A . 
B 2 HOH 44  8044 8044 HOH HOH A . 
B 2 HOH 45  8046 8046 HOH HOH A . 
B 2 HOH 46  8047 8047 HOH HOH A . 
B 2 HOH 47  8048 8048 HOH HOH A . 
B 2 HOH 48  8049 8049 HOH HOH A . 
B 2 HOH 49  8052 8052 HOH HOH A . 
B 2 HOH 50  8053 8053 HOH HOH A . 
B 2 HOH 51  8054 8054 HOH HOH A . 
B 2 HOH 52  8055 8055 HOH HOH A . 
B 2 HOH 53  8056 8056 HOH HOH A . 
B 2 HOH 54  8057 8057 HOH HOH A . 
B 2 HOH 55  8058 8058 HOH HOH A . 
B 2 HOH 56  8059 8059 HOH HOH A . 
B 2 HOH 57  8060 8060 HOH HOH A . 
B 2 HOH 58  8061 8061 HOH HOH A . 
B 2 HOH 59  8062 8062 HOH HOH A . 
B 2 HOH 60  8063 8063 HOH HOH A . 
B 2 HOH 61  8064 8064 HOH HOH A . 
B 2 HOH 62  8065 8065 HOH HOH A . 
B 2 HOH 63  8066 8066 HOH HOH A . 
B 2 HOH 64  8067 8067 HOH HOH A . 
B 2 HOH 65  8068 8068 HOH HOH A . 
B 2 HOH 66  8069 8069 HOH HOH A . 
B 2 HOH 67  8070 8070 HOH HOH A . 
B 2 HOH 68  8071 8071 HOH HOH A . 
B 2 HOH 69  8072 8072 HOH HOH A . 
B 2 HOH 70  8073 8073 HOH HOH A . 
B 2 HOH 71  8074 8074 HOH HOH A . 
B 2 HOH 72  8075 8075 HOH HOH A . 
B 2 HOH 73  8076 8076 HOH HOH A . 
B 2 HOH 74  8077 8077 HOH HOH A . 
B 2 HOH 75  8078 8078 HOH HOH A . 
B 2 HOH 76  8079 8079 HOH HOH A . 
B 2 HOH 77  8080 8080 HOH HOH A . 
B 2 HOH 78  8081 8081 HOH HOH A . 
B 2 HOH 79  8082 8082 HOH HOH A . 
B 2 HOH 80  8083 8083 HOH HOH A . 
B 2 HOH 81  8084 8084 HOH HOH A . 
B 2 HOH 82  8085 8085 HOH HOH A . 
B 2 HOH 83  8086 8086 HOH HOH A . 
B 2 HOH 84  8087 8087 HOH HOH A . 
B 2 HOH 85  8088 8088 HOH HOH A . 
B 2 HOH 86  8089 8089 HOH HOH A . 
B 2 HOH 87  8090 8090 HOH HOH A . 
B 2 HOH 88  8091 8091 HOH HOH A . 
B 2 HOH 89  8092 8092 HOH HOH A . 
B 2 HOH 90  8093 8093 HOH HOH A . 
B 2 HOH 91  8094 8094 HOH HOH A . 
B 2 HOH 92  8095 8095 HOH HOH A . 
B 2 HOH 93  8096 8096 HOH HOH A . 
B 2 HOH 94  8097 8097 HOH HOH A . 
B 2 HOH 95  8098 8098 HOH HOH A . 
B 2 HOH 96  8099 8099 HOH HOH A . 
B 2 HOH 97  8100 8100 HOH HOH A . 
B 2 HOH 98  8101 8101 HOH HOH A . 
B 2 HOH 99  8102 8102 HOH HOH A . 
B 2 HOH 100 8103 8103 HOH HOH A . 
B 2 HOH 101 8104 8104 HOH HOH A . 
B 2 HOH 102 8105 8105 HOH HOH A . 
B 2 HOH 103 8106 8106 HOH HOH A . 
B 2 HOH 104 8107 8107 HOH HOH A . 
B 2 HOH 105 8108 8108 HOH HOH A . 
B 2 HOH 106 8109 8109 HOH HOH A . 
B 2 HOH 107 8110 8110 HOH HOH A . 
B 2 HOH 108 8112 8112 HOH HOH A . 
B 2 HOH 109 8113 8113 HOH HOH A . 
B 2 HOH 110 8114 8114 HOH HOH A . 
B 2 HOH 111 8115 8115 HOH HOH A . 
B 2 HOH 112 8116 8116 HOH HOH A . 
B 2 HOH 113 8117 8117 HOH HOH A . 
B 2 HOH 114 8121 8121 HOH HOH A . 
B 2 HOH 115 8122 8122 HOH HOH A . 
B 2 HOH 116 8123 8123 HOH HOH A . 
B 2 HOH 117 8124 8124 HOH HOH A . 
B 2 HOH 118 8126 8126 HOH HOH A . 
B 2 HOH 119 8127 8127 HOH HOH A . 
# 
loop_
_software.name 
_software.classification 
_software.version 
_software.citation_id 
_software.pdbx_ordinal 
X-PLOR 'model building' . ? 1 
X-PLOR refinement       . ? 2 
X-PLOR phasing          . ? 3 
# 
_cell.entry_id           1KLO 
_cell.length_a           74.570 
_cell.length_b           74.570 
_cell.length_c           185.110 
_cell.angle_alpha        90.00 
_cell.angle_beta         90.00 
_cell.angle_gamma        120.00 
_cell.Z_PDB              12 
_cell.pdbx_unique_axis   ? 
# 
_symmetry.entry_id                         1KLO 
_symmetry.space_group_name_H-M             'P 64 2 2' 
_symmetry.pdbx_full_space_group_name_H-M   ? 
_symmetry.cell_setting                     ? 
_symmetry.Int_Tables_number                181 
# 
_exptl.entry_id          1KLO 
_exptl.method            'X-RAY DIFFRACTION' 
_exptl.crystals_number   ? 
# 
_exptl_crystal.id                    1 
_exptl_crystal.density_meas          ? 
_exptl_crystal.density_Matthews      4.33 
_exptl_crystal.density_percent_sol   71.59 
_exptl_crystal.description           ? 
# 
_diffrn.id                     1 
_diffrn.ambient_temp           ? 
_diffrn.ambient_temp_details   ? 
_diffrn.crystal_id             1 
# 
_diffrn_radiation.diffrn_id                        1 
_diffrn_radiation.wavelength_id                    1 
_diffrn_radiation.pdbx_monochromatic_or_laue_m_l   ? 
_diffrn_radiation.monochromator                    ? 
_diffrn_radiation.pdbx_diffrn_protocol             ? 
_diffrn_radiation.pdbx_scattering_type             x-ray 
# 
_diffrn_radiation_wavelength.id           1 
_diffrn_radiation_wavelength.wavelength   . 
_diffrn_radiation_wavelength.wt           1.0 
# 
_refine.entry_id                                 1KLO 
_refine.ls_number_reflns_obs                     14983 
_refine.ls_number_reflns_all                     ? 
_refine.pdbx_ls_sigma_I                          ? 
_refine.pdbx_ls_sigma_F                          0.0 
_refine.pdbx_data_cutoff_high_absF               ? 
_refine.pdbx_data_cutoff_low_absF                ? 
_refine.pdbx_data_cutoff_high_rms_absF           ? 
_refine.ls_d_res_low                             6.0 
_refine.ls_d_res_high                            2.1 
_refine.ls_percent_reflns_obs                    ? 
_refine.ls_R_factor_obs                          0.1972 
_refine.ls_R_factor_all                          ? 
_refine.ls_R_factor_R_work                       0.1972 
_refine.ls_R_factor_R_free                       ? 
_refine.ls_R_factor_R_free_error                 ? 
_refine.ls_R_factor_R_free_error_details         ? 
_refine.ls_percent_reflns_R_free                 ? 
_refine.ls_number_reflns_R_free                  ? 
_refine.ls_number_parameters                     ? 
_refine.ls_number_restraints                     ? 
_refine.occupancy_min                            ? 
_refine.occupancy_max                            ? 
_refine.B_iso_mean                               ? 
_refine.aniso_B[1][1]                            ? 
_refine.aniso_B[2][2]                            ? 
_refine.aniso_B[3][3]                            ? 
_refine.aniso_B[1][2]                            ? 
_refine.aniso_B[1][3]                            ? 
_refine.aniso_B[2][3]                            ? 
_refine.solvent_model_details                    ? 
_refine.solvent_model_param_ksol                 ? 
_refine.solvent_model_param_bsol                 ? 
_refine.pdbx_ls_cross_valid_method               ? 
_refine.details                                  ? 
_refine.pdbx_starting_model                      ? 
_refine.pdbx_method_to_determine_struct          ? 
_refine.pdbx_isotropic_thermal_model             ? 
_refine.pdbx_stereochemistry_target_values       ? 
_refine.pdbx_stereochem_target_val_spec_case     ? 
_refine.pdbx_R_Free_selection_details            ? 
_refine.pdbx_overall_ESU_R                       ? 
_refine.pdbx_overall_ESU_R_Free                  ? 
_refine.overall_SU_ML                            ? 
_refine.overall_SU_B                             ? 
_refine.pdbx_refine_id                           'X-RAY DIFFRACTION' 
_refine.pdbx_diffrn_id                           1 
_refine.pdbx_TLS_residual_ADP_flag               ? 
_refine.correlation_coeff_Fo_to_Fc               ? 
_refine.correlation_coeff_Fo_to_Fc_free          ? 
_refine.pdbx_solvent_vdw_probe_radii             ? 
_refine.pdbx_solvent_ion_probe_radii             ? 
_refine.pdbx_solvent_shrinkage_radii             ? 
_refine.pdbx_overall_phase_error                 ? 
_refine.overall_SU_R_Cruickshank_DPI             ? 
_refine.pdbx_overall_SU_R_free_Cruickshank_DPI   ? 
_refine.pdbx_overall_SU_R_Blow_DPI               ? 
_refine.pdbx_overall_SU_R_free_Blow_DPI          ? 
# 
_refine_hist.pdbx_refine_id                   'X-RAY DIFFRACTION' 
_refine_hist.cycle_id                         LAST 
_refine_hist.pdbx_number_atoms_protein        1179 
_refine_hist.pdbx_number_atoms_nucleic_acid   0 
_refine_hist.pdbx_number_atoms_ligand         0 
_refine_hist.number_atoms_solvent             119 
_refine_hist.number_atoms_total               1298 
_refine_hist.d_res_high                       2.1 
_refine_hist.d_res_low                        6.0 
# 
loop_
_refine_ls_restr.type 
_refine_ls_restr.dev_ideal 
_refine_ls_restr.dev_ideal_target 
_refine_ls_restr.weight 
_refine_ls_restr.number 
_refine_ls_restr.pdbx_refine_id 
_refine_ls_restr.pdbx_restraint_function 
x_bond_d                0.012 ? ? ? 'X-RAY DIFFRACTION' ? 
x_bond_d_na             ?     ? ? ? 'X-RAY DIFFRACTION' ? 
x_bond_d_prot           ?     ? ? ? 'X-RAY DIFFRACTION' ? 
x_angle_d               ?     ? ? ? 'X-RAY DIFFRACTION' ? 
x_angle_d_na            ?     ? ? ? 'X-RAY DIFFRACTION' ? 
x_angle_d_prot          ?     ? ? ? 'X-RAY DIFFRACTION' ? 
x_angle_deg             1.690 ? ? ? 'X-RAY DIFFRACTION' ? 
x_angle_deg_na          ?     ? ? ? 'X-RAY DIFFRACTION' ? 
x_angle_deg_prot        ?     ? ? ? 'X-RAY DIFFRACTION' ? 
x_dihedral_angle_d      25.36 ? ? ? 'X-RAY DIFFRACTION' ? 
x_dihedral_angle_d_na   ?     ? ? ? 'X-RAY DIFFRACTION' ? 
x_dihedral_angle_d_prot ?     ? ? ? 'X-RAY DIFFRACTION' ? 
x_improper_angle_d      1.539 ? ? ? 'X-RAY DIFFRACTION' ? 
x_improper_angle_d_na   ?     ? ? ? 'X-RAY DIFFRACTION' ? 
x_improper_angle_d_prot ?     ? ? ? 'X-RAY DIFFRACTION' ? 
x_mcbond_it             ?     ? ? ? 'X-RAY DIFFRACTION' ? 
x_mcangle_it            ?     ? ? ? 'X-RAY DIFFRACTION' ? 
x_scbond_it             ?     ? ? ? 'X-RAY DIFFRACTION' ? 
x_scangle_it            ?     ? ? ? 'X-RAY DIFFRACTION' ? 
# 
_struct.entry_id                  1KLO 
_struct.title                     
;CRYSTAL STRUCTURE OF THREE CONSECUTIVE LAMININ-TYPE EPIDERMAL GROWTH FACTOR-LIKE (LE) MODULES OF LAMININ GAMMA1 CHAIN HARBORING THE NIDOGEN BINDING SITE
;
_struct.pdbx_model_details        ? 
_struct.pdbx_CASP_flag            ? 
_struct.pdbx_model_type_details   ? 
# 
_struct_keywords.entry_id        1KLO 
_struct_keywords.pdbx_keywords   GLYCOPROTEIN 
_struct_keywords.text            GLYCOPROTEIN 
# 
loop_
_struct_asym.id 
_struct_asym.pdbx_blank_PDB_chainid_flag 
_struct_asym.pdbx_modified 
_struct_asym.entity_id 
_struct_asym.details 
A N N 1 ? 
B N N 2 ? 
# 
_struct_ref.id                         1 
_struct_ref.db_name                    UNP 
_struct_ref.db_code                    LMG1_MOUSE 
_struct_ref.entity_id                  1 
_struct_ref.pdbx_db_accession          P02468 
_struct_ref.pdbx_align_begin           1 
_struct_ref.pdbx_seq_one_letter_code   
;MTGGGRAALALQPRGRLWPLLAVLAAVAGCVRAAMDECADEGGRPQRCMPEFVNAAFNVTVVATNTCGTPPEEYCVQTGV
TGVTKSCHLCDAGQQHLQHGAAFLTDYNNQADTTWWQSQTMLAGVQYPNSINLTLHLGKAFDITYVRLKFHTSRPESFAI
YKRTREDGPWIPYQYYSGSCENTYSKANRGFIRTGGDEQQALCTDEFSDISPLTGGNVAFSTLEGRPSAYNFDNSPVLQE
WVTATDIRVTLNRLNTFGDEVFNEPKVLKSYYYAISDFAVGGRCKCNGHASECVKNEFDKLMCNCKHNTYGVDCEKCLPF
FNDRPWRRATAESASESLPCDCNGRSQECYFDPELYRSTGHGGHCTNCRDNTDGAKCERCRENFFRLGNTEACSPCHCSP
VGSLSTQCDSYGRCSCKPGVMGDKCDRCQPGFHSLTEAGCRPCSCDLRGSTDECNVETGRCVCKDNVEGFNCERCKPGFF
NLESSNPKGCTPCFCFGHSSVCTNAVGYSVYDISSTFQIDEDGWRVEQRDGSEASLEWSSDRQDIAVISDSYFPRYFIAP
VKFLGNQVLSYGQNLSFSFRVDRRDTRLSAEDLVLEGAGLRVSVPLIAQGNSYPSETTVKYIFRLHEATDYPWRPALSPF
EFQKLLNNLTSIKIRGTYSERTAGYLDDVTLQSARPGPGVPATWVESCTCPVGYGGQFCETCLPGYRRETPSLGPYSPCV
LCTCNGHSETCDPETGVCDCRDNTAGPHCEKCSDGYYGDSTLGTSSDCQPCPCPGGSSCAIVPKTKEVVCTHCPTGTAGK
RCELCDDGYFGDPLGSNGPVRLCRPCQCNDNIDPNAVGNCNRLTGECLKCIYNTAGFYCDRCKEGFFGNPLAPNPADKCK
ACACNPYGTVQQQSSCNPVTGQCQCLPHVSGRDCGTCDPGYYNLQSGQGCERCDCHALGSTNGQCDIRTGQCECQPGITG
QHCERCETNHFGFGPEGCKPCDCHHEGSLSLQCKDDGRCECREGFVGNRCDQCEENYFYNRSWPGCQECPACYRLVKDKA
AEHRVKLQELESLIANLGTGDDMVTDQAFEDRLKEAEREVTDLLREAQEVKDVDQNLMDRLQRVNSSLHSQISRLQNIRN
TIEETGILAERARSRVESTEQLIEIASRELEKAKMAAANVSITQPESTGEPNNMTLLAEEARRLAERHKQEADDIVRVAK
TANETSAEAYNLLLRTLAGENQTALEIEELNRKYEQAKNISQDLEKQAARVHEEAKRAGDKAVEIYASVAQLTPVDSEAL
ENEANKIKKEAADLDRLIDQKLKDYEDLREDMRGKEHEVKNLLEKGKAEQQTADQLLARADAAKALAEEAAKKGRSTLQE
ANDILNNLKDFDRRVNDNKTAAEEALRRIPAINRTIAEANEKTREAQLALGNAAADATEAKNKAHEAERIASAVQKNATS
TKADAERTFGEVTDLDNEVNGMLRQLEEAENELKRKQDDADQDMMMAGMASQAAQEAELNARKAKNSVSSLLSQLNNLLD
QLGQLDTVDLNKLNEIEGSLNKAKDEMKASDLDRKVSDLESEARKQEAAIMDYNRDIAEIIKDIHNLEDIKKTLPTGCFN
TPSIEKP
;
_struct_ref.pdbx_db_isoform            ? 
# 
_struct_ref_seq.align_id                      1 
_struct_ref_seq.ref_id                        1 
_struct_ref_seq.pdbx_PDB_id_code              1KLO 
_struct_ref_seq.pdbx_strand_id                A 
_struct_ref_seq.seq_align_beg                 1 
_struct_ref_seq.pdbx_seq_align_beg_ins_code   ? 
_struct_ref_seq.seq_align_end                 162 
_struct_ref_seq.pdbx_seq_align_end_ins_code   ? 
_struct_ref_seq.pdbx_db_accession             P02468 
_struct_ref_seq.db_align_beg                  771 
_struct_ref_seq.pdbx_db_align_beg_ins_code    ? 
_struct_ref_seq.db_align_end                  932 
_struct_ref_seq.pdbx_db_align_end_ins_code    ? 
_struct_ref_seq.pdbx_auth_seq_align_beg       11 
_struct_ref_seq.pdbx_auth_seq_align_end       172 
# 
_pdbx_struct_assembly.id                   1 
_pdbx_struct_assembly.details              author_defined_assembly 
_pdbx_struct_assembly.method_details       ? 
_pdbx_struct_assembly.oligomeric_details   tetrameric 
_pdbx_struct_assembly.oligomeric_count     4 
# 
_pdbx_struct_assembly_gen.assembly_id       1 
_pdbx_struct_assembly_gen.oper_expression   1,2,3,4 
_pdbx_struct_assembly_gen.asym_id_list      A,B 
# 
loop_
_pdbx_struct_oper_list.id 
_pdbx_struct_oper_list.type 
_pdbx_struct_oper_list.name 
_pdbx_struct_oper_list.symmetry_operation 
_pdbx_struct_oper_list.matrix[1][1] 
_pdbx_struct_oper_list.matrix[1][2] 
_pdbx_struct_oper_list.matrix[1][3] 
_pdbx_struct_oper_list.vector[1] 
_pdbx_struct_oper_list.matrix[2][1] 
_pdbx_struct_oper_list.matrix[2][2] 
_pdbx_struct_oper_list.matrix[2][3] 
_pdbx_struct_oper_list.vector[2] 
_pdbx_struct_oper_list.matrix[3][1] 
_pdbx_struct_oper_list.matrix[3][2] 
_pdbx_struct_oper_list.matrix[3][3] 
_pdbx_struct_oper_list.vector[3] 
1 'identity operation'         1_555  x,y,z           1.0000000000  0.0000000000  0.0000000000  0.0000000000   0.0000000000  1.0000000000  0.0000000000  0.0000000000  0.0000000000  0.0000000000  1.0000000000  0.0000000000   
2 'crystal symmetry operation' 4_675  -x+1,-y+2,z     -0.2970057796 0.3411361835  0.8918596701  -6.1073753917  0.3411361835  -0.8344596693 0.4327853563  29.8843141509 0.8918596701  0.4327853563  0.1314654490  -6.6167038075  
3 'crystal symmetry operation' 8_676  x-y+1,-y+2,-z+1 0.0799689298  -0.8455726631 -0.5278369461 4.3240075955   -0.8455726631 -0.3379502791 0.4132753081  16.9548925086 -0.5278369461 0.4132753081  -0.7420186507 -18.3139884895 
4 'crystal symmetry operation' 11_556 -x+y,y,-z+1     -0.7829631502 0.5044364796  -0.3640227240 -17.9412110487 0.5044364796  0.1724099484  -0.8460606644 9.2851895709  -0.3640227240 -0.8460606644 -0.3894467982 2.1698766559 
# 
_struct_biol.id   1 
# 
loop_
_struct_conf.conf_type_id 
_struct_conf.id 
_struct_conf.pdbx_PDB_helix_id 
_struct_conf.beg_label_comp_id 
_struct_conf.beg_label_asym_id 
_struct_conf.beg_label_seq_id 
_struct_conf.pdbx_beg_PDB_ins_code 
_struct_conf.end_label_comp_id 
_struct_conf.end_label_asym_id 
_struct_conf.end_label_seq_id 
_struct_conf.pdbx_end_PDB_ins_code 
_struct_conf.beg_auth_comp_id 
_struct_conf.beg_auth_asym_id 
_struct_conf.beg_auth_seq_id 
_struct_conf.end_auth_comp_id 
_struct_conf.end_auth_asym_id 
_struct_conf.end_auth_seq_id 
_struct_conf.pdbx_PDB_helix_class 
_struct_conf.details 
_struct_conf.pdbx_PDB_helix_length 
HELX_P HELX_P1 1 PRO A 105 ? LYS A 108 ? PRO A 115 LYS A 118 1 ? 4 
HELX_P HELX_P2 2 VAL A 120 ? GLN A 122 ? VAL A 130 GLN A 132 5 ? 3 
HELX_P HELX_P3 3 LEU A 154 ? SER A 156 ? LEU A 164 SER A 166 5 ? 3 
# 
_struct_conf_type.id          HELX_P 
_struct_conf_type.criteria    ? 
_struct_conf_type.reference   ? 
# 
loop_
_struct_conn.id 
_struct_conn.conn_type_id 
_struct_conn.pdbx_leaving_atom_flag 
_struct_conn.pdbx_PDB_id 
_struct_conn.ptnr1_label_asym_id 
_struct_conn.ptnr1_label_comp_id 
_struct_conn.ptnr1_label_seq_id 
_struct_conn.ptnr1_label_atom_id 
_struct_conn.pdbx_ptnr1_label_alt_id 
_struct_conn.pdbx_ptnr1_PDB_ins_code 
_struct_conn.pdbx_ptnr1_standard_comp_id 
_struct_conn.ptnr1_symmetry 
_struct_conn.ptnr2_label_asym_id 
_struct_conn.ptnr2_label_comp_id 
_struct_conn.ptnr2_label_seq_id 
_struct_conn.ptnr2_label_atom_id 
_struct_conn.pdbx_ptnr2_label_alt_id 
_struct_conn.pdbx_ptnr2_PDB_ins_code 
_struct_conn.ptnr1_auth_asym_id 
_struct_conn.ptnr1_auth_comp_id 
_struct_conn.ptnr1_auth_seq_id 
_struct_conn.ptnr2_auth_asym_id 
_struct_conn.ptnr2_auth_comp_id 
_struct_conn.ptnr2_auth_seq_id 
_struct_conn.ptnr2_symmetry 
_struct_conn.pdbx_ptnr3_label_atom_id 
_struct_conn.pdbx_ptnr3_label_seq_id 
_struct_conn.pdbx_ptnr3_label_comp_id 
_struct_conn.pdbx_ptnr3_label_asym_id 
_struct_conn.pdbx_ptnr3_label_alt_id 
_struct_conn.pdbx_ptnr3_PDB_ins_code 
_struct_conn.details 
_struct_conn.pdbx_dist_value 
_struct_conn.pdbx_value_order 
_struct_conn.pdbx_role 
disulf1  disulf ? ? A CYS 1   SG ? ? ? 1_555 A CYS 9   SG ? ? A CYS 11  A CYS 19  1_555 ? ? ? ? ? ? ? 2.041 ? ? 
disulf2  disulf ? ? A CYS 3   SG ? ? ? 1_555 A CYS 20  SG ? ? A CYS 13  A CYS 30  1_555 ? ? ? ? ? ? ? 2.015 ? ? 
disulf3  disulf ? ? A CYS 23  SG ? ? ? 1_555 A CYS 32  SG ? ? A CYS 33  A CYS 42  1_555 ? ? ? ? ? ? ? 2.016 ? ? 
disulf4  disulf ? ? A CYS 35  SG ? ? ? 1_555 A CYS 53  SG ? ? A CYS 45  A CYS 63  1_555 ? ? ? ? ? ? ? 1.993 ? ? 
disulf5  disulf ? ? A CYS 56  SG ? ? ? 1_555 A CYS 70  SG ? ? A CYS 66  A CYS 80  1_555 ? ? ? ? ? ? ? 2.010 ? ? 
disulf6  disulf ? ? A CYS 58  SG ? ? ? 1_555 A CYS 77  SG ? ? A CYS 68  A CYS 87  1_555 ? ? ? ? ? ? ? 2.022 ? ? 
disulf7  disulf ? ? A CYS 80  SG ? ? ? 1_555 A CYS 89  SG ? ? A CYS 90  A CYS 99  1_555 ? ? ? ? ? ? ? 2.008 ? ? 
disulf8  disulf ? ? A CYS 92  SG ? ? ? 1_555 A CYS 109 SG ? ? A CYS 102 A CYS 119 1_555 ? ? ? ? ? ? ? 2.023 ? ? 
disulf9  disulf ? ? A CYS 112 SG ? ? ? 1_555 A CYS 126 SG ? ? A CYS 122 A CYS 136 1_555 ? ? ? ? ? ? ? 2.020 ? ? 
disulf10 disulf ? ? A CYS 114 SG ? ? ? 1_555 A CYS 133 SG ? ? A CYS 124 A CYS 143 1_555 ? ? ? ? ? ? ? 2.033 ? ? 
disulf11 disulf ? ? A CYS 135 SG ? ? ? 1_555 A CYS 144 SG ? ? A CYS 145 A CYS 154 1_555 ? ? ? ? ? ? ? 2.011 ? ? 
disulf12 disulf ? ? A CYS 147 SG ? ? ? 1_555 A CYS 160 SG ? ? A CYS 157 A CYS 170 1_555 ? ? ? ? ? ? ? 2.018 ? ? 
# 
_struct_conn_type.id          disulf 
_struct_conn_type.criteria    ? 
_struct_conn_type.reference   ? 
# 
loop_
_pdbx_modification_feature.ordinal 
_pdbx_modification_feature.label_comp_id 
_pdbx_modification_feature.label_asym_id 
_pdbx_modification_feature.label_seq_id 
_pdbx_modification_feature.label_alt_id 
_pdbx_modification_feature.modified_residue_label_comp_id 
_pdbx_modification_feature.modified_residue_label_asym_id 
_pdbx_modification_feature.modified_residue_label_seq_id 
_pdbx_modification_feature.modified_residue_label_alt_id 
_pdbx_modification_feature.auth_comp_id 
_pdbx_modification_feature.auth_asym_id 
_pdbx_modification_feature.auth_seq_id 
_pdbx_modification_feature.PDB_ins_code 
_pdbx_modification_feature.symmetry 
_pdbx_modification_feature.modified_residue_auth_comp_id 
_pdbx_modification_feature.modified_residue_auth_asym_id 
_pdbx_modification_feature.modified_residue_auth_seq_id 
_pdbx_modification_feature.modified_residue_PDB_ins_code 
_pdbx_modification_feature.modified_residue_symmetry 
_pdbx_modification_feature.comp_id_linking_atom 
_pdbx_modification_feature.modified_residue_id_linking_atom 
_pdbx_modification_feature.modified_residue_id 
_pdbx_modification_feature.ref_pcm_id 
_pdbx_modification_feature.ref_comp_id 
_pdbx_modification_feature.type 
_pdbx_modification_feature.category 
1  CYS A 1   ? CYS A 9   ? CYS A 11  ? 1_555 CYS A 19  ? 1_555 SG SG . . . None 'Disulfide bridge' 
2  CYS A 3   ? CYS A 20  ? CYS A 13  ? 1_555 CYS A 30  ? 1_555 SG SG . . . None 'Disulfide bridge' 
3  CYS A 23  ? CYS A 32  ? CYS A 33  ? 1_555 CYS A 42  ? 1_555 SG SG . . . None 'Disulfide bridge' 
4  CYS A 35  ? CYS A 53  ? CYS A 45  ? 1_555 CYS A 63  ? 1_555 SG SG . . . None 'Disulfide bridge' 
5  CYS A 56  ? CYS A 70  ? CYS A 66  ? 1_555 CYS A 80  ? 1_555 SG SG . . . None 'Disulfide bridge' 
6  CYS A 58  ? CYS A 77  ? CYS A 68  ? 1_555 CYS A 87  ? 1_555 SG SG . . . None 'Disulfide bridge' 
7  CYS A 80  ? CYS A 89  ? CYS A 90  ? 1_555 CYS A 99  ? 1_555 SG SG . . . None 'Disulfide bridge' 
8  CYS A 92  ? CYS A 109 ? CYS A 102 ? 1_555 CYS A 119 ? 1_555 SG SG . . . None 'Disulfide bridge' 
9  CYS A 112 ? CYS A 126 ? CYS A 122 ? 1_555 CYS A 136 ? 1_555 SG SG . . . None 'Disulfide bridge' 
10 CYS A 114 ? CYS A 133 ? CYS A 124 ? 1_555 CYS A 143 ? 1_555 SG SG . . . None 'Disulfide bridge' 
11 CYS A 135 ? CYS A 144 ? CYS A 145 ? 1_555 CYS A 154 ? 1_555 SG SG . . . None 'Disulfide bridge' 
12 CYS A 147 ? CYS A 160 ? CYS A 157 ? 1_555 CYS A 170 ? 1_555 SG SG . . . None 'Disulfide bridge' 
# 
loop_
_struct_sheet.id 
_struct_sheet.type 
_struct_sheet.number_strands 
_struct_sheet.details 
A ? 2 ? 
B ? 2 ? 
# 
loop_
_struct_sheet_order.sheet_id 
_struct_sheet_order.range_id_1 
_struct_sheet_order.range_id_2 
_struct_sheet_order.offset 
_struct_sheet_order.sense 
A 1 2 ? anti-parallel 
B 1 2 ? anti-parallel 
# 
loop_
_struct_sheet_range.sheet_id 
_struct_sheet_range.id 
_struct_sheet_range.beg_label_comp_id 
_struct_sheet_range.beg_label_asym_id 
_struct_sheet_range.beg_label_seq_id 
_struct_sheet_range.pdbx_beg_PDB_ins_code 
_struct_sheet_range.end_label_comp_id 
_struct_sheet_range.end_label_asym_id 
_struct_sheet_range.end_label_seq_id 
_struct_sheet_range.pdbx_end_PDB_ins_code 
_struct_sheet_range.beg_auth_comp_id 
_struct_sheet_range.beg_auth_asym_id 
_struct_sheet_range.beg_auth_seq_id 
_struct_sheet_range.end_auth_comp_id 
_struct_sheet_range.end_auth_asym_id 
_struct_sheet_range.end_auth_seq_id 
A 1 CYS A 9   ? VAL A 12  ? CYS A 19  VAL A 22  
A 2 GLU A 17  ? CYS A 20  ? GLU A 27  CYS A 30  
B 1 PHE A 96  ? GLY A 98  ? PHE A 106 GLY A 108 
B 2 CYS A 109 ? ALA A 111 ? CYS A 119 ALA A 121 
# 
loop_
_pdbx_struct_sheet_hbond.sheet_id 
_pdbx_struct_sheet_hbond.range_id_1 
_pdbx_struct_sheet_hbond.range_id_2 
_pdbx_struct_sheet_hbond.range_1_label_atom_id 
_pdbx_struct_sheet_hbond.range_1_label_comp_id 
_pdbx_struct_sheet_hbond.range_1_label_asym_id 
_pdbx_struct_sheet_hbond.range_1_label_seq_id 
_pdbx_struct_sheet_hbond.range_1_PDB_ins_code 
_pdbx_struct_sheet_hbond.range_1_auth_atom_id 
_pdbx_struct_sheet_hbond.range_1_auth_comp_id 
_pdbx_struct_sheet_hbond.range_1_auth_asym_id 
_pdbx_struct_sheet_hbond.range_1_auth_seq_id 
_pdbx_struct_sheet_hbond.range_2_label_atom_id 
_pdbx_struct_sheet_hbond.range_2_label_comp_id 
_pdbx_struct_sheet_hbond.range_2_label_asym_id 
_pdbx_struct_sheet_hbond.range_2_label_seq_id 
_pdbx_struct_sheet_hbond.range_2_PDB_ins_code 
_pdbx_struct_sheet_hbond.range_2_auth_atom_id 
_pdbx_struct_sheet_hbond.range_2_auth_comp_id 
_pdbx_struct_sheet_hbond.range_2_auth_asym_id 
_pdbx_struct_sheet_hbond.range_2_auth_seq_id 
A 1 2 O ALA A 10 ? O ALA A 20  N VAL A 19  ? N VAL A 29  
B 1 2 O PHE A 97 ? O PHE A 107 N LYS A 110 ? N LYS A 120 
# 
_pdbx_entry_details.entry_id                   1KLO 
_pdbx_entry_details.compound_details           ? 
_pdbx_entry_details.source_details             ? 
_pdbx_entry_details.nonpolymer_details         ? 
_pdbx_entry_details.sequence_details           ? 
_pdbx_entry_details.has_ligand_of_interest     ? 
_pdbx_entry_details.has_protein_modification   Y 
# 
loop_
_pdbx_validate_torsion.id 
_pdbx_validate_torsion.PDB_model_num 
_pdbx_validate_torsion.auth_comp_id 
_pdbx_validate_torsion.auth_asym_id 
_pdbx_validate_torsion.auth_seq_id 
_pdbx_validate_torsion.PDB_ins_code 
_pdbx_validate_torsion.label_alt_id 
_pdbx_validate_torsion.phi 
_pdbx_validate_torsion.psi 
1  1 PRO A 12  ? ? -76.10  46.58   
2  1 LYS A 24  ? ? -58.15  -1.02   
3  1 THR A 25  ? ? -164.87 -16.62  
4  1 LYS A 26  ? ? 67.59   67.14   
5  1 HIS A 32  ? ? -113.24 57.40   
6  1 ASP A 52  ? ? -160.03 83.11   
7  1 ALA A 95  ? ? -161.37 -165.23 
8  1 LYS A 118 ? ? -72.09  -80.61  
9  1 ASN A 163 ? ? 63.61   67.42   
10 1 GLN A 168 ? ? -141.06 14.11   
# 
loop_
_chem_comp_atom.comp_id 
_chem_comp_atom.atom_id 
_chem_comp_atom.type_symbol 
_chem_comp_atom.pdbx_aromatic_flag 
_chem_comp_atom.pdbx_stereo_config 
_chem_comp_atom.pdbx_ordinal 
ALA N    N N N 1   
ALA CA   C N S 2   
ALA C    C N N 3   
ALA O    O N N 4   
ALA CB   C N N 5   
ALA OXT  O N N 6   
ALA H    H N N 7   
ALA H2   H N N 8   
ALA HA   H N N 9   
ALA HB1  H N N 10  
ALA HB2  H N N 11  
ALA HB3  H N N 12  
ALA HXT  H N N 13  
ARG N    N N N 14  
ARG CA   C N S 15  
ARG C    C N N 16  
ARG O    O N N 17  
ARG CB   C N N 18  
ARG CG   C N N 19  
ARG CD   C N N 20  
ARG NE   N N N 21  
ARG CZ   C N N 22  
ARG NH1  N N N 23  
ARG NH2  N N N 24  
ARG OXT  O N N 25  
ARG H    H N N 26  
ARG H2   H N N 27  
ARG HA   H N N 28  
ARG HB2  H N N 29  
ARG HB3  H N N 30  
ARG HG2  H N N 31  
ARG HG3  H N N 32  
ARG HD2  H N N 33  
ARG HD3  H N N 34  
ARG HE   H N N 35  
ARG HH11 H N N 36  
ARG HH12 H N N 37  
ARG HH21 H N N 38  
ARG HH22 H N N 39  
ARG HXT  H N N 40  
ASN N    N N N 41  
ASN CA   C N S 42  
ASN C    C N N 43  
ASN O    O N N 44  
ASN CB   C N N 45  
ASN CG   C N N 46  
ASN OD1  O N N 47  
ASN ND2  N N N 48  
ASN OXT  O N N 49  
ASN H    H N N 50  
ASN H2   H N N 51  
ASN HA   H N N 52  
ASN HB2  H N N 53  
ASN HB3  H N N 54  
ASN HD21 H N N 55  
ASN HD22 H N N 56  
ASN HXT  H N N 57  
ASP N    N N N 58  
ASP CA   C N S 59  
ASP C    C N N 60  
ASP O    O N N 61  
ASP CB   C N N 62  
ASP CG   C N N 63  
ASP OD1  O N N 64  
ASP OD2  O N N 65  
ASP OXT  O N N 66  
ASP H    H N N 67  
ASP H2   H N N 68  
ASP HA   H N N 69  
ASP HB2  H N N 70  
ASP HB3  H N N 71  
ASP HD2  H N N 72  
ASP HXT  H N N 73  
CYS N    N N N 74  
CYS CA   C N R 75  
CYS C    C N N 76  
CYS O    O N N 77  
CYS CB   C N N 78  
CYS SG   S N N 79  
CYS OXT  O N N 80  
CYS H    H N N 81  
CYS H2   H N N 82  
CYS HA   H N N 83  
CYS HB2  H N N 84  
CYS HB3  H N N 85  
CYS HG   H N N 86  
CYS HXT  H N N 87  
GLN N    N N N 88  
GLN CA   C N S 89  
GLN C    C N N 90  
GLN O    O N N 91  
GLN CB   C N N 92  
GLN CG   C N N 93  
GLN CD   C N N 94  
GLN OE1  O N N 95  
GLN NE2  N N N 96  
GLN OXT  O N N 97  
GLN H    H N N 98  
GLN H2   H N N 99  
GLN HA   H N N 100 
GLN HB2  H N N 101 
GLN HB3  H N N 102 
GLN HG2  H N N 103 
GLN HG3  H N N 104 
GLN HE21 H N N 105 
GLN HE22 H N N 106 
GLN HXT  H N N 107 
GLU N    N N N 108 
GLU CA   C N S 109 
GLU C    C N N 110 
GLU O    O N N 111 
GLU CB   C N N 112 
GLU CG   C N N 113 
GLU CD   C N N 114 
GLU OE1  O N N 115 
GLU OE2  O N N 116 
GLU OXT  O N N 117 
GLU H    H N N 118 
GLU H2   H N N 119 
GLU HA   H N N 120 
GLU HB2  H N N 121 
GLU HB3  H N N 122 
GLU HG2  H N N 123 
GLU HG3  H N N 124 
GLU HE2  H N N 125 
GLU HXT  H N N 126 
GLY N    N N N 127 
GLY CA   C N N 128 
GLY C    C N N 129 
GLY O    O N N 130 
GLY OXT  O N N 131 
GLY H    H N N 132 
GLY H2   H N N 133 
GLY HA2  H N N 134 
GLY HA3  H N N 135 
GLY HXT  H N N 136 
HIS N    N N N 137 
HIS CA   C N S 138 
HIS C    C N N 139 
HIS O    O N N 140 
HIS CB   C N N 141 
HIS CG   C Y N 142 
HIS ND1  N Y N 143 
HIS CD2  C Y N 144 
HIS CE1  C Y N 145 
HIS NE2  N Y N 146 
HIS OXT  O N N 147 
HIS H    H N N 148 
HIS H2   H N N 149 
HIS HA   H N N 150 
HIS HB2  H N N 151 
HIS HB3  H N N 152 
HIS HD1  H N N 153 
HIS HD2  H N N 154 
HIS HE1  H N N 155 
HIS HE2  H N N 156 
HIS HXT  H N N 157 
HOH O    O N N 158 
HOH H1   H N N 159 
HOH H2   H N N 160 
ILE N    N N N 161 
ILE CA   C N S 162 
ILE C    C N N 163 
ILE O    O N N 164 
ILE CB   C N S 165 
ILE CG1  C N N 166 
ILE CG2  C N N 167 
ILE CD1  C N N 168 
ILE OXT  O N N 169 
ILE H    H N N 170 
ILE H2   H N N 171 
ILE HA   H N N 172 
ILE HB   H N N 173 
ILE HG12 H N N 174 
ILE HG13 H N N 175 
ILE HG21 H N N 176 
ILE HG22 H N N 177 
ILE HG23 H N N 178 
ILE HD11 H N N 179 
ILE HD12 H N N 180 
ILE HD13 H N N 181 
ILE HXT  H N N 182 
LEU N    N N N 183 
LEU CA   C N S 184 
LEU C    C N N 185 
LEU O    O N N 186 
LEU CB   C N N 187 
LEU CG   C N N 188 
LEU CD1  C N N 189 
LEU CD2  C N N 190 
LEU OXT  O N N 191 
LEU H    H N N 192 
LEU H2   H N N 193 
LEU HA   H N N 194 
LEU HB2  H N N 195 
LEU HB3  H N N 196 
LEU HG   H N N 197 
LEU HD11 H N N 198 
LEU HD12 H N N 199 
LEU HD13 H N N 200 
LEU HD21 H N N 201 
LEU HD22 H N N 202 
LEU HD23 H N N 203 
LEU HXT  H N N 204 
LYS N    N N N 205 
LYS CA   C N S 206 
LYS C    C N N 207 
LYS O    O N N 208 
LYS CB   C N N 209 
LYS CG   C N N 210 
LYS CD   C N N 211 
LYS CE   C N N 212 
LYS NZ   N N N 213 
LYS OXT  O N N 214 
LYS H    H N N 215 
LYS H2   H N N 216 
LYS HA   H N N 217 
LYS HB2  H N N 218 
LYS HB3  H N N 219 
LYS HG2  H N N 220 
LYS HG3  H N N 221 
LYS HD2  H N N 222 
LYS HD3  H N N 223 
LYS HE2  H N N 224 
LYS HE3  H N N 225 
LYS HZ1  H N N 226 
LYS HZ2  H N N 227 
LYS HZ3  H N N 228 
LYS HXT  H N N 229 
PHE N    N N N 230 
PHE CA   C N S 231 
PHE C    C N N 232 
PHE O    O N N 233 
PHE CB   C N N 234 
PHE CG   C Y N 235 
PHE CD1  C Y N 236 
PHE CD2  C Y N 237 
PHE CE1  C Y N 238 
PHE CE2  C Y N 239 
PHE CZ   C Y N 240 
PHE OXT  O N N 241 
PHE H    H N N 242 
PHE H2   H N N 243 
PHE HA   H N N 244 
PHE HB2  H N N 245 
PHE HB3  H N N 246 
PHE HD1  H N N 247 
PHE HD2  H N N 248 
PHE HE1  H N N 249 
PHE HE2  H N N 250 
PHE HZ   H N N 251 
PHE HXT  H N N 252 
PRO N    N N N 253 
PRO CA   C N S 254 
PRO C    C N N 255 
PRO O    O N N 256 
PRO CB   C N N 257 
PRO CG   C N N 258 
PRO CD   C N N 259 
PRO OXT  O N N 260 
PRO H    H N N 261 
PRO HA   H N N 262 
PRO HB2  H N N 263 
PRO HB3  H N N 264 
PRO HG2  H N N 265 
PRO HG3  H N N 266 
PRO HD2  H N N 267 
PRO HD3  H N N 268 
PRO HXT  H N N 269 
SER N    N N N 270 
SER CA   C N S 271 
SER C    C N N 272 
SER O    O N N 273 
SER CB   C N N 274 
SER OG   O N N 275 
SER OXT  O N N 276 
SER H    H N N 277 
SER H2   H N N 278 
SER HA   H N N 279 
SER HB2  H N N 280 
SER HB3  H N N 281 
SER HG   H N N 282 
SER HXT  H N N 283 
THR N    N N N 284 
THR CA   C N S 285 
THR C    C N N 286 
THR O    O N N 287 
THR CB   C N R 288 
THR OG1  O N N 289 
THR CG2  C N N 290 
THR OXT  O N N 291 
THR H    H N N 292 
THR H2   H N N 293 
THR HA   H N N 294 
THR HB   H N N 295 
THR HG1  H N N 296 
THR HG21 H N N 297 
THR HG22 H N N 298 
THR HG23 H N N 299 
THR HXT  H N N 300 
TYR N    N N N 301 
TYR CA   C N S 302 
TYR C    C N N 303 
TYR O    O N N 304 
TYR CB   C N N 305 
TYR CG   C Y N 306 
TYR CD1  C Y N 307 
TYR CD2  C Y N 308 
TYR CE1  C Y N 309 
TYR CE2  C Y N 310 
TYR CZ   C Y N 311 
TYR OH   O N N 312 
TYR OXT  O N N 313 
TYR H    H N N 314 
TYR H2   H N N 315 
TYR HA   H N N 316 
TYR HB2  H N N 317 
TYR HB3  H N N 318 
TYR HD1  H N N 319 
TYR HD2  H N N 320 
TYR HE1  H N N 321 
TYR HE2  H N N 322 
TYR HH   H N N 323 
TYR HXT  H N N 324 
VAL N    N N N 325 
VAL CA   C N S 326 
VAL C    C N N 327 
VAL O    O N N 328 
VAL CB   C N N 329 
VAL CG1  C N N 330 
VAL CG2  C N N 331 
VAL OXT  O N N 332 
VAL H    H N N 333 
VAL H2   H N N 334 
VAL HA   H N N 335 
VAL HB   H N N 336 
VAL HG11 H N N 337 
VAL HG12 H N N 338 
VAL HG13 H N N 339 
VAL HG21 H N N 340 
VAL HG22 H N N 341 
VAL HG23 H N N 342 
VAL HXT  H N N 343 
# 
loop_
_chem_comp_bond.comp_id 
_chem_comp_bond.atom_id_1 
_chem_comp_bond.atom_id_2 
_chem_comp_bond.value_order 
_chem_comp_bond.pdbx_aromatic_flag 
_chem_comp_bond.pdbx_stereo_config 
_chem_comp_bond.pdbx_ordinal 
ALA N   CA   sing N N 1   
ALA N   H    sing N N 2   
ALA N   H2   sing N N 3   
ALA CA  C    sing N N 4   
ALA CA  CB   sing N N 5   
ALA CA  HA   sing N N 6   
ALA C   O    doub N N 7   
ALA C   OXT  sing N N 8   
ALA CB  HB1  sing N N 9   
ALA CB  HB2  sing N N 10  
ALA CB  HB3  sing N N 11  
ALA OXT HXT  sing N N 12  
ARG N   CA   sing N N 13  
ARG N   H    sing N N 14  
ARG N   H2   sing N N 15  
ARG CA  C    sing N N 16  
ARG CA  CB   sing N N 17  
ARG CA  HA   sing N N 18  
ARG C   O    doub N N 19  
ARG C   OXT  sing N N 20  
ARG CB  CG   sing N N 21  
ARG CB  HB2  sing N N 22  
ARG CB  HB3  sing N N 23  
ARG CG  CD   sing N N 24  
ARG CG  HG2  sing N N 25  
ARG CG  HG3  sing N N 26  
ARG CD  NE   sing N N 27  
ARG CD  HD2  sing N N 28  
ARG CD  HD3  sing N N 29  
ARG NE  CZ   sing N N 30  
ARG NE  HE   sing N N 31  
ARG CZ  NH1  sing N N 32  
ARG CZ  NH2  doub N N 33  
ARG NH1 HH11 sing N N 34  
ARG NH1 HH12 sing N N 35  
ARG NH2 HH21 sing N N 36  
ARG NH2 HH22 sing N N 37  
ARG OXT HXT  sing N N 38  
ASN N   CA   sing N N 39  
ASN N   H    sing N N 40  
ASN N   H2   sing N N 41  
ASN CA  C    sing N N 42  
ASN CA  CB   sing N N 43  
ASN CA  HA   sing N N 44  
ASN C   O    doub N N 45  
ASN C   OXT  sing N N 46  
ASN CB  CG   sing N N 47  
ASN CB  HB2  sing N N 48  
ASN CB  HB3  sing N N 49  
ASN CG  OD1  doub N N 50  
ASN CG  ND2  sing N N 51  
ASN ND2 HD21 sing N N 52  
ASN ND2 HD22 sing N N 53  
ASN OXT HXT  sing N N 54  
ASP N   CA   sing N N 55  
ASP N   H    sing N N 56  
ASP N   H2   sing N N 57  
ASP CA  C    sing N N 58  
ASP CA  CB   sing N N 59  
ASP CA  HA   sing N N 60  
ASP C   O    doub N N 61  
ASP C   OXT  sing N N 62  
ASP CB  CG   sing N N 63  
ASP CB  HB2  sing N N 64  
ASP CB  HB3  sing N N 65  
ASP CG  OD1  doub N N 66  
ASP CG  OD2  sing N N 67  
ASP OD2 HD2  sing N N 68  
ASP OXT HXT  sing N N 69  
CYS N   CA   sing N N 70  
CYS N   H    sing N N 71  
CYS N   H2   sing N N 72  
CYS CA  C    sing N N 73  
CYS CA  CB   sing N N 74  
CYS CA  HA   sing N N 75  
CYS C   O    doub N N 76  
CYS C   OXT  sing N N 77  
CYS CB  SG   sing N N 78  
CYS CB  HB2  sing N N 79  
CYS CB  HB3  sing N N 80  
CYS SG  HG   sing N N 81  
CYS OXT HXT  sing N N 82  
GLN N   CA   sing N N 83  
GLN N   H    sing N N 84  
GLN N   H2   sing N N 85  
GLN CA  C    sing N N 86  
GLN CA  CB   sing N N 87  
GLN CA  HA   sing N N 88  
GLN C   O    doub N N 89  
GLN C   OXT  sing N N 90  
GLN CB  CG   sing N N 91  
GLN CB  HB2  sing N N 92  
GLN CB  HB3  sing N N 93  
GLN CG  CD   sing N N 94  
GLN CG  HG2  sing N N 95  
GLN CG  HG3  sing N N 96  
GLN CD  OE1  doub N N 97  
GLN CD  NE2  sing N N 98  
GLN NE2 HE21 sing N N 99  
GLN NE2 HE22 sing N N 100 
GLN OXT HXT  sing N N 101 
GLU N   CA   sing N N 102 
GLU N   H    sing N N 103 
GLU N   H2   sing N N 104 
GLU CA  C    sing N N 105 
GLU CA  CB   sing N N 106 
GLU CA  HA   sing N N 107 
GLU C   O    doub N N 108 
GLU C   OXT  sing N N 109 
GLU CB  CG   sing N N 110 
GLU CB  HB2  sing N N 111 
GLU CB  HB3  sing N N 112 
GLU CG  CD   sing N N 113 
GLU CG  HG2  sing N N 114 
GLU CG  HG3  sing N N 115 
GLU CD  OE1  doub N N 116 
GLU CD  OE2  sing N N 117 
GLU OE2 HE2  sing N N 118 
GLU OXT HXT  sing N N 119 
GLY N   CA   sing N N 120 
GLY N   H    sing N N 121 
GLY N   H2   sing N N 122 
GLY CA  C    sing N N 123 
GLY CA  HA2  sing N N 124 
GLY CA  HA3  sing N N 125 
GLY C   O    doub N N 126 
GLY C   OXT  sing N N 127 
GLY OXT HXT  sing N N 128 
HIS N   CA   sing N N 129 
HIS N   H    sing N N 130 
HIS N   H2   sing N N 131 
HIS CA  C    sing N N 132 
HIS CA  CB   sing N N 133 
HIS CA  HA   sing N N 134 
HIS C   O    doub N N 135 
HIS C   OXT  sing N N 136 
HIS CB  CG   sing N N 137 
HIS CB  HB2  sing N N 138 
HIS CB  HB3  sing N N 139 
HIS CG  ND1  sing Y N 140 
HIS CG  CD2  doub Y N 141 
HIS ND1 CE1  doub Y N 142 
HIS ND1 HD1  sing N N 143 
HIS CD2 NE2  sing Y N 144 
HIS CD2 HD2  sing N N 145 
HIS CE1 NE2  sing Y N 146 
HIS CE1 HE1  sing N N 147 
HIS NE2 HE2  sing N N 148 
HIS OXT HXT  sing N N 149 
HOH O   H1   sing N N 150 
HOH O   H2   sing N N 151 
ILE N   CA   sing N N 152 
ILE N   H    sing N N 153 
ILE N   H2   sing N N 154 
ILE CA  C    sing N N 155 
ILE CA  CB   sing N N 156 
ILE CA  HA   sing N N 157 
ILE C   O    doub N N 158 
ILE C   OXT  sing N N 159 
ILE CB  CG1  sing N N 160 
ILE CB  CG2  sing N N 161 
ILE CB  HB   sing N N 162 
ILE CG1 CD1  sing N N 163 
ILE CG1 HG12 sing N N 164 
ILE CG1 HG13 sing N N 165 
ILE CG2 HG21 sing N N 166 
ILE CG2 HG22 sing N N 167 
ILE CG2 HG23 sing N N 168 
ILE CD1 HD11 sing N N 169 
ILE CD1 HD12 sing N N 170 
ILE CD1 HD13 sing N N 171 
ILE OXT HXT  sing N N 172 
LEU N   CA   sing N N 173 
LEU N   H    sing N N 174 
LEU N   H2   sing N N 175 
LEU CA  C    sing N N 176 
LEU CA  CB   sing N N 177 
LEU CA  HA   sing N N 178 
LEU C   O    doub N N 179 
LEU C   OXT  sing N N 180 
LEU CB  CG   sing N N 181 
LEU CB  HB2  sing N N 182 
LEU CB  HB3  sing N N 183 
LEU CG  CD1  sing N N 184 
LEU CG  CD2  sing N N 185 
LEU CG  HG   sing N N 186 
LEU CD1 HD11 sing N N 187 
LEU CD1 HD12 sing N N 188 
LEU CD1 HD13 sing N N 189 
LEU CD2 HD21 sing N N 190 
LEU CD2 HD22 sing N N 191 
LEU CD2 HD23 sing N N 192 
LEU OXT HXT  sing N N 193 
LYS N   CA   sing N N 194 
LYS N   H    sing N N 195 
LYS N   H2   sing N N 196 
LYS CA  C    sing N N 197 
LYS CA  CB   sing N N 198 
LYS CA  HA   sing N N 199 
LYS C   O    doub N N 200 
LYS C   OXT  sing N N 201 
LYS CB  CG   sing N N 202 
LYS CB  HB2  sing N N 203 
LYS CB  HB3  sing N N 204 
LYS CG  CD   sing N N 205 
LYS CG  HG2  sing N N 206 
LYS CG  HG3  sing N N 207 
LYS CD  CE   sing N N 208 
LYS CD  HD2  sing N N 209 
LYS CD  HD3  sing N N 210 
LYS CE  NZ   sing N N 211 
LYS CE  HE2  sing N N 212 
LYS CE  HE3  sing N N 213 
LYS NZ  HZ1  sing N N 214 
LYS NZ  HZ2  sing N N 215 
LYS NZ  HZ3  sing N N 216 
LYS OXT HXT  sing N N 217 
PHE N   CA   sing N N 218 
PHE N   H    sing N N 219 
PHE N   H2   sing N N 220 
PHE CA  C    sing N N 221 
PHE CA  CB   sing N N 222 
PHE CA  HA   sing N N 223 
PHE C   O    doub N N 224 
PHE C   OXT  sing N N 225 
PHE CB  CG   sing N N 226 
PHE CB  HB2  sing N N 227 
PHE CB  HB3  sing N N 228 
PHE CG  CD1  doub Y N 229 
PHE CG  CD2  sing Y N 230 
PHE CD1 CE1  sing Y N 231 
PHE CD1 HD1  sing N N 232 
PHE CD2 CE2  doub Y N 233 
PHE CD2 HD2  sing N N 234 
PHE CE1 CZ   doub Y N 235 
PHE CE1 HE1  sing N N 236 
PHE CE2 CZ   sing Y N 237 
PHE CE2 HE2  sing N N 238 
PHE CZ  HZ   sing N N 239 
PHE OXT HXT  sing N N 240 
PRO N   CA   sing N N 241 
PRO N   CD   sing N N 242 
PRO N   H    sing N N 243 
PRO CA  C    sing N N 244 
PRO CA  CB   sing N N 245 
PRO CA  HA   sing N N 246 
PRO C   O    doub N N 247 
PRO C   OXT  sing N N 248 
PRO CB  CG   sing N N 249 
PRO CB  HB2  sing N N 250 
PRO CB  HB3  sing N N 251 
PRO CG  CD   sing N N 252 
PRO CG  HG2  sing N N 253 
PRO CG  HG3  sing N N 254 
PRO CD  HD2  sing N N 255 
PRO CD  HD3  sing N N 256 
PRO OXT HXT  sing N N 257 
SER N   CA   sing N N 258 
SER N   H    sing N N 259 
SER N   H2   sing N N 260 
SER CA  C    sing N N 261 
SER CA  CB   sing N N 262 
SER CA  HA   sing N N 263 
SER C   O    doub N N 264 
SER C   OXT  sing N N 265 
SER CB  OG   sing N N 266 
SER CB  HB2  sing N N 267 
SER CB  HB3  sing N N 268 
SER OG  HG   sing N N 269 
SER OXT HXT  sing N N 270 
THR N   CA   sing N N 271 
THR N   H    sing N N 272 
THR N   H2   sing N N 273 
THR CA  C    sing N N 274 
THR CA  CB   sing N N 275 
THR CA  HA   sing N N 276 
THR C   O    doub N N 277 
THR C   OXT  sing N N 278 
THR CB  OG1  sing N N 279 
THR CB  CG2  sing N N 280 
THR CB  HB   sing N N 281 
THR OG1 HG1  sing N N 282 
THR CG2 HG21 sing N N 283 
THR CG2 HG22 sing N N 284 
THR CG2 HG23 sing N N 285 
THR OXT HXT  sing N N 286 
TYR N   CA   sing N N 287 
TYR N   H    sing N N 288 
TYR N   H2   sing N N 289 
TYR CA  C    sing N N 290 
TYR CA  CB   sing N N 291 
TYR CA  HA   sing N N 292 
TYR C   O    doub N N 293 
TYR C   OXT  sing N N 294 
TYR CB  CG   sing N N 295 
TYR CB  HB2  sing N N 296 
TYR CB  HB3  sing N N 297 
TYR CG  CD1  doub Y N 298 
TYR CG  CD2  sing Y N 299 
TYR CD1 CE1  sing Y N 300 
TYR CD1 HD1  sing N N 301 
TYR CD2 CE2  doub Y N 302 
TYR CD2 HD2  sing N N 303 
TYR CE1 CZ   doub Y N 304 
TYR CE1 HE1  sing N N 305 
TYR CE2 CZ   sing Y N 306 
TYR CE2 HE2  sing N N 307 
TYR CZ  OH   sing N N 308 
TYR OH  HH   sing N N 309 
TYR OXT HXT  sing N N 310 
VAL N   CA   sing N N 311 
VAL N   H    sing N N 312 
VAL N   H2   sing N N 313 
VAL CA  C    sing N N 314 
VAL CA  CB   sing N N 315 
VAL CA  HA   sing N N 316 
VAL C   O    doub N N 317 
VAL C   OXT  sing N N 318 
VAL CB  CG1  sing N N 319 
VAL CB  CG2  sing N N 320 
VAL CB  HB   sing N N 321 
VAL CG1 HG11 sing N N 322 
VAL CG1 HG12 sing N N 323 
VAL CG1 HG13 sing N N 324 
VAL CG2 HG21 sing N N 325 
VAL CG2 HG22 sing N N 326 
VAL CG2 HG23 sing N N 327 
VAL OXT HXT  sing N N 328 
# 
_atom_sites.entry_id                    1KLO 
_atom_sites.fract_transf_matrix[1][1]   0.01240454 
_atom_sites.fract_transf_matrix[1][2]   -0.00178782 
_atom_sites.fract_transf_matrix[1][3]   -0.00909384 
_atom_sites.fract_transf_matrix[2][1]   0.00510109 
_atom_sites.fract_transf_matrix[2][2]   0.01185594 
_atom_sites.fract_transf_matrix[2][3]   -0.00855575 
_atom_sites.fract_transf_matrix[3][1]   0.00320269 
_atom_sites.fract_transf_matrix[3][2]   0.00155414 
_atom_sites.fract_transf_matrix[3][3]   0.00406313 
_atom_sites.fract_transf_vector[1]      0.534483 
_atom_sites.fract_transf_vector[2]      0.810132 
_atom_sites.fract_transf_vector[3]      0.517089 
# 
loop_
_atom_type.symbol 
C 
H 
N 
O 
S 
# 
loop_
_atom_site.group_PDB 
_atom_site.id 
_atom_site.type_symbol 
_atom_site.label_atom_id 
_atom_site.label_alt_id 
_atom_site.label_comp_id 
_atom_site.label_asym_id 
_atom_site.label_entity_id 
_atom_site.label_seq_id 
_atom_site.pdbx_PDB_ins_code 
_atom_site.Cartn_x 
_atom_site.Cartn_y 
_atom_site.Cartn_z 
_atom_site.occupancy 
_atom_site.B_iso_or_equiv 
_atom_site.pdbx_formal_charge 
_atom_site.auth_seq_id 
_atom_site.auth_comp_id 
_atom_site.auth_asym_id 
_atom_site.auth_atom_id 
_atom_site.pdbx_PDB_model_num 
ATOM   1    N N    . CYS A 1 1   ? 0.777   -10.806 -38.929 1.00 70.36  ? 11   CYS A N    1 
ATOM   2    C CA   . CYS A 1 1   ? 0.950   -10.918 -37.483 1.00 66.29  ? 11   CYS A CA   1 
ATOM   3    C C    . CYS A 1 1   ? -0.324  -10.555 -36.730 1.00 61.84  ? 11   CYS A C    1 
ATOM   4    O O    . CYS A 1 1   ? -0.895  -9.476  -36.920 1.00 61.20  ? 11   CYS A O    1 
ATOM   5    C CB   . CYS A 1 1   ? 2.104   -10.026 -36.990 1.00 68.31  ? 11   CYS A CB   1 
ATOM   6    S SG   . CYS A 1 1   ? 3.802   -10.619 -37.357 1.00 68.94  ? 11   CYS A SG   1 
ATOM   7    H H    . CYS A 1 1   ? 0.310   -9.988  -39.215 0.00 15.00  ? 11   CYS A H    1 
ATOM   8    N N    . PRO A 1 2   ? -0.799  -11.478 -35.883 1.00 57.18  ? 12   PRO A N    1 
ATOM   9    C CA   . PRO A 1 2   ? -1.999  -11.358 -35.047 1.00 57.28  ? 12   PRO A CA   1 
ATOM   10   C C    . PRO A 1 2   ? -1.725  -10.449 -33.840 1.00 58.80  ? 12   PRO A C    1 
ATOM   11   O O    . PRO A 1 2   ? -2.087  -10.785 -32.708 1.00 56.25  ? 12   PRO A O    1 
ATOM   12   C CB   . PRO A 1 2   ? -2.242  -12.801 -34.623 1.00 57.24  ? 12   PRO A CB   1 
ATOM   13   C CG   . PRO A 1 2   ? -0.844  -13.352 -34.522 1.00 53.95  ? 12   PRO A CG   1 
ATOM   14   C CD   . PRO A 1 2   ? -0.174  -12.808 -35.735 1.00 52.74  ? 12   PRO A CD   1 
ATOM   15   N N    . CYS A 1 3   ? -1.099  -9.299  -34.107 1.00 62.01  ? 13   CYS A N    1 
ATOM   16   C CA   . CYS A 1 3   ? -0.689  -8.335  -33.082 1.00 66.69  ? 13   CYS A CA   1 
ATOM   17   C C    . CYS A 1 3   ? -1.077  -6.899  -33.411 1.00 72.18  ? 13   CYS A C    1 
ATOM   18   O O    . CYS A 1 3   ? -1.095  -6.503  -34.584 1.00 76.23  ? 13   CYS A O    1 
ATOM   19   C CB   . CYS A 1 3   ? 0.828   -8.366  -32.926 1.00 62.26  ? 13   CYS A CB   1 
ATOM   20   S SG   . CYS A 1 3   ? 1.535   -10.029 -32.885 1.00 57.76  ? 13   CYS A SG   1 
ATOM   21   H H    . CYS A 1 3   ? -0.913  -9.022  -35.027 0.00 15.00  ? 13   CYS A H    1 
ATOM   22   N N    . PRO A 1 4   ? -1.354  -6.086  -32.371 1.00 75.90  ? 14   PRO A N    1 
ATOM   23   C CA   . PRO A 1 4   ? -1.741  -4.679  -32.507 1.00 78.90  ? 14   PRO A CA   1 
ATOM   24   C C    . PRO A 1 4   ? -0.810  -3.825  -33.358 1.00 82.54  ? 14   PRO A C    1 
ATOM   25   O O    . PRO A 1 4   ? 0.314   -4.229  -33.669 1.00 83.22  ? 14   PRO A O    1 
ATOM   26   C CB   . PRO A 1 4   ? -1.805  -4.191  -31.055 1.00 78.16  ? 14   PRO A CB   1 
ATOM   27   C CG   . PRO A 1 4   ? -0.980  -5.182  -30.294 1.00 77.24  ? 14   PRO A CG   1 
ATOM   28   C CD   . PRO A 1 4   ? -1.344  -6.474  -30.952 1.00 76.27  ? 14   PRO A CD   1 
ATOM   29   N N    . GLY A 1 5   ? -1.298  -2.640  -33.718 1.00 86.40  ? 15   GLY A N    1 
ATOM   30   C CA   . GLY A 1 5   ? -0.539  -1.711  -34.536 1.00 91.21  ? 15   GLY A CA   1 
ATOM   31   C C    . GLY A 1 5   ? 0.882   -1.471  -34.068 1.00 94.49  ? 15   GLY A C    1 
ATOM   32   O O    . GLY A 1 5   ? 1.112   -0.886  -32.998 1.00 96.65  ? 15   GLY A O    1 
ATOM   33   H H    . GLY A 1 5   ? -2.198  -2.389  -33.429 0.00 15.00  ? 15   GLY A H    1 
ATOM   34   N N    . GLY A 1 6   ? 1.835   -1.930  -34.877 1.00 96.14  ? 16   GLY A N    1 
ATOM   35   C CA   . GLY A 1 6   ? 3.246   -1.762  -34.561 1.00 96.87  ? 16   GLY A CA   1 
ATOM   36   C C    . GLY A 1 6   ? 3.965   -3.049  -34.189 1.00 95.70  ? 16   GLY A C    1 
ATOM   37   O O    . GLY A 1 6   ? 5.136   -3.269  -34.551 1.00 96.10  ? 16   GLY A O    1 
ATOM   38   H H    . GLY A 1 6   ? 1.587   -2.412  -35.694 0.00 15.00  ? 16   GLY A H    1 
ATOM   39   N N    . SER A 1 7   ? 3.250   -3.914  -33.482 1.00 92.93  ? 17   SER A N    1 
ATOM   40   C CA   . SER A 1 7   ? 3.811   -5.168  -33.043 1.00 89.45  ? 17   SER A CA   1 
ATOM   41   C C    . SER A 1 7   ? 4.161   -6.082  -34.206 1.00 88.26  ? 17   SER A C    1 
ATOM   42   O O    . SER A 1 7   ? 3.363   -6.264  -35.143 1.00 88.63  ? 17   SER A O    1 
ATOM   43   C CB   . SER A 1 7   ? 2.830   -5.868  -32.121 1.00 86.19  ? 17   SER A CB   1 
ATOM   44   O OG   . SER A 1 7   ? 2.215   -4.920  -31.280 1.00 87.38  ? 17   SER A OG   1 
ATOM   45   H H    . SER A 1 7   ? 2.311   -3.741  -33.271 0.00 15.00  ? 17   SER A H    1 
ATOM   46   H HG   . SER A 1 7   ? 1.533   -5.363  -30.779 0.00 15.00  ? 17   SER A HG   1 
ATOM   47   N N    . SER A 1 8   ? 5.385   -6.608  -34.145 1.00 84.21  ? 18   SER A N    1 
ATOM   48   C CA   . SER A 1 8   ? 5.915   -7.566  -35.107 1.00 77.00  ? 18   SER A CA   1 
ATOM   49   C C    . SER A 1 8   ? 5.735   -8.890  -34.388 1.00 73.09  ? 18   SER A C    1 
ATOM   50   O O    . SER A 1 8   ? 5.387   -8.892  -33.207 1.00 73.59  ? 18   SER A O    1 
ATOM   51   C CB   . SER A 1 8   ? 7.396   -7.295  -35.337 1.00 75.94  ? 18   SER A CB   1 
ATOM   52   O OG   . SER A 1 8   ? 8.042   -6.923  -34.129 1.00 71.93  ? 18   SER A OG   1 
ATOM   53   H H    . SER A 1 8   ? 5.989   -6.327  -33.439 0.00 15.00  ? 18   SER A H    1 
ATOM   54   H HG   . SER A 1 8   ? 8.189   -7.718  -33.621 0.00 15.00  ? 18   SER A HG   1 
ATOM   55   N N    . CYS A 1 9   ? 5.964   -10.010 -35.052 1.00 68.42  ? 19   CYS A N    1 
ATOM   56   C CA   . CYS A 1 9   ? 5.796   -11.273 -34.358 1.00 67.74  ? 19   CYS A CA   1 
ATOM   57   C C    . CYS A 1 9   ? 6.869   -12.268 -34.728 1.00 67.38  ? 19   CYS A C    1 
ATOM   58   O O    . CYS A 1 9   ? 7.631   -12.046 -35.664 1.00 63.84  ? 19   CYS A O    1 
ATOM   59   C CB   . CYS A 1 9   ? 4.401   -11.861 -34.612 1.00 70.06  ? 19   CYS A CB   1 
ATOM   60   S SG   . CYS A 1 9   ? 3.995   -12.369 -36.325 1.00 72.67  ? 19   CYS A SG   1 
ATOM   61   H H    . CYS A 1 9   ? 6.248   -10.021 -35.992 0.00 15.00  ? 19   CYS A H    1 
ATOM   62   N N    . ALA A 1 10  ? 6.912   -13.366 -33.987 1.00 67.94  ? 20   ALA A N    1 
ATOM   63   C CA   . ALA A 1 10  ? 7.903   -14.402 -34.198 1.00 68.68  ? 20   ALA A CA   1 
ATOM   64   C C    . ALA A 1 10  ? 7.347   -15.814 -34.039 1.00 72.02  ? 20   ALA A C    1 
ATOM   65   O O    . ALA A 1 10  ? 6.611   -16.094 -33.092 1.00 72.05  ? 20   ALA A O    1 
ATOM   66   C CB   . ALA A 1 10  ? 9.035   -14.197 -33.225 1.00 66.18  ? 20   ALA A CB   1 
ATOM   67   H H    . ALA A 1 10  ? 6.268   -13.481 -33.269 0.00 15.00  ? 20   ALA A H    1 
ATOM   68   N N    . ILE A 1 11  ? 7.711   -16.697 -34.969 1.00 76.84  ? 21   ILE A N    1 
ATOM   69   C CA   . ILE A 1 11  ? 7.285   -18.102 -34.928 1.00 79.58  ? 21   ILE A CA   1 
ATOM   70   C C    . ILE A 1 11  ? 8.326   -18.771 -34.034 1.00 83.34  ? 21   ILE A C    1 
ATOM   71   O O    . ILE A 1 11  ? 9.469   -18.937 -34.454 1.00 85.16  ? 21   ILE A O    1 
ATOM   72   C CB   . ILE A 1 11  ? 7.330   -18.804 -36.349 1.00 75.94  ? 21   ILE A CB   1 
ATOM   73   C CG1  . ILE A 1 11  ? 6.494   -18.041 -37.391 1.00 72.45  ? 21   ILE A CG1  1 
ATOM   74   C CG2  . ILE A 1 11  ? 6.803   -20.243 -36.237 1.00 73.12  ? 21   ILE A CG2  1 
ATOM   75   C CD1  . ILE A 1 11  ? 7.112   -16.742 -37.917 1.00 71.22  ? 21   ILE A CD1  1 
ATOM   76   H H    . ILE A 1 11  ? 8.313   -16.404 -35.684 0.00 15.00  ? 21   ILE A H    1 
ATOM   77   N N    . VAL A 1 12  ? 7.962   -19.114 -32.800 1.00 88.31  ? 22   VAL A N    1 
ATOM   78   C CA   . VAL A 1 12  ? 8.924   -19.760 -31.908 1.00 94.79  ? 22   VAL A CA   1 
ATOM   79   C C    . VAL A 1 12  ? 9.205   -21.164 -32.427 1.00 97.56  ? 22   VAL A C    1 
ATOM   80   O O    . VAL A 1 12  ? 8.331   -21.799 -33.037 1.00 97.14  ? 22   VAL A O    1 
ATOM   81   C CB   . VAL A 1 12  ? 8.436   -19.842 -30.415 1.00 97.46  ? 22   VAL A CB   1 
ATOM   82   C CG1  . VAL A 1 12  ? 7.640   -18.590 -30.049 1.00 99.08  ? 22   VAL A CG1  1 
ATOM   83   C CG2  . VAL A 1 12  ? 7.651   -21.128 -30.155 1.00 95.26  ? 22   VAL A CG2  1 
ATOM   84   H H    . VAL A 1 12  ? 7.056   -18.933 -32.509 0.00 15.00  ? 22   VAL A H    1 
ATOM   85   N N    . PRO A 1 13  ? 10.436  -21.669 -32.195 1.00 100.00 ? 23   PRO A N    1 
ATOM   86   C CA   . PRO A 1 13  ? 10.818  -23.010 -32.654 1.00 99.99  ? 23   PRO A CA   1 
ATOM   87   C C    . PRO A 1 13  ? 10.463  -24.113 -31.652 1.00 100.00 ? 23   PRO A C    1 
ATOM   88   O O    . PRO A 1 13  ? 9.971   -25.186 -32.044 1.00 99.99  ? 23   PRO A O    1 
ATOM   89   C CB   . PRO A 1 13  ? 12.330  -22.876 -32.846 1.00 100.00 ? 23   PRO A CB   1 
ATOM   90   C CG   . PRO A 1 13  ? 12.711  -22.021 -31.676 1.00 100.00 ? 23   PRO A CG   1 
ATOM   91   C CD   . PRO A 1 13  ? 11.583  -20.984 -31.560 1.00 99.84  ? 23   PRO A CD   1 
ATOM   92   N N    . LYS A 1 14  ? 10.668  -23.803 -30.365 1.00 99.99  ? 24   LYS A N    1 
ATOM   93   C CA   . LYS A 1 14  ? 10.449  -24.727 -29.251 1.00 99.99  ? 24   LYS A CA   1 
ATOM   94   C C    . LYS A 1 14  ? 9.061   -25.332 -29.064 1.00 99.99  ? 24   LYS A C    1 
ATOM   95   O O    . LYS A 1 14  ? 8.857   -26.143 -28.150 1.00 99.99  ? 24   LYS A O    1 
ATOM   96   C CB   . LYS A 1 14  ? 10.929  -24.086 -27.946 1.00 100.00 ? 24   LYS A CB   1 
ATOM   97   C CG   . LYS A 1 14  ? 12.442  -23.876 -27.929 1.00 99.99  ? 24   LYS A CG   1 
ATOM   98   C CD   . LYS A 1 14  ? 12.949  -23.449 -26.565 1.00 100.00 ? 24   LYS A CD   1 
ATOM   99   C CE   . LYS A 1 14  ? 12.809  -24.564 -25.526 1.00 99.99  ? 24   LYS A CE   1 
ATOM   100  N NZ   . LYS A 1 14  ? 13.338  -24.142 -24.189 1.00 100.00 ? 24   LYS A NZ   1 
ATOM   101  H H    . LYS A 1 14  ? 10.985  -22.915 -30.131 0.00 15.00  ? 24   LYS A H    1 
ATOM   102  H HZ1  . LYS A 1 14  ? 14.332  -23.850 -24.301 0.00 15.00  ? 24   LYS A HZ1  1 
ATOM   103  H HZ2  . LYS A 1 14  ? 12.788  -23.329 -23.843 0.00 15.00  ? 24   LYS A HZ2  1 
ATOM   104  H HZ3  . LYS A 1 14  ? 13.280  -24.924 -23.509 0.00 15.00  ? 24   LYS A HZ3  1 
ATOM   105  N N    . THR A 1 15  ? 8.125   -24.951 -29.935 1.00 99.99  ? 25   THR A N    1 
ATOM   106  C CA   . THR A 1 15  ? 6.760   -25.475 -29.912 1.00 100.00 ? 25   THR A CA   1 
ATOM   107  C C    . THR A 1 15  ? 6.084   -25.134 -31.229 1.00 99.96  ? 25   THR A C    1 
ATOM   108  O O    . THR A 1 15  ? 5.057   -25.721 -31.580 1.00 99.91  ? 25   THR A O    1 
ATOM   109  C CB   . THR A 1 15  ? 5.925   -24.887 -28.742 1.00 99.99  ? 25   THR A CB   1 
ATOM   110  O OG1  . THR A 1 15  ? 4.608   -25.461 -28.743 1.00 100.00 ? 25   THR A OG1  1 
ATOM   111  C CG2  . THR A 1 15  ? 5.829   -23.386 -28.860 1.00 100.00 ? 25   THR A CG2  1 
ATOM   112  H H    . THR A 1 15  ? 8.371   -24.315 -30.620 0.00 15.00  ? 25   THR A H    1 
ATOM   113  H HG1  . THR A 1 15  ? 4.246   -25.548 -29.639 0.00 15.00  ? 25   THR A HG1  1 
ATOM   114  N N    . LYS A 1 16  ? 6.678   -24.186 -31.949 1.00 99.53  ? 26   LYS A N    1 
ATOM   115  C CA   . LYS A 1 16  ? 6.157   -23.737 -33.229 1.00 100.00 ? 26   LYS A CA   1 
ATOM   116  C C    . LYS A 1 16  ? 4.819   -22.996 -33.043 1.00 100.00 ? 26   LYS A C    1 
ATOM   117  O O    . LYS A 1 16  ? 3.752   -23.467 -33.467 1.00 99.99  ? 26   LYS A O    1 
ATOM   118  C CB   . LYS A 1 16  ? 6.010   -24.930 -34.187 1.00 100.00 ? 26   LYS A CB   1 
ATOM   119  C CG   . LYS A 1 16  ? 5.731   -24.552 -35.639 1.00 100.00 ? 26   LYS A CG   1 
ATOM   120  C CD   . LYS A 1 16  ? 6.896   -23.784 -36.271 1.00 99.99  ? 26   LYS A CD   1 
ATOM   121  C CE   . LYS A 1 16  ? 6.693   -23.668 -37.779 1.00 100.00 ? 26   LYS A CE   1 
ATOM   122  N NZ   . LYS A 1 16  ? 6.527   -25.027 -38.405 1.00 100.00 ? 26   LYS A NZ   1 
ATOM   123  H H    . LYS A 1 16  ? 7.495   -23.752 -31.669 0.00 15.00  ? 26   LYS A H    1 
ATOM   124  H HZ1  . LYS A 1 16  ? 5.710   -25.523 -37.990 0.00 15.00  ? 26   LYS A HZ1  1 
ATOM   125  H HZ2  . LYS A 1 16  ? 6.394   -24.957 -39.434 0.00 15.00  ? 26   LYS A HZ2  1 
ATOM   126  H HZ3  . LYS A 1 16  ? 7.380   -25.595 -38.216 0.00 15.00  ? 26   LYS A HZ3  1 
ATOM   127  N N    . GLU A 1 17  ? 4.897   -21.831 -32.398 1.00 97.77  ? 27   GLU A N    1 
ATOM   128  C CA   . GLU A 1 17  ? 3.733   -20.980 -32.142 1.00 92.79  ? 27   GLU A CA   1 
ATOM   129  C C    . GLU A 1 17  ? 4.159   -19.533 -32.398 1.00 87.01  ? 27   GLU A C    1 
ATOM   130  O O    . GLU A 1 17  ? 5.309   -19.170 -32.149 1.00 86.01  ? 27   GLU A O    1 
ATOM   131  C CB   . GLU A 1 17  ? 3.256   -21.125 -30.687 1.00 94.55  ? 27   GLU A CB   1 
ATOM   132  C CG   . GLU A 1 17  ? 4.263   -20.624 -29.649 1.00 97.75  ? 27   GLU A CG   1 
ATOM   133  C CD   . GLU A 1 17  ? 3.638   -20.327 -28.294 1.00 100.00 ? 27   GLU A CD   1 
ATOM   134  O OE1  . GLU A 1 17  ? 3.117   -19.203 -28.121 1.00 100.00 ? 27   GLU A OE1  1 
ATOM   135  O OE2  . GLU A 1 17  ? 3.668   -21.210 -27.405 1.00 100.00 ? 27   GLU A OE2  1 
ATOM   136  H H    . GLU A 1 17  ? 5.773   -21.509 -32.107 0.00 15.00  ? 27   GLU A H    1 
ATOM   137  N N    . VAL A 1 18  ? 3.257   -18.713 -32.919 1.00 79.73  ? 28   VAL A N    1 
ATOM   138  C CA   . VAL A 1 18  ? 3.602   -17.323 -33.161 1.00 74.09  ? 28   VAL A CA   1 
ATOM   139  C C    . VAL A 1 18  ? 3.304   -16.517 -31.902 1.00 71.57  ? 28   VAL A C    1 
ATOM   140  O O    . VAL A 1 18  ? 2.377   -16.835 -31.141 1.00 72.09  ? 28   VAL A O    1 
ATOM   141  C CB   . VAL A 1 18  ? 2.823   -16.738 -34.369 1.00 73.33  ? 28   VAL A CB   1 
ATOM   142  C CG1  . VAL A 1 18  ? 1.346   -17.006 -34.198 1.00 75.52  ? 28   VAL A CG1  1 
ATOM   143  C CG2  . VAL A 1 18  ? 3.094   -15.231 -34.521 1.00 69.34  ? 28   VAL A CG2  1 
ATOM   144  H H    . VAL A 1 18  ? 2.358   -19.042 -33.112 0.00 15.00  ? 28   VAL A H    1 
ATOM   145  N N    . VAL A 1 19  ? 4.139   -15.518 -31.648 1.00 66.77  ? 29   VAL A N    1 
ATOM   146  C CA   . VAL A 1 19  ? 3.956   -14.638 -30.511 1.00 62.02  ? 29   VAL A CA   1 
ATOM   147  C C    . VAL A 1 19  ? 4.327   -13.246 -30.978 1.00 62.13  ? 29   VAL A C    1 
ATOM   148  O O    . VAL A 1 19  ? 5.130   -13.082 -31.903 1.00 59.74  ? 29   VAL A O    1 
ATOM   149  C CB   . VAL A 1 19  ? 4.822   -15.034 -29.313 1.00 57.11  ? 29   VAL A CB   1 
ATOM   150  C CG1  . VAL A 1 19  ? 4.429   -16.407 -28.815 1.00 54.94  ? 29   VAL A CG1  1 
ATOM   151  C CG2  . VAL A 1 19  ? 6.255   -15.006 -29.697 1.00 57.62  ? 29   VAL A CG2  1 
ATOM   152  H H    . VAL A 1 19  ? 4.918   -15.390 -32.229 0.00 15.00  ? 29   VAL A H    1 
ATOM   153  N N    . CYS A 1 20  ? 3.681   -12.252 -30.380 1.00 63.37  ? 30   CYS A N    1 
ATOM   154  C CA   . CYS A 1 20  ? 3.916   -10.858 -30.713 1.00 65.03  ? 30   CYS A CA   1 
ATOM   155  C C    . CYS A 1 20  ? 5.222   -10.432 -30.085 1.00 68.59  ? 30   CYS A C    1 
ATOM   156  O O    . CYS A 1 20  ? 5.651   -11.031 -29.092 1.00 71.29  ? 30   CYS A O    1 
ATOM   157  C CB   . CYS A 1 20  ? 2.764   -10.023 -30.201 1.00 61.80  ? 30   CYS A CB   1 
ATOM   158  S SG   . CYS A 1 20  ? 1.240   -10.604 -30.977 1.00 58.66  ? 30   CYS A SG   1 
ATOM   159  H H    . CYS A 1 20  ? 3.015   -12.454 -29.704 0.00 15.00  ? 30   CYS A H    1 
ATOM   160  N N    . THR A 1 21  ? 5.872   -9.422  -30.664 1.00 70.55  ? 31   THR A N    1 
ATOM   161  C CA   . THR A 1 21  ? 7.160   -8.978  -30.136 1.00 71.29  ? 31   THR A CA   1 
ATOM   162  C C    . THR A 1 21  ? 7.319   -7.483  -29.854 1.00 73.21  ? 31   THR A C    1 
ATOM   163  O O    . THR A 1 21  ? 8.010   -7.124  -28.897 1.00 75.88  ? 31   THR A O    1 
ATOM   164  C CB   . THR A 1 21  ? 8.356   -9.460  -31.027 1.00 67.61  ? 31   THR A CB   1 
ATOM   165  O OG1  . THR A 1 21  ? 8.212   -8.954  -32.361 1.00 65.45  ? 31   THR A OG1  1 
ATOM   166  C CG2  . THR A 1 21  ? 8.412   -10.977 -31.064 1.00 62.64  ? 31   THR A CG2  1 
ATOM   167  H H    . THR A 1 21  ? 5.478   -9.001  -31.435 0.00 15.00  ? 31   THR A H    1 
ATOM   168  H HG1  . THR A 1 21  ? 7.596   -9.576  -32.772 0.00 15.00  ? 31   THR A HG1  1 
ATOM   169  N N    . HIS A 1 22  ? 6.730   -6.600  -30.663 1.00 72.73  ? 32   HIS A N    1 
ATOM   170  C CA   . HIS A 1 22  ? 6.887   -5.165  -30.377 1.00 72.05  ? 32   HIS A CA   1 
ATOM   171  C C    . HIS A 1 22  ? 5.582   -4.524  -29.974 1.00 67.77  ? 32   HIS A C    1 
ATOM   172  O O    . HIS A 1 22  ? 5.119   -3.556  -30.589 1.00 67.12  ? 32   HIS A O    1 
ATOM   173  C CB   . HIS A 1 22  ? 7.525   -4.418  -31.551 1.00 77.72  ? 32   HIS A CB   1 
ATOM   174  C CG   . HIS A 1 22  ? 8.936   -4.838  -31.831 1.00 85.81  ? 32   HIS A CG   1 
ATOM   175  N ND1  . HIS A 1 22  ? 9.545   -5.896  -31.185 1.00 88.51  ? 32   HIS A ND1  1 
ATOM   176  C CD2  . HIS A 1 22  ? 9.852   -4.359  -32.706 1.00 89.04  ? 32   HIS A CD2  1 
ATOM   177  C CE1  . HIS A 1 22  ? 10.771  -6.050  -31.649 1.00 89.92  ? 32   HIS A CE1  1 
ATOM   178  N NE2  . HIS A 1 22  ? 10.983  -5.131  -32.573 1.00 91.63  ? 32   HIS A NE2  1 
ATOM   179  H H    . HIS A 1 22  ? 6.203   -6.912  -31.423 0.00 15.00  ? 32   HIS A H    1 
ATOM   180  H HD1  . HIS A 1 22  ? 9.200   -6.449  -30.456 0.00 15.00  ? 32   HIS A HD1  1 
ATOM   181  H HE2  . HIS A 1 22  ? 11.819  -5.010  -33.071 0.00 15.00  ? 32   HIS A HE2  1 
ATOM   182  N N    . CYS A 1 23  ? 5.009   -5.091  -28.913 1.00 63.51  ? 33   CYS A N    1 
ATOM   183  C CA   . CYS A 1 23  ? 3.748   -4.641  -28.356 1.00 58.06  ? 33   CYS A CA   1 
ATOM   184  C C    . CYS A 1 23  ? 3.805   -3.154  -28.068 1.00 57.35  ? 33   CYS A C    1 
ATOM   185  O O    . CYS A 1 23  ? 4.848   -2.627  -27.658 1.00 57.13  ? 33   CYS A O    1 
ATOM   186  C CB   . CYS A 1 23  ? 3.444   -5.381  -27.060 1.00 53.19  ? 33   CYS A CB   1 
ATOM   187  S SG   . CYS A 1 23  ? 3.006   -7.138  -27.227 1.00 49.64  ? 33   CYS A SG   1 
ATOM   188  H H    . CYS A 1 23  ? 5.452   -5.835  -28.458 0.00 15.00  ? 33   CYS A H    1 
ATOM   189  N N    . PRO A 1 24  ? 2.694   -2.446  -28.320 1.00 55.74  ? 34   PRO A N    1 
ATOM   190  C CA   . PRO A 1 24  ? 2.670   -1.008  -28.057 1.00 55.14  ? 34   PRO A CA   1 
ATOM   191  C C    . PRO A 1 24  ? 2.953   -0.764  -26.564 1.00 54.74  ? 34   PRO A C    1 
ATOM   192  O O    . PRO A 1 24  ? 2.634   -1.602  -25.700 1.00 53.72  ? 34   PRO A O    1 
ATOM   193  C CB   . PRO A 1 24  ? 1.257   -0.602  -28.490 1.00 57.02  ? 34   PRO A CB   1 
ATOM   194  C CG   . PRO A 1 24  ? 0.463   -1.887  -28.383 1.00 56.48  ? 34   PRO A CG   1 
ATOM   195  C CD   . PRO A 1 24  ? 1.418   -2.914  -28.884 1.00 53.77  ? 34   PRO A CD   1 
ATOM   196  N N    . THR A 1 25  ? 3.566   0.373   -26.266 1.00 53.70  ? 35   THR A N    1 
ATOM   197  C CA   . THR A 1 25  ? 3.933   0.704   -24.892 1.00 55.63  ? 35   THR A CA   1 
ATOM   198  C C    . THR A 1 25  ? 2.767   0.693   -23.880 1.00 50.08  ? 35   THR A C    1 
ATOM   199  O O    . THR A 1 25  ? 1.734   1.342   -24.083 1.00 51.90  ? 35   THR A O    1 
ATOM   200  C CB   . THR A 1 25  ? 4.704   2.053   -24.865 1.00 58.55  ? 35   THR A CB   1 
ATOM   201  O OG1  . THR A 1 25  ? 5.114   2.359   -23.521 1.00 61.88  ? 35   THR A OG1  1 
ATOM   202  C CG2  . THR A 1 25  ? 3.839   3.169   -25.459 1.00 64.47  ? 35   THR A CG2  1 
ATOM   203  H H    . THR A 1 25  ? 3.781   0.998   -26.982 0.00 15.00  ? 35   THR A H    1 
ATOM   204  H HG1  . THR A 1 25  ? 5.528   3.232   -23.483 0.00 15.00  ? 35   THR A HG1  1 
ATOM   205  N N    . GLY A 1 26  ? 2.957   -0.070  -22.804 1.00 45.76  ? 36   GLY A N    1 
ATOM   206  C CA   . GLY A 1 26  ? 1.951   -0.219  -21.771 1.00 37.64  ? 36   GLY A CA   1 
ATOM   207  C C    . GLY A 1 26  ? 1.370   -1.619  -21.768 1.00 36.21  ? 36   GLY A C    1 
ATOM   208  O O    . GLY A 1 26  ? 0.838   -2.075  -20.764 1.00 35.17  ? 36   GLY A O    1 
ATOM   209  H H    . GLY A 1 26  ? 3.806   -0.549  -22.714 0.00 15.00  ? 36   GLY A H    1 
ATOM   210  N N    . THR A 1 27  ? 1.481   -2.314  -22.894 1.00 37.85  ? 37   THR A N    1 
ATOM   211  C CA   . THR A 1 27  ? 0.942   -3.667  -23.025 1.00 39.33  ? 37   THR A CA   1 
ATOM   212  C C    . THR A 1 27  ? 2.038   -4.702  -23.197 1.00 38.93  ? 37   THR A C    1 
ATOM   213  O O    . THR A 1 27  ? 3.159   -4.385  -23.597 1.00 38.87  ? 37   THR A O    1 
ATOM   214  C CB   . THR A 1 27  ? 0.036   -3.771  -24.228 1.00 37.19  ? 37   THR A CB   1 
ATOM   215  O OG1  . THR A 1 27  ? 0.832   -3.692  -25.419 1.00 37.36  ? 37   THR A OG1  1 
ATOM   216  C CG2  . THR A 1 27  ? -0.960  -2.631  -24.223 1.00 35.56  ? 37   THR A CG2  1 
ATOM   217  H H    . THR A 1 27  ? 1.925   -1.988  -23.708 0.00 15.00  ? 37   THR A H    1 
ATOM   218  H HG1  . THR A 1 27  ? 0.183   -3.621  -26.129 0.00 15.00  ? 37   THR A HG1  1 
ATOM   219  N N    . ALA A 1 28  ? 1.685   -5.947  -22.937 1.00 36.61  ? 38   ALA A N    1 
ATOM   220  C CA   . ALA A 1 28  ? 2.617   -7.033  -23.026 1.00 37.59  ? 38   ALA A CA   1 
ATOM   221  C C    . ALA A 1 28  ? 1.807   -8.278  -23.318 1.00 40.51  ? 38   ALA A C    1 
ATOM   222  O O    . ALA A 1 28  ? 0.609   -8.191  -23.557 1.00 38.52  ? 38   ALA A O    1 
ATOM   223  C CB   . ALA A 1 28  ? 3.341   -7.176  -21.712 1.00 39.35  ? 38   ALA A CB   1 
ATOM   224  H H    . ALA A 1 28  ? 0.767   -6.140  -22.696 0.00 15.00  ? 38   ALA A H    1 
ATOM   225  N N    . GLY A 1 29  ? 2.468   -9.435  -23.282 1.00 45.82  ? 39   GLY A N    1 
ATOM   226  C CA   . GLY A 1 29  ? 1.821   -10.711 -23.547 1.00 49.80  ? 39   GLY A CA   1 
ATOM   227  C C    . GLY A 1 29  ? 2.052   -11.196 -24.972 1.00 51.62  ? 39   GLY A C    1 
ATOM   228  O O    . GLY A 1 29  ? 2.406   -10.404 -25.856 1.00 51.38  ? 39   GLY A O    1 
ATOM   229  H H    . GLY A 1 29  ? 3.431   -9.452  -23.102 0.00 15.00  ? 39   GLY A H    1 
ATOM   230  N N    . LYS A 1 30  ? 1.823   -12.488 -25.205 1.00 55.18  ? 40   LYS A N    1 
ATOM   231  C CA   . LYS A 1 30  ? 2.016   -13.080 -26.537 1.00 58.69  ? 40   LYS A CA   1 
ATOM   232  C C    . LYS A 1 30  ? 1.146   -12.440 -27.606 1.00 57.96  ? 40   LYS A C    1 
ATOM   233  O O    . LYS A 1 30  ? 1.437   -12.549 -28.789 1.00 57.79  ? 40   LYS A O    1 
ATOM   234  C CB   . LYS A 1 30  ? 1.763   -14.592 -26.496 1.00 63.05  ? 40   LYS A CB   1 
ATOM   235  C CG   . LYS A 1 30  ? 2.731   -15.312 -25.582 1.00 70.97  ? 40   LYS A CG   1 
ATOM   236  C CD   . LYS A 1 30  ? 2.493   -16.808 -25.506 1.00 78.87  ? 40   LYS A CD   1 
ATOM   237  C CE   . LYS A 1 30  ? 3.548   -17.463 -24.591 1.00 85.54  ? 40   LYS A CE   1 
ATOM   238  N NZ   . LYS A 1 30  ? 3.357   -18.939 -24.410 1.00 90.30  ? 40   LYS A NZ   1 
ATOM   239  H H    . LYS A 1 30  ? 1.527   -13.055 -24.465 0.00 15.00  ? 40   LYS A H    1 
ATOM   240  H HZ1  . LYS A 1 30  ? 2.405   -19.114 -24.023 0.00 15.00  ? 40   LYS A HZ1  1 
ATOM   241  H HZ2  . LYS A 1 30  ? 3.437   -19.419 -25.330 0.00 15.00  ? 40   LYS A HZ2  1 
ATOM   242  H HZ3  . LYS A 1 30  ? 4.065   -19.316 -23.751 0.00 15.00  ? 40   LYS A HZ3  1 
ATOM   243  N N    . ARG A 1 31  ? 0.087   -11.762 -27.181 1.00 56.37  ? 41   ARG A N    1 
ATOM   244  C CA   . ARG A 1 31  ? -0.806  -11.104 -28.110 1.00 56.02  ? 41   ARG A CA   1 
ATOM   245  C C    . ARG A 1 31  ? -0.964  -9.647  -27.719 1.00 52.73  ? 41   ARG A C    1 
ATOM   246  O O    . ARG A 1 31  ? -1.804  -8.938  -28.282 1.00 51.21  ? 41   ARG A O    1 
ATOM   247  C CB   . ARG A 1 31  ? -2.171  -11.787 -28.082 1.00 63.20  ? 41   ARG A CB   1 
ATOM   248  C CG   . ARG A 1 31  ? -2.765  -12.073 -29.449 1.00 72.96  ? 41   ARG A CG   1 
ATOM   249  C CD   . ARG A 1 31  ? -2.339  -13.448 -29.966 1.00 80.97  ? 41   ARG A CD   1 
ATOM   250  N NE   . ARG A 1 31  ? -1.260  -13.411 -30.954 1.00 88.08  ? 41   ARG A NE   1 
ATOM   251  C CZ   . ARG A 1 31  ? -0.348  -14.372 -31.110 1.00 91.64  ? 41   ARG A CZ   1 
ATOM   252  N NH1  . ARG A 1 31  ? -0.357  -15.456 -30.335 1.00 93.18  ? 41   ARG A NH1  1 
ATOM   253  N NH2  . ARG A 1 31  ? 0.588   -14.247 -32.039 1.00 94.65  ? 41   ARG A NH2  1 
ATOM   254  H H    . ARG A 1 31  ? -0.101  -11.704 -26.235 0.00 15.00  ? 41   ARG A H    1 
ATOM   255  H HE   . ARG A 1 31  ? -1.217  -12.631 -31.544 0.00 15.00  ? 41   ARG A HE   1 
ATOM   256  H HH11 . ARG A 1 31  ? -1.034  -15.575 -29.608 0.00 15.00  ? 41   ARG A HH11 1 
ATOM   257  H HH12 . ARG A 1 31  ? 0.360   -16.144 -30.465 0.00 15.00  ? 41   ARG A HH12 1 
ATOM   258  H HH21 . ARG A 1 31  ? 0.616   -13.440 -32.626 0.00 15.00  ? 41   ARG A HH21 1 
ATOM   259  H HH22 . ARG A 1 31  ? 1.268   -14.974 -32.152 0.00 15.00  ? 41   ARG A HH22 1 
ATOM   260  N N    . CYS A 1 32  ? -0.122  -9.196  -26.789 1.00 49.97  ? 42   CYS A N    1 
ATOM   261  C CA   . CYS A 1 32  ? -0.181  -7.828  -26.251 1.00 46.67  ? 42   CYS A CA   1 
ATOM   262  C C    . CYS A 1 32  ? -1.559  -7.656  -25.658 1.00 42.89  ? 42   CYS A C    1 
ATOM   263  O O    . CYS A 1 32  ? -2.191  -6.615  -25.820 1.00 40.31  ? 42   CYS A O    1 
ATOM   264  C CB   . CYS A 1 32  ? 0.000   -6.769  -27.322 1.00 46.57  ? 42   CYS A CB   1 
ATOM   265  S SG   . CYS A 1 32  ? 1.387   -7.084  -28.427 1.00 49.30  ? 42   CYS A SG   1 
ATOM   266  H H    . CYS A 1 32  ? 0.602   -9.769  -26.472 0.00 15.00  ? 42   CYS A H    1 
ATOM   267  N N    . GLU A 1 33  ? -2.017  -8.698  -24.984 1.00 38.91  ? 43   GLU A N    1 
ATOM   268  C CA   . GLU A 1 33  ? -3.336  -8.700  -24.385 1.00 42.58  ? 43   GLU A CA   1 
ATOM   269  C C    . GLU A 1 33  ? -3.311  -8.369  -22.890 1.00 43.26  ? 43   GLU A C    1 
ATOM   270  O O    . GLU A 1 33  ? -4.372  -8.263  -22.264 1.00 47.10  ? 43   GLU A O    1 
ATOM   271  C CB   . GLU A 1 33  ? -4.017  -10.062 -24.618 1.00 41.17  ? 43   GLU A CB   1 
ATOM   272  C CG   . GLU A 1 33  ? -3.613  -11.197 -23.670 1.00 38.76  ? 43   GLU A CG   1 
ATOM   273  C CD   . GLU A 1 33  ? -2.244  -11.794 -23.960 1.00 40.83  ? 43   GLU A CD   1 
ATOM   274  O OE1  . GLU A 1 33  ? -1.508  -11.267 -24.821 1.00 41.10  ? 43   GLU A OE1  1 
ATOM   275  O OE2  . GLU A 1 33  ? -1.903  -12.803 -23.306 1.00 39.88  ? 43   GLU A OE2  1 
ATOM   276  H H    . GLU A 1 33  ? -1.381  -9.410  -24.891 0.00 15.00  ? 43   GLU A H    1 
ATOM   277  N N    . LEU A 1 34  ? -2.105  -8.232  -22.331 1.00 42.82  ? 44   LEU A N    1 
ATOM   278  C CA   . LEU A 1 34  ? -1.891  -7.905  -20.919 1.00 39.21  ? 44   LEU A CA   1 
ATOM   279  C C    . LEU A 1 34  ? -1.309  -6.515  -20.829 1.00 39.26  ? 44   LEU A C    1 
ATOM   280  O O    . LEU A 1 34  ? -0.782  -6.000  -21.819 1.00 39.73  ? 44   LEU A O    1 
ATOM   281  C CB   . LEU A 1 34  ? -0.860  -8.819  -20.294 1.00 35.51  ? 44   LEU A CB   1 
ATOM   282  C CG   . LEU A 1 34  ? -1.118  -10.304 -20.315 1.00 38.74  ? 44   LEU A CG   1 
ATOM   283  C CD1  . LEU A 1 34  ? 0.092   -11.009 -19.726 1.00 38.88  ? 44   LEU A CD1  1 
ATOM   284  C CD2  . LEU A 1 34  ? -2.367  -10.609 -19.522 1.00 38.72  ? 44   LEU A CD2  1 
ATOM   285  H H    . LEU A 1 34  ? -1.294  -8.316  -22.869 0.00 15.00  ? 44   LEU A H    1 
ATOM   286  N N    . CYS A 1 35  ? -1.414  -5.890  -19.658 1.00 38.30  ? 45   CYS A N    1 
ATOM   287  C CA   . CYS A 1 35  ? -0.786  -4.588  -19.491 1.00 34.42  ? 45   CYS A CA   1 
ATOM   288  C C    . CYS A 1 35  ? 0.581   -4.904  -18.937 1.00 30.73  ? 45   CYS A C    1 
ATOM   289  O O    . CYS A 1 35  ? 0.775   -5.889  -18.236 1.00 29.32  ? 45   CYS A O    1 
ATOM   290  C CB   . CYS A 1 35  ? -1.545  -3.694  -18.530 1.00 31.48  ? 45   CYS A CB   1 
ATOM   291  S SG   . CYS A 1 35  ? -3.090  -3.023  -19.201 1.00 28.45  ? 45   CYS A SG   1 
ATOM   292  H H    . CYS A 1 35  ? -1.908  -6.289  -18.907 0.00 15.00  ? 45   CYS A H    1 
ATOM   293  N N    . ASP A 1 36  ? 1.537   -4.085  -19.308 1.00 32.33  ? 46   ASP A N    1 
ATOM   294  C CA   . ASP A 1 36  ? 2.917   -4.237  -18.890 1.00 37.52  ? 46   ASP A CA   1 
ATOM   295  C C    . ASP A 1 36  ? 3.036   -3.942  -17.396 1.00 38.96  ? 46   ASP A C    1 
ATOM   296  O O    . ASP A 1 36  ? 2.165   -3.284  -16.822 1.00 44.80  ? 46   ASP A O    1 
ATOM   297  C CB   . ASP A 1 36  ? 3.760   -3.233  -19.689 1.00 41.06  ? 46   ASP A CB   1 
ATOM   298  C CG   . ASP A 1 36  ? 5.242   -3.606  -19.765 1.00 44.77  ? 46   ASP A CG   1 
ATOM   299  O OD1  . ASP A 1 36  ? 5.671   -4.640  -19.176 1.00 40.28  ? 46   ASP A OD1  1 
ATOM   300  O OD2  . ASP A 1 36  ? 5.968   -2.832  -20.444 1.00 48.16  ? 46   ASP A OD2  1 
ATOM   301  H H    . ASP A 1 36  ? 1.299   -3.370  -19.848 0.00 15.00  ? 46   ASP A H    1 
ATOM   302  N N    . ASP A 1 37  ? 4.114   -4.402  -16.771 1.00 36.27  ? 47   ASP A N    1 
ATOM   303  C CA   . ASP A 1 37  ? 4.324   -4.146  -15.353 1.00 35.21  ? 47   ASP A CA   1 
ATOM   304  C C    . ASP A 1 37  ? 4.340   -2.649  -15.108 1.00 33.34  ? 47   ASP A C    1 
ATOM   305  O O    . ASP A 1 37  ? 4.902   -1.873  -15.885 1.00 33.46  ? 47   ASP A O    1 
ATOM   306  C CB   . ASP A 1 37  ? 5.649   -4.727  -14.893 1.00 38.00  ? 47   ASP A CB   1 
ATOM   307  C CG   . ASP A 1 37  ? 5.847   -4.630  -13.392 1.00 38.30  ? 47   ASP A CG   1 
ATOM   308  O OD1  . ASP A 1 37  ? 5.100   -5.319  -12.650 1.00 40.72  ? 47   ASP A OD1  1 
ATOM   309  O OD2  . ASP A 1 37  ? 6.762   -3.877  -12.976 1.00 40.59  ? 47   ASP A OD2  1 
ATOM   310  H H    . ASP A 1 37  ? 4.776   -4.916  -17.269 0.00 15.00  ? 47   ASP A H    1 
ATOM   311  N N    . GLY A 1 38  ? 3.710   -2.254  -14.017 1.00 31.85  ? 48   GLY A N    1 
ATOM   312  C CA   . GLY A 1 38  ? 3.645   -0.853  -13.690 1.00 28.81  ? 48   GLY A CA   1 
ATOM   313  C C    . GLY A 1 38  ? 2.409   -0.229  -14.274 1.00 27.52  ? 48   GLY A C    1 
ATOM   314  O O    . GLY A 1 38  ? 2.165   0.960   -14.055 1.00 27.70  ? 48   GLY A O    1 
ATOM   315  H H    . GLY A 1 38  ? 3.292   -2.913  -13.434 0.00 15.00  ? 48   GLY A H    1 
ATOM   316  N N    . TYR A 1 39  ? 1.627   -1.030  -15.001 1.00 26.70  ? 49   TYR A N    1 
ATOM   317  C CA   . TYR A 1 39  ? 0.407   -0.561  -15.645 1.00 23.95  ? 49   TYR A CA   1 
ATOM   318  C C    . TYR A 1 39  ? -0.749  -1.449  -15.276 1.00 24.36  ? 49   TYR A C    1 
ATOM   319  O O    . TYR A 1 39  ? -0.534  -2.524  -14.742 1.00 24.05  ? 49   TYR A O    1 
ATOM   320  C CB   . TYR A 1 39  ? 0.551   -0.621  -17.166 1.00 23.89  ? 49   TYR A CB   1 
ATOM   321  C CG   . TYR A 1 39  ? 1.463   0.401   -17.760 1.00 21.77  ? 49   TYR A CG   1 
ATOM   322  C CD1  . TYR A 1 39  ? 2.849   0.282   -17.663 1.00 26.43  ? 49   TYR A CD1  1 
ATOM   323  C CD2  . TYR A 1 39  ? 0.949   1.482   -18.444 1.00 22.24  ? 49   TYR A CD2  1 
ATOM   324  C CE1  . TYR A 1 39  ? 3.702   1.229   -18.241 1.00 23.44  ? 49   TYR A CE1  1 
ATOM   325  C CE2  . TYR A 1 39  ? 1.791   2.434   -19.028 1.00 24.46  ? 49   TYR A CE2  1 
ATOM   326  C CZ   . TYR A 1 39  ? 3.162   2.295   -18.920 1.00 25.18  ? 49   TYR A CZ   1 
ATOM   327  O OH   . TYR A 1 39  ? 3.966   3.240   -19.512 1.00 30.07  ? 49   TYR A OH   1 
ATOM   328  H H    . TYR A 1 39  ? 1.841   -1.974  -15.145 0.00 15.00  ? 49   TYR A H    1 
ATOM   329  H HH   . TYR A 1 39  ? 3.417   3.866   -19.995 0.00 15.00  ? 49   TYR A HH   1 
ATOM   330  N N    . PHE A 1 40  ? -1.973  -0.983  -15.528 1.00 23.98  ? 50   PHE A N    1 
ATOM   331  C CA   . PHE A 1 40  ? -3.154  -1.809  -15.297 1.00 24.32  ? 50   PHE A CA   1 
ATOM   332  C C    . PHE A 1 40  ? -4.240  -1.448  -16.307 1.00 25.25  ? 50   PHE A C    1 
ATOM   333  O O    . PHE A 1 40  ? -4.221  -0.358  -16.907 1.00 24.82  ? 50   PHE A O    1 
ATOM   334  C CB   . PHE A 1 40  ? -3.642  -1.746  -13.848 1.00 25.44  ? 50   PHE A CB   1 
ATOM   335  C CG   . PHE A 1 40  ? -4.402  -0.516  -13.513 1.00 28.16  ? 50   PHE A CG   1 
ATOM   336  C CD1  . PHE A 1 40  ? -3.740  0.665   -13.225 1.00 25.21  ? 50   PHE A CD1  1 
ATOM   337  C CD2  . PHE A 1 40  ? -5.792  -0.534  -13.476 1.00 30.97  ? 50   PHE A CD2  1 
ATOM   338  C CE1  . PHE A 1 40  ? -4.445  1.817   -12.905 1.00 26.55  ? 50   PHE A CE1  1 
ATOM   339  C CE2  . PHE A 1 40  ? -6.513  0.626   -13.154 1.00 32.00  ? 50   PHE A CE2  1 
ATOM   340  C CZ   . PHE A 1 40  ? -5.829  1.803   -12.868 1.00 26.51  ? 50   PHE A CZ   1 
ATOM   341  H H    . PHE A 1 40  ? -2.077  -0.064  -15.844 0.00 15.00  ? 50   PHE A H    1 
ATOM   342  N N    . GLY A 1 41  ? -5.130  -2.403  -16.565 1.00 27.45  ? 51   GLY A N    1 
ATOM   343  C CA   . GLY A 1 41  ? -6.188  -2.208  -17.552 1.00 26.88  ? 51   GLY A CA   1 
ATOM   344  C C    . GLY A 1 41  ? -6.513  -3.539  -18.235 1.00 26.87  ? 51   GLY A C    1 
ATOM   345  O O    . GLY A 1 41  ? -6.274  -4.606  -17.660 1.00 28.18  ? 51   GLY A O    1 
ATOM   346  H H    . GLY A 1 41  ? -5.059  -3.274  -16.113 0.00 15.00  ? 51   GLY A H    1 
ATOM   347  N N    . ASP A 1 42  ? -7.039  -3.487  -19.456 1.00 29.80  ? 52   ASP A N    1 
ATOM   348  C CA   . ASP A 1 42  ? -7.423  -4.688  -20.247 1.00 32.89  ? 52   ASP A CA   1 
ATOM   349  C C    . ASP A 1 42  ? -7.463  -4.137  -21.655 1.00 32.63  ? 52   ASP A C    1 
ATOM   350  O O    . ASP A 1 42  ? -8.524  -3.830  -22.187 1.00 33.24  ? 52   ASP A O    1 
ATOM   351  C CB   . ASP A 1 42  ? -8.824  -5.161  -19.856 1.00 36.24  ? 52   ASP A CB   1 
ATOM   352  C CG   . ASP A 1 42  ? -9.140  -6.543  -20.365 1.00 40.94  ? 52   ASP A CG   1 
ATOM   353  O OD1  . ASP A 1 42  ? -8.582  -6.953  -21.398 1.00 44.16  ? 52   ASP A OD1  1 
ATOM   354  O OD2  . ASP A 1 42  ? -9.951  -7.224  -19.715 1.00 39.41  ? 52   ASP A OD2  1 
ATOM   355  H H    . ASP A 1 42  ? -7.151  -2.623  -19.839 0.00 15.00  ? 52   ASP A H    1 
ATOM   356  N N    . PRO A 1 43  ? -6.301  -4.065  -22.299 1.00 32.95  ? 53   PRO A N    1 
ATOM   357  C CA   . PRO A 1 43  ? -6.133  -3.529  -23.639 1.00 31.15  ? 53   PRO A CA   1 
ATOM   358  C C    . PRO A 1 43  ? -6.980  -4.097  -24.743 1.00 34.48  ? 53   PRO A C    1 
ATOM   359  O O    . PRO A 1 43  ? -7.410  -3.352  -25.621 1.00 34.20  ? 53   PRO A O    1 
ATOM   360  C CB   . PRO A 1 43  ? -4.636  -3.684  -23.872 1.00 30.80  ? 53   PRO A CB   1 
ATOM   361  C CG   . PRO A 1 43  ? -4.317  -4.920  -23.152 1.00 30.60  ? 53   PRO A CG   1 
ATOM   362  C CD   . PRO A 1 43  ? -5.087  -4.783  -21.875 1.00 30.71  ? 53   PRO A CD   1 
ATOM   363  N N    . LEU A 1 44  ? -7.236  -5.398  -24.705 1.00 36.34  ? 54   LEU A N    1 
ATOM   364  C CA   . LEU A 1 44  ? -8.033  -6.024  -25.757 1.00 44.03  ? 54   LEU A CA   1 
ATOM   365  C C    . LEU A 1 44  ? -9.434  -6.430  -25.319 1.00 47.18  ? 54   LEU A C    1 
ATOM   366  O O    . LEU A 1 44  ? -10.117 -7.131  -26.064 1.00 52.81  ? 54   LEU A O    1 
ATOM   367  C CB   . LEU A 1 44  ? -7.322  -7.263  -26.322 1.00 40.18  ? 54   LEU A CB   1 
ATOM   368  C CG   . LEU A 1 44  ? -5.891  -7.104  -26.842 1.00 39.17  ? 54   LEU A CG   1 
ATOM   369  C CD1  . LEU A 1 44  ? -5.391  -8.473  -27.260 1.00 37.64  ? 54   LEU A CD1  1 
ATOM   370  C CD2  . LEU A 1 44  ? -5.822  -6.084  -27.991 1.00 36.17  ? 54   LEU A CD2  1 
ATOM   371  H H    . LEU A 1 44  ? -6.902  -5.953  -23.974 0.00 15.00  ? 54   LEU A H    1 
ATOM   372  N N    . GLY A 1 45  ? -9.866  -5.995  -24.133 1.00 46.21  ? 55   GLY A N    1 
ATOM   373  C CA   . GLY A 1 45  ? -11.184 -6.351  -23.649 1.00 40.84  ? 55   GLY A CA   1 
ATOM   374  C C    . GLY A 1 45  ? -11.297 -7.837  -23.357 1.00 41.98  ? 55   GLY A C    1 
ATOM   375  O O    . GLY A 1 45  ? -12.362 -8.410  -23.473 1.00 46.59  ? 55   GLY A O    1 
ATOM   376  H H    . GLY A 1 45  ? -9.295  -5.415  -23.592 0.00 15.00  ? 55   GLY A H    1 
ATOM   377  N N    . SER A 1 46  ? -10.209 -8.477  -22.971 1.00 42.02  ? 56   SER A N    1 
ATOM   378  C CA   . SER A 1 46  ? -10.236 -9.903  -22.671 1.00 44.82  ? 56   SER A CA   1 
ATOM   379  C C    . SER A 1 46  ? -11.097 -10.341 -21.485 1.00 46.14  ? 56   SER A C    1 
ATOM   380  O O    . SER A 1 46  ? -11.451 -11.515 -21.375 1.00 49.50  ? 56   SER A O    1 
ATOM   381  C CB   . SER A 1 46  ? -8.811  -10.411 -22.429 1.00 47.69  ? 56   SER A CB   1 
ATOM   382  O OG   . SER A 1 46  ? -7.939  -9.968  -23.454 1.00 55.93  ? 56   SER A OG   1 
ATOM   383  H H    . SER A 1 46  ? -9.357  -8.007  -22.913 0.00 15.00  ? 56   SER A H    1 
ATOM   384  H HG   . SER A 1 46  ? -8.244  -10.383 -24.282 0.00 15.00  ? 56   SER A HG   1 
ATOM   385  N N    . ASN A 1 47  ? -11.421 -9.422  -20.585 1.00 46.33  ? 57   ASN A N    1 
ATOM   386  C CA   . ASN A 1 47  ? -12.191 -9.784  -19.402 1.00 45.56  ? 57   ASN A CA   1 
ATOM   387  C C    . ASN A 1 47  ? -13.320 -8.812  -19.101 1.00 44.50  ? 57   ASN A C    1 
ATOM   388  O O    . ASN A 1 47  ? -13.853 -8.805  -17.993 1.00 49.69  ? 57   ASN A O    1 
ATOM   389  C CB   . ASN A 1 47  ? -11.279 -9.850  -18.173 1.00 52.00  ? 57   ASN A CB   1 
ATOM   390  C CG   . ASN A 1 47  ? -9.918  -10.454 -18.477 1.00 61.64  ? 57   ASN A CG   1 
ATOM   391  O OD1  . ASN A 1 47  ? -9.087  -9.850  -19.185 1.00 65.22  ? 57   ASN A OD1  1 
ATOM   392  N ND2  . ASN A 1 47  ? -9.669  -11.643 -17.933 1.00 65.77  ? 57   ASN A ND2  1 
ATOM   393  H H    . ASN A 1 47  ? -11.158 -8.495  -20.720 0.00 15.00  ? 57   ASN A H    1 
ATOM   394  H HD21 . ASN A 1 47  ? -8.796  -12.044 -18.118 0.00 15.00  ? 57   ASN A HD21 1 
ATOM   395  H HD22 . ASN A 1 47  ? -10.358 -12.057 -17.375 0.00 15.00  ? 57   ASN A HD22 1 
ATOM   396  N N    . GLY A 1 48  ? -13.698 -7.993  -20.067 1.00 39.25  ? 58   GLY A N    1 
ATOM   397  C CA   . GLY A 1 48  ? -14.758 -7.046  -19.828 1.00 33.14  ? 58   GLY A CA   1 
ATOM   398  C C    . GLY A 1 48  ? -14.535 -6.028  -20.885 1.00 32.68  ? 58   GLY A C    1 
ATOM   399  O O    . GLY A 1 48  ? -13.941 -6.349  -21.901 1.00 35.85  ? 58   GLY A O    1 
ATOM   400  H H    . GLY A 1 48  ? -13.277 -8.003  -20.957 0.00 15.00  ? 58   GLY A H    1 
ATOM   401  N N    . PRO A 1 49  ? -14.993 -4.799  -20.706 1.00 31.32  ? 59   PRO A N    1 
ATOM   402  C CA   . PRO A 1 49  ? -14.748 -3.823  -21.763 1.00 31.72  ? 59   PRO A CA   1 
ATOM   403  C C    . PRO A 1 49  ? -13.248 -3.536  -21.916 1.00 36.93  ? 59   PRO A C    1 
ATOM   404  O O    . PRO A 1 49  ? -12.433 -3.884  -21.048 1.00 39.11  ? 59   PRO A O    1 
ATOM   405  C CB   . PRO A 1 49  ? -15.525 -2.601  -21.286 1.00 29.83  ? 59   PRO A CB   1 
ATOM   406  C CG   . PRO A 1 49  ? -15.466 -2.729  -19.820 1.00 30.29  ? 59   PRO A CG   1 
ATOM   407  C CD   . PRO A 1 49  ? -15.710 -4.195  -19.579 1.00 27.77  ? 59   PRO A CD   1 
ATOM   408  N N    . VAL A 1 50  ? -12.879 -2.941  -23.040 1.00 38.19  ? 60   VAL A N    1 
ATOM   409  C CA   . VAL A 1 50  ? -11.496 -2.592  -23.272 1.00 39.92  ? 60   VAL A CA   1 
ATOM   410  C C    . VAL A 1 50  ? -11.168 -1.494  -22.295 1.00 40.11  ? 60   VAL A C    1 
ATOM   411  O O    . VAL A 1 50  ? -11.933 -0.541  -22.155 1.00 42.54  ? 60   VAL A O    1 
ATOM   412  C CB   . VAL A 1 50  ? -11.271 -2.039  -24.704 1.00 40.74  ? 60   VAL A CB   1 
ATOM   413  C CG1  . VAL A 1 50  ? -9.984  -1.183  -24.770 1.00 34.07  ? 60   VAL A CG1  1 
ATOM   414  C CG2  . VAL A 1 50  ? -11.184 -3.201  -25.684 1.00 41.56  ? 60   VAL A CG2  1 
ATOM   415  H H    . VAL A 1 50  ? -13.556 -2.730  -23.712 0.00 15.00  ? 60   VAL A H    1 
ATOM   416  N N    . ARG A 1 51  ? -10.042 -1.640  -21.612 1.00 39.88  ? 61   ARG A N    1 
ATOM   417  C CA   . ARG A 1 51  ? -9.568  -0.634  -20.675 1.00 36.04  ? 61   ARG A CA   1 
ATOM   418  C C    . ARG A 1 51  ? -8.112  -0.358  -21.019 1.00 34.27  ? 61   ARG A C    1 
ATOM   419  O O    . ARG A 1 51  ? -7.254  -1.211  -20.809 1.00 36.52  ? 61   ARG A O    1 
ATOM   420  C CB   . ARG A 1 51  ? -9.700  -1.151  -19.250 1.00 34.96  ? 61   ARG A CB   1 
ATOM   421  C CG   . ARG A 1 51  ? -11.134 -1.214  -18.763 1.00 38.10  ? 61   ARG A CG   1 
ATOM   422  C CD   . ARG A 1 51  ? -11.270 -2.138  -17.563 1.00 40.20  ? 61   ARG A CD   1 
ATOM   423  N NE   . ARG A 1 51  ? -10.393 -1.720  -16.477 1.00 48.61  ? 61   ARG A NE   1 
ATOM   424  C CZ   . ARG A 1 51  ? -9.747  -2.550  -15.660 1.00 50.77  ? 61   ARG A CZ   1 
ATOM   425  N NH1  . ARG A 1 51  ? -9.875  -3.874  -15.787 1.00 48.27  ? 61   ARG A NH1  1 
ATOM   426  N NH2  . ARG A 1 51  ? -8.955  -2.048  -14.716 1.00 49.51  ? 61   ARG A NH2  1 
ATOM   427  H H    . ARG A 1 51  ? -9.530  -2.441  -21.750 0.00 15.00  ? 61   ARG A H    1 
ATOM   428  H HE   . ARG A 1 51  ? -10.269 -0.759  -16.345 0.00 15.00  ? 61   ARG A HE   1 
ATOM   429  H HH11 . ARG A 1 51  ? -10.457 -4.255  -16.506 0.00 15.00  ? 61   ARG A HH11 1 
ATOM   430  H HH12 . ARG A 1 51  ? -9.375  -4.475  -15.165 0.00 15.00  ? 61   ARG A HH12 1 
ATOM   431  H HH21 . ARG A 1 51  ? -8.836  -1.062  -14.609 0.00 15.00  ? 61   ARG A HH21 1 
ATOM   432  H HH22 . ARG A 1 51  ? -8.471  -2.683  -14.124 0.00 15.00  ? 61   ARG A HH22 1 
ATOM   433  N N    . LEU A 1 52  ? -7.840  0.810   -21.588 1.00 31.51  ? 62   LEU A N    1 
ATOM   434  C CA   . LEU A 1 52  ? -6.478  1.182   -21.941 1.00 32.10  ? 62   LEU A CA   1 
ATOM   435  C C    . LEU A 1 52  ? -5.578  1.019   -20.728 1.00 32.75  ? 62   LEU A C    1 
ATOM   436  O O    . LEU A 1 52  ? -5.975  1.287   -19.599 1.00 34.39  ? 62   LEU A O    1 
ATOM   437  C CB   . LEU A 1 52  ? -6.398  2.639   -22.406 1.00 30.24  ? 62   LEU A CB   1 
ATOM   438  C CG   . LEU A 1 52  ? -7.170  3.048   -23.654 1.00 31.75  ? 62   LEU A CG   1 
ATOM   439  C CD1  . LEU A 1 52  ? -6.792  4.474   -24.082 1.00 32.49  ? 62   LEU A CD1  1 
ATOM   440  C CD2  . LEU A 1 52  ? -6.849  2.074   -24.751 1.00 33.51  ? 62   LEU A CD2  1 
ATOM   441  H H    . LEU A 1 52  ? -8.578  1.433   -21.768 0.00 15.00  ? 62   LEU A H    1 
ATOM   442  N N    . CYS A 1 53  ? -4.367  0.561   -20.968 1.00 33.94  ? 63   CYS A N    1 
ATOM   443  C CA   . CYS A 1 53  ? -3.410  0.376   -19.904 1.00 33.12  ? 63   CYS A CA   1 
ATOM   444  C C    . CYS A 1 53  ? -2.951  1.750   -19.487 1.00 29.42  ? 63   CYS A C    1 
ATOM   445  O O    . CYS A 1 53  ? -2.711  2.613   -20.334 1.00 30.84  ? 63   CYS A O    1 
ATOM   446  C CB   . CYS A 1 53  ? -2.218  -0.428  -20.398 1.00 31.94  ? 63   CYS A CB   1 
ATOM   447  S SG   . CYS A 1 53  ? -2.642  -2.102  -20.910 1.00 31.00  ? 63   CYS A SG   1 
ATOM   448  H H    . CYS A 1 53  ? -4.100  0.341   -21.878 0.00 15.00  ? 63   CYS A H    1 
ATOM   449  N N    . ARG A 1 54  ? -2.836  1.947   -18.179 1.00 28.03  ? 64   ARG A N    1 
ATOM   450  C CA   . ARG A 1 54  ? -2.404  3.219   -17.611 1.00 24.64  ? 64   ARG A CA   1 
ATOM   451  C C    . ARG A 1 54  ? -1.477  2.901   -16.424 1.00 24.69  ? 64   ARG A C    1 
ATOM   452  O O    . ARG A 1 54  ? -1.577  1.815   -15.833 1.00 26.37  ? 64   ARG A O    1 
ATOM   453  C CB   . ARG A 1 54  ? -3.640  3.990   -17.131 1.00 24.95  ? 64   ARG A CB   1 
ATOM   454  C CG   . ARG A 1 54  ? -4.269  3.329   -15.935 1.00 26.88  ? 64   ARG A CG   1 
ATOM   455  C CD   . ARG A 1 54  ? -5.714  3.497   -15.903 1.00 29.79  ? 64   ARG A CD   1 
ATOM   456  N NE   . ARG A 1 54  ? -6.344  2.913   -17.071 1.00 31.48  ? 64   ARG A NE   1 
ATOM   457  C CZ   . ARG A 1 54  ? -7.639  3.026   -17.316 1.00 36.17  ? 64   ARG A CZ   1 
ATOM   458  N NH1  . ARG A 1 54  ? -8.415  3.644   -16.437 1.00 37.40  ? 64   ARG A NH1  1 
ATOM   459  N NH2  . ARG A 1 54  ? -8.165  2.502   -18.414 1.00 37.27  ? 64   ARG A NH2  1 
ATOM   460  H H    . ARG A 1 54  ? -3.090  1.208   -17.584 0.00 15.00  ? 64   ARG A H    1 
ATOM   461  H HE   . ARG A 1 54  ? -5.818  2.405   -17.720 0.00 15.00  ? 64   ARG A HE   1 
ATOM   462  H HH11 . ARG A 1 54  ? -8.038  4.030   -15.597 0.00 15.00  ? 64   ARG A HH11 1 
ATOM   463  H HH12 . ARG A 1 54  ? -9.393  3.725   -16.629 0.00 15.00  ? 64   ARG A HH12 1 
ATOM   464  H HH21 . ARG A 1 54  ? -7.563  2.014   -19.040 0.00 15.00  ? 64   ARG A HH21 1 
ATOM   465  H HH22 . ARG A 1 54  ? -9.143  2.577   -18.605 0.00 15.00  ? 64   ARG A HH22 1 
ATOM   466  N N    . PRO A 1 55  ? -0.537  3.812   -16.090 1.00 24.03  ? 65   PRO A N    1 
ATOM   467  C CA   . PRO A 1 55  ? 0.378   3.591   -14.969 1.00 23.43  ? 65   PRO A CA   1 
ATOM   468  C C    . PRO A 1 55  ? -0.400  3.388   -13.670 1.00 25.52  ? 65   PRO A C    1 
ATOM   469  O O    . PRO A 1 55  ? -1.448  4.006   -13.470 1.00 26.73  ? 65   PRO A O    1 
ATOM   470  C CB   . PRO A 1 55  ? 1.159   4.880   -14.929 1.00 23.21  ? 65   PRO A CB   1 
ATOM   471  C CG   . PRO A 1 55  ? 1.186   5.294   -16.360 1.00 21.97  ? 65   PRO A CG   1 
ATOM   472  C CD   . PRO A 1 55  ? -0.223  5.087   -16.755 1.00 23.27  ? 65   PRO A CD   1 
ATOM   473  N N    . CYS A 1 56  ? 0.090   2.516   -12.802 1.00 23.67  ? 66   CYS A N    1 
ATOM   474  C CA   . CYS A 1 56  ? -0.554  2.290   -11.519 1.00 27.01  ? 66   CYS A CA   1 
ATOM   475  C C    . CYS A 1 56  ? -0.822  3.632   -10.830 1.00 28.13  ? 66   CYS A C    1 
ATOM   476  O O    . CYS A 1 56  ? -0.010  4.563   -10.937 1.00 28.70  ? 66   CYS A O    1 
ATOM   477  C CB   . CYS A 1 56  ? 0.358   1.528   -10.593 1.00 28.71  ? 66   CYS A CB   1 
ATOM   478  S SG   . CYS A 1 56  ? 0.911   -0.066  -11.187 1.00 33.24  ? 66   CYS A SG   1 
ATOM   479  H H    . CYS A 1 56  ? 0.887   2.009   -13.050 0.00 15.00  ? 66   CYS A H    1 
ATOM   480  N N    . GLN A 1 57  ? -1.928  3.713   -10.097 1.00 26.72  ? 67   GLN A N    1 
ATOM   481  C CA   . GLN A 1 57  ? -2.293  4.926   -9.384  1.00 27.60  ? 67   GLN A CA   1 
ATOM   482  C C    . GLN A 1 57  ? -2.222  4.616   -7.898  1.00 29.67  ? 67   GLN A C    1 
ATOM   483  O O    . GLN A 1 57  ? -3.210  4.213   -7.292  1.00 32.23  ? 67   GLN A O    1 
ATOM   484  C CB   . GLN A 1 57  ? -3.687  5.374   -9.841  1.00 28.22  ? 67   GLN A CB   1 
ATOM   485  C CG   . GLN A 1 57  ? -3.661  5.676   -11.324 1.00 31.36  ? 67   GLN A CG   1 
ATOM   486  C CD   . GLN A 1 57  ? -4.976  6.045   -11.962 1.00 36.18  ? 67   GLN A CD   1 
ATOM   487  O OE1  . GLN A 1 57  ? -4.996  6.891   -12.849 1.00 46.99  ? 67   GLN A OE1  1 
ATOM   488  N NE2  . GLN A 1 57  ? -6.064  5.393   -11.571 1.00 35.78  ? 67   GLN A NE2  1 
ATOM   489  H H    . GLN A 1 57  ? -2.512  2.931   -10.029 0.00 15.00  ? 67   GLN A H    1 
ATOM   490  H HE21 . GLN A 1 57  ? -6.916  5.631   -11.998 0.00 15.00  ? 67   GLN A HE21 1 
ATOM   491  H HE22 . GLN A 1 57  ? -5.988  4.713   -10.890 0.00 15.00  ? 67   GLN A HE22 1 
ATOM   492  N N    . CYS A 1 58  ? -1.029  4.785   -7.327  1.00 28.94  ? 68   CYS A N    1 
ATOM   493  C CA   . CYS A 1 58  ? -0.792  4.477   -5.932  1.00 26.67  ? 68   CYS A CA   1 
ATOM   494  C C    . CYS A 1 58  ? -0.339  5.644   -5.093  1.00 27.97  ? 68   CYS A C    1 
ATOM   495  O O    . CYS A 1 58  ? 0.486   5.492   -4.193  1.00 29.22  ? 68   CYS A O    1 
ATOM   496  C CB   . CYS A 1 58  ? 0.221   3.362   -5.842  1.00 25.65  ? 68   CYS A CB   1 
ATOM   497  S SG   . CYS A 1 58  ? -0.357  1.901   -6.745  1.00 25.55  ? 68   CYS A SG   1 
ATOM   498  H H    . CYS A 1 58  ? -0.282  5.123   -7.855  0.00 15.00  ? 68   CYS A H    1 
ATOM   499  N N    . ASN A 1 59  ? -0.875  6.818   -5.402  1.00 27.16  ? 69   ASN A N    1 
ATOM   500  C CA   . ASN A 1 59  ? -0.572  8.049   -4.682  1.00 26.06  ? 69   ASN A CA   1 
ATOM   501  C C    . ASN A 1 59  ? 0.895   8.290   -4.459  1.00 28.34  ? 69   ASN A C    1 
ATOM   502  O O    . ASN A 1 59  ? 1.279   8.822   -3.436  1.00 29.70  ? 69   ASN A O    1 
ATOM   503  C CB   . ASN A 1 59  ? -1.308  8.071   -3.347  1.00 27.50  ? 69   ASN A CB   1 
ATOM   504  C CG   . ASN A 1 59  ? -2.814  8.217   -3.522  1.00 25.27  ? 69   ASN A CG   1 
ATOM   505  O OD1  . ASN A 1 59  ? -3.299  9.281   -3.890  1.00 27.93  ? 69   ASN A OD1  1 
ATOM   506  N ND2  . ASN A 1 59  ? -3.550  7.144   -3.292  1.00 22.37  ? 69   ASN A ND2  1 
ATOM   507  H H    . ASN A 1 59  ? -1.497  6.850   -6.154  0.00 15.00  ? 69   ASN A H    1 
ATOM   508  H HD21 . ASN A 1 59  ? -4.523  7.229   -3.350  0.00 15.00  ? 69   ASN A HD21 1 
ATOM   509  H HD22 . ASN A 1 59  ? -3.095  6.307   -3.066  0.00 15.00  ? 69   ASN A HD22 1 
ATOM   510  N N    . ASP A 1 60  ? 1.700   7.904   -5.445  1.00 30.44  ? 70   ASP A N    1 
ATOM   511  C CA   . ASP A 1 60  ? 3.156   8.053   -5.434  1.00 29.20  ? 70   ASP A CA   1 
ATOM   512  C C    . ASP A 1 60  ? 3.843   7.428   -4.220  1.00 27.60  ? 70   ASP A C    1 
ATOM   513  O O    . ASP A 1 60  ? 4.932   7.842   -3.822  1.00 30.56  ? 70   ASP A O    1 
ATOM   514  C CB   . ASP A 1 60  ? 3.520   9.524   -5.552  1.00 27.44  ? 70   ASP A CB   1 
ATOM   515  C CG   . ASP A 1 60  ? 2.904   10.164  -6.756  1.00 28.76  ? 70   ASP A CG   1 
ATOM   516  O OD1  . ASP A 1 60  ? 2.981   9.574   -7.846  1.00 32.38  ? 70   ASP A OD1  1 
ATOM   517  O OD2  . ASP A 1 60  ? 2.340   11.263  -6.615  1.00 32.49  ? 70   ASP A OD2  1 
ATOM   518  H H    . ASP A 1 60  ? 1.277   7.491   -6.220  0.00 15.00  ? 70   ASP A H    1 
ATOM   519  N N    . ASN A 1 61  ? 3.202   6.422   -3.641  1.00 25.67  ? 71   ASN A N    1 
ATOM   520  C CA   . ASN A 1 61  ? 3.752   5.751   -2.494  1.00 25.58  ? 71   ASN A CA   1 
ATOM   521  C C    . ASN A 1 61  ? 4.257   4.357   -2.854  1.00 26.12  ? 71   ASN A C    1 
ATOM   522  O O    . ASN A 1 61  ? 4.109   3.425   -2.074  1.00 24.59  ? 71   ASN A O    1 
ATOM   523  C CB   . ASN A 1 61  ? 2.697   5.664   -1.383  1.00 26.43  ? 71   ASN A CB   1 
ATOM   524  C CG   . ASN A 1 61  ? 2.420   7.011   -0.723  1.00 27.00  ? 71   ASN A CG   1 
ATOM   525  O OD1  . ASN A 1 61  ? 3.282   7.877   -0.665  1.00 30.64  ? 71   ASN A OD1  1 
ATOM   526  N ND2  . ASN A 1 61  ? 1.211   7.185   -0.220  1.00 28.72  ? 71   ASN A ND2  1 
ATOM   527  H H    . ASN A 1 61  ? 2.334   6.120   -3.969  0.00 15.00  ? 71   ASN A H    1 
ATOM   528  H HD21 . ASN A 1 61  ? 1.107   8.044   0.242   0.00 15.00  ? 71   ASN A HD21 1 
ATOM   529  H HD22 . ASN A 1 61  ? 0.496   6.519   -0.288  0.00 15.00  ? 71   ASN A HD22 1 
ATOM   530  N N    . ILE A 1 62  ? 4.827   4.220   -4.052  1.00 28.97  ? 72   ILE A N    1 
ATOM   531  C CA   . ILE A 1 62  ? 5.407   2.953   -4.536  1.00 27.99  ? 72   ILE A CA   1 
ATOM   532  C C    . ILE A 1 62  ? 6.782   3.255   -5.140  1.00 26.90  ? 72   ILE A C    1 
ATOM   533  O O    . ILE A 1 62  ? 7.003   4.334   -5.696  1.00 29.48  ? 72   ILE A O    1 
ATOM   534  C CB   . ILE A 1 62  ? 4.542   2.227   -5.639  1.00 24.22  ? 72   ILE A CB   1 
ATOM   535  C CG1  . ILE A 1 62  ? 4.172   3.193   -6.763  1.00 24.11  ? 72   ILE A CG1  1 
ATOM   536  C CG2  . ILE A 1 62  ? 3.372   1.534   -5.004  1.00 21.33  ? 72   ILE A CG2  1 
ATOM   537  C CD1  . ILE A 1 62  ? 3.548   2.541   -7.944  1.00 20.32  ? 72   ILE A CD1  1 
ATOM   538  H H    . ILE A 1 62  ? 4.895   5.005   -4.637  0.00 15.00  ? 72   ILE A H    1 
ATOM   539  N N    . ASP A 1 63  ? 7.696   2.298   -5.030  1.00 30.45  ? 73   ASP A N    1 
ATOM   540  C CA   . ASP A 1 63  ? 9.054   2.432   -5.541  1.00 30.33  ? 73   ASP A CA   1 
ATOM   541  C C    . ASP A 1 63  ? 8.980   2.357   -7.043  1.00 31.26  ? 73   ASP A C    1 
ATOM   542  O O    . ASP A 1 63  ? 8.585   1.336   -7.602  1.00 33.33  ? 73   ASP A O    1 
ATOM   543  C CB   . ASP A 1 63  ? 9.913   1.292   -4.992  1.00 32.76  ? 73   ASP A CB   1 
ATOM   544  C CG   . ASP A 1 63  ? 11.380  1.389   -5.396  1.00 36.06  ? 73   ASP A CG   1 
ATOM   545  O OD1  . ASP A 1 63  ? 11.779  2.310   -6.147  1.00 35.26  ? 73   ASP A OD1  1 
ATOM   546  O OD2  . ASP A 1 63  ? 12.151  0.509   -4.945  1.00 42.81  ? 73   ASP A OD2  1 
ATOM   547  H H    . ASP A 1 63  ? 7.426   1.469   -4.600  0.00 15.00  ? 73   ASP A H    1 
ATOM   548  N N    . PRO A 1 64  ? 9.402   3.424   -7.723  1.00 32.65  ? 74   PRO A N    1 
ATOM   549  C CA   . PRO A 1 64  ? 9.387   3.516   -9.188  1.00 33.48  ? 74   PRO A CA   1 
ATOM   550  C C    . PRO A 1 64  ? 10.226  2.438   -9.836  1.00 37.40  ? 74   PRO A C    1 
ATOM   551  O O    . PRO A 1 64  ? 10.046  2.116   -11.003 1.00 44.73  ? 74   PRO A O    1 
ATOM   552  C CB   . PRO A 1 64  ? 10.005  4.877   -9.464  1.00 29.64  ? 74   PRO A CB   1 
ATOM   553  C CG   . PRO A 1 64  ? 9.853   5.617   -8.187  1.00 35.16  ? 74   PRO A CG   1 
ATOM   554  C CD   . PRO A 1 64  ? 10.044  4.602   -7.128  1.00 31.42  ? 74   PRO A CD   1 
ATOM   555  N N    . ASN A 1 65  ? 11.164  1.901   -9.078  1.00 40.21  ? 75   ASN A N    1 
ATOM   556  C CA   . ASN A 1 65  ? 12.068  0.895   -9.599  1.00 42.54  ? 75   ASN A CA   1 
ATOM   557  C C    . ASN A 1 65  ? 11.767  -0.519  -9.102  1.00 40.61  ? 75   ASN A C    1 
ATOM   558  O O    . ASN A 1 65  ? 12.607  -1.405  -9.213  1.00 46.19  ? 75   ASN A O    1 
ATOM   559  C CB   . ASN A 1 65  ? 13.523  1.284   -9.263  1.00 45.49  ? 75   ASN A CB   1 
ATOM   560  C CG   . ASN A 1 65  ? 13.918  2.685   -9.790  1.00 50.42  ? 75   ASN A CG   1 
ATOM   561  O OD1  . ASN A 1 65  ? 14.631  3.433   -9.103  1.00 51.97  ? 75   ASN A OD1  1 
ATOM   562  N ND2  . ASN A 1 65  ? 13.459  3.038   -11.004 1.00 51.64  ? 75   ASN A ND2  1 
ATOM   563  H H    . ASN A 1 65  ? 11.267  2.189   -8.156  0.00 15.00  ? 75   ASN A H    1 
ATOM   564  H HD21 . ASN A 1 65  ? 13.720  3.935   -11.309 0.00 15.00  ? 75   ASN A HD21 1 
ATOM   565  H HD22 . ASN A 1 65  ? 12.903  2.433   -11.535 0.00 15.00  ? 75   ASN A HD22 1 
ATOM   566  N N    . ALA A 1 66  ? 10.591  -0.731  -8.531  1.00 36.76  ? 76   ALA A N    1 
ATOM   567  C CA   . ALA A 1 66  ? 10.229  -2.057  -8.065  1.00 34.92  ? 76   ALA A CA   1 
ATOM   568  C C    . ALA A 1 66  ? 9.357   -2.679  -9.153  1.00 37.74  ? 76   ALA A C    1 
ATOM   569  O O    . ALA A 1 66  ? 8.936   -1.993  -10.101 1.00 37.29  ? 76   ALA A O    1 
ATOM   570  C CB   . ALA A 1 66  ? 9.458   -1.974  -6.765  1.00 35.19  ? 76   ALA A CB   1 
ATOM   571  H H    . ALA A 1 66  ? 9.925   -0.022  -8.424  0.00 15.00  ? 76   ALA A H    1 
ATOM   572  N N    . VAL A 1 67  ? 9.094   -3.973  -9.032  1.00 36.44  ? 77   VAL A N    1 
ATOM   573  C CA   . VAL A 1 67  ? 8.252   -4.655  -10.001 1.00 36.54  ? 77   VAL A CA   1 
ATOM   574  C C    . VAL A 1 67  ? 7.066   -5.205  -9.249  1.00 33.32  ? 77   VAL A C    1 
ATOM   575  O O    . VAL A 1 67  ? 7.175   -5.505  -8.070  1.00 35.04  ? 77   VAL A O    1 
ATOM   576  C CB   . VAL A 1 67  ? 8.999   -5.822  -10.744 1.00 39.56  ? 77   VAL A CB   1 
ATOM   577  C CG1  . VAL A 1 67  ? 10.194  -5.281  -11.490 1.00 39.81  ? 77   VAL A CG1  1 
ATOM   578  C CG2  . VAL A 1 67  ? 9.430   -6.898  -9.771  1.00 41.09  ? 77   VAL A CG2  1 
ATOM   579  H H    . VAL A 1 67  ? 9.458   -4.480  -8.274  0.00 15.00  ? 77   VAL A H    1 
ATOM   580  N N    . GLY A 1 68  ? 5.923   -5.286  -9.919  1.00 31.35  ? 78   GLY A N    1 
ATOM   581  C CA   . GLY A 1 68  ? 4.736   -5.818  -9.283  1.00 29.08  ? 78   GLY A CA   1 
ATOM   582  C C    . GLY A 1 68  ? 4.114   -4.856  -8.300  1.00 28.79  ? 78   GLY A C    1 
ATOM   583  O O    . GLY A 1 68  ? 3.503   -5.269  -7.321  1.00 31.79  ? 78   GLY A O    1 
ATOM   584  H H    . GLY A 1 68  ? 5.889   -4.959  -10.833 0.00 15.00  ? 78   GLY A H    1 
ATOM   585  N N    . ASN A 1 69  ? 4.240   -3.566  -8.575  1.00 28.48  ? 79   ASN A N    1 
ATOM   586  C CA   . ASN A 1 69  ? 3.693   -2.556  -7.690  1.00 26.47  ? 79   ASN A CA   1 
ATOM   587  C C    . ASN A 1 69  ? 2.189   -2.586  -7.632  1.00 27.06  ? 79   ASN A C    1 
ATOM   588  O O    . ASN A 1 69  ? 1.610   -2.236  -6.630  1.00 31.32  ? 79   ASN A O    1 
ATOM   589  C CB   . ASN A 1 69  ? 4.196   -1.182  -8.095  1.00 21.54  ? 79   ASN A CB   1 
ATOM   590  C CG   . ASN A 1 69  ? 5.589   -0.919  -7.593  1.00 20.74  ? 79   ASN A CG   1 
ATOM   591  O OD1  . ASN A 1 69  ? 5.988   -1.424  -6.547  1.00 26.06  ? 79   ASN A OD1  1 
ATOM   592  N ND2  . ASN A 1 69  ? 6.340   -0.139  -8.333  1.00 20.46  ? 79   ASN A ND2  1 
ATOM   593  H H    . ASN A 1 69  ? 4.709   -3.288  -9.391  0.00 15.00  ? 79   ASN A H    1 
ATOM   594  H HD21 . ASN A 1 69  ? 7.238   0.094   -8.033  0.00 15.00  ? 79   ASN A HD21 1 
ATOM   595  H HD22 . ASN A 1 69  ? 5.948   0.186   -9.157  0.00 15.00  ? 79   ASN A HD22 1 
ATOM   596  N N    . CYS A 1 70  ? 1.542   -3.030  -8.694  1.00 31.95  ? 80   CYS A N    1 
ATOM   597  C CA   . CYS A 1 70  ? 0.093   -3.107  -8.696  1.00 32.50  ? 80   CYS A CA   1 
ATOM   598  C C    . CYS A 1 70  ? -0.450  -4.234  -9.571  1.00 34.74  ? 80   CYS A C    1 
ATOM   599  O O    . CYS A 1 70  ? 0.236   -4.767  -10.453 1.00 32.96  ? 80   CYS A O    1 
ATOM   600  C CB   . CYS A 1 70  ? -0.521  -1.753  -9.083  1.00 31.73  ? 80   CYS A CB   1 
ATOM   601  S SG   . CYS A 1 70  ? -0.655  -1.276  -10.835 1.00 29.19  ? 80   CYS A SG   1 
ATOM   602  H H    . CYS A 1 70  ? 2.012   -3.321  -9.500  0.00 15.00  ? 80   CYS A H    1 
ATOM   603  N N    . ASN A 1 71  ? -1.664  -4.646  -9.239  1.00 34.39  ? 81   ASN A N    1 
ATOM   604  C CA   . ASN A 1 71  ? -2.362  -5.690  -9.949  1.00 32.96  ? 81   ASN A CA   1 
ATOM   605  C C    . ASN A 1 71  ? -2.616  -5.173  -11.364 1.00 33.08  ? 81   ASN A C    1 
ATOM   606  O O    . ASN A 1 71  ? -3.245  -4.127  -11.564 1.00 30.56  ? 81   ASN A O    1 
ATOM   607  C CB   . ASN A 1 71  ? -3.665  -5.987  -9.207  1.00 36.42  ? 81   ASN A CB   1 
ATOM   608  C CG   . ASN A 1 71  ? -4.536  -7.021  -9.909  1.00 41.14  ? 81   ASN A CG   1 
ATOM   609  O OD1  . ASN A 1 71  ? -4.986  -6.827  -11.043 1.00 42.39  ? 81   ASN A OD1  1 
ATOM   610  N ND2  . ASN A 1 71  ? -4.800  -8.113  -9.221  1.00 40.82  ? 81   ASN A ND2  1 
ATOM   611  H H    . ASN A 1 71  ? -2.081  -4.215  -8.470  0.00 15.00  ? 81   ASN A H    1 
ATOM   612  H HD21 . ASN A 1 71  ? -5.348  -8.807  -9.640  0.00 15.00  ? 81   ASN A HD21 1 
ATOM   613  H HD22 . ASN A 1 71  ? -4.431  -8.187  -8.312  0.00 15.00  ? 81   ASN A HD22 1 
ATOM   614  N N    . ARG A 1 72  ? -2.111  -5.914  -12.344 1.00 35.01  ? 82   ARG A N    1 
ATOM   615  C CA   . ARG A 1 72  ? -2.230  -5.560  -13.752 1.00 34.44  ? 82   ARG A CA   1 
ATOM   616  C C    . ARG A 1 72  ? -3.651  -5.497  -14.282 1.00 30.41  ? 82   ARG A C    1 
ATOM   617  O O    . ARG A 1 72  ? -3.884  -4.918  -15.324 1.00 33.50  ? 82   ARG A O    1 
ATOM   618  C CB   . ARG A 1 72  ? -1.409  -6.523  -14.600 1.00 40.24  ? 82   ARG A CB   1 
ATOM   619  C CG   . ARG A 1 72  ? 0.136   -6.373  -14.489 1.00 51.59  ? 82   ARG A CG   1 
ATOM   620  C CD   . ARG A 1 72  ? 0.813   -7.667  -15.027 1.00 63.11  ? 82   ARG A CD   1 
ATOM   621  N NE   . ARG A 1 72  ? 2.169   -7.519  -15.562 1.00 66.90  ? 82   ARG A NE   1 
ATOM   622  C CZ   . ARG A 1 72  ? 2.503   -7.804  -16.823 1.00 70.71  ? 82   ARG A CZ   1 
ATOM   623  N NH1  . ARG A 1 72  ? 1.580   -8.214  -17.683 1.00 71.00  ? 82   ARG A NH1  1 
ATOM   624  N NH2  . ARG A 1 72  ? 3.757   -7.661  -17.241 1.00 75.68  ? 82   ARG A NH2  1 
ATOM   625  H H    . ARG A 1 72  ? -1.633  -6.734  -12.107 0.00 15.00  ? 82   ARG A H    1 
ATOM   626  H HE   . ARG A 1 72  ? 2.866   -7.190  -14.959 0.00 15.00  ? 82   ARG A HE   1 
ATOM   627  H HH11 . ARG A 1 72  ? 0.627   -8.320  -17.408 0.00 15.00  ? 82   ARG A HH11 1 
ATOM   628  H HH12 . ARG A 1 72  ? 1.859   -8.424  -18.622 0.00 15.00  ? 82   ARG A HH12 1 
ATOM   629  H HH21 . ARG A 1 72  ? 4.449   -7.332  -16.596 0.00 15.00  ? 82   ARG A HH21 1 
ATOM   630  H HH22 . ARG A 1 72  ? 4.014   -7.871  -18.182 0.00 15.00  ? 82   ARG A HH22 1 
ATOM   631  N N    . LEU A 1 73  ? -4.606  -6.048  -13.555 1.00 29.78  ? 83   LEU A N    1 
ATOM   632  C CA   . LEU A 1 73  ? -5.982  -6.021  -14.001 1.00 30.58  ? 83   LEU A CA   1 
ATOM   633  C C    . LEU A 1 73  ? -6.824  -4.976  -13.280 1.00 32.22  ? 83   LEU A C    1 
ATOM   634  O O    . LEU A 1 73  ? -7.510  -4.191  -13.919 1.00 34.49  ? 83   LEU A O    1 
ATOM   635  C CB   . LEU A 1 73  ? -6.597  -7.413  -13.821 1.00 35.90  ? 83   LEU A CB   1 
ATOM   636  C CG   . LEU A 1 73  ? -7.853  -7.783  -14.621 1.00 40.94  ? 83   LEU A CG   1 
ATOM   637  C CD1  . LEU A 1 73  ? -9.123  -7.619  -13.792 1.00 46.17  ? 83   LEU A CD1  1 
ATOM   638  C CD2  . LEU A 1 73  ? -7.911  -6.923  -15.875 1.00 43.61  ? 83   LEU A CD2  1 
ATOM   639  H H    . LEU A 1 73  ? -4.396  -6.474  -12.716 0.00 15.00  ? 83   LEU A H    1 
ATOM   640  N N    . THR A 1 74  ? -6.766  -4.957  -11.950 1.00 34.32  ? 84   THR A N    1 
ATOM   641  C CA   . THR A 1 74  ? -7.561  -4.025  -11.142 1.00 33.22  ? 84   THR A CA   1 
ATOM   642  C C    . THR A 1 74  ? -6.894  -2.719  -10.695 1.00 33.76  ? 84   THR A C    1 
ATOM   643  O O    . THR A 1 74  ? -7.576  -1.744  -10.348 1.00 34.38  ? 84   THR A O    1 
ATOM   644  C CB   . THR A 1 74  ? -8.067  -4.726  -9.897  1.00 31.37  ? 84   THR A CB   1 
ATOM   645  O OG1  . THR A 1 74  ? -6.955  -5.142  -9.102  1.00 30.83  ? 84   THR A OG1  1 
ATOM   646  C CG2  . THR A 1 74  ? -8.867  -5.932  -10.281 1.00 27.45  ? 84   THR A CG2  1 
ATOM   647  H H    . THR A 1 74  ? -6.191  -5.584  -11.494 0.00 15.00  ? 84   THR A H    1 
ATOM   648  H HG1  . THR A 1 74  ? -7.328  -5.534  -8.303  0.00 15.00  ? 84   THR A HG1  1 
ATOM   649  N N    . GLY A 1 75  ? -5.568  -2.699  -10.675 1.00 32.94  ? 85   GLY A N    1 
ATOM   650  C CA   . GLY A 1 75  ? -4.863  -1.503  -10.264 1.00 28.25  ? 85   GLY A CA   1 
ATOM   651  C C    . GLY A 1 75  ? -4.604  -1.417  -8.779  1.00 27.31  ? 85   GLY A C    1 
ATOM   652  O O    . GLY A 1 75  ? -4.086  -0.422  -8.312  1.00 26.42  ? 85   GLY A O    1 
ATOM   653  H H    . GLY A 1 75  ? -5.039  -3.477  -10.944 0.00 15.00  ? 85   GLY A H    1 
ATOM   654  N N    . GLU A 1 76  ? -4.983  -2.451  -8.049  1.00 26.00  ? 86   GLU A N    1 
ATOM   655  C CA   . GLU A 1 76  ? -4.779  -2.521  -6.625  1.00 28.01  ? 86   GLU A CA   1 
ATOM   656  C C    . GLU A 1 76  ? -3.297  -2.494  -6.354  1.00 30.07  ? 86   GLU A C    1 
ATOM   657  O O    . GLU A 1 76  ? -2.552  -3.311  -6.910  1.00 30.58  ? 86   GLU A O    1 
ATOM   658  C CB   . GLU A 1 76  ? -5.363  -3.812  -6.083  1.00 30.28  ? 86   GLU A CB   1 
ATOM   659  C CG   . GLU A 1 76  ? -5.019  -4.063  -4.627  1.00 35.35  ? 86   GLU A CG   1 
ATOM   660  C CD   . GLU A 1 76  ? -5.652  -5.322  -4.075  1.00 38.46  ? 86   GLU A CD   1 
ATOM   661  O OE1  . GLU A 1 76  ? -6.070  -6.209  -4.862  1.00 42.35  ? 86   GLU A OE1  1 
ATOM   662  O OE2  . GLU A 1 76  ? -5.730  -5.422  -2.838  1.00 42.52  ? 86   GLU A OE2  1 
ATOM   663  H H    . GLU A 1 76  ? -5.432  -3.209  -8.474  0.00 15.00  ? 86   GLU A H    1 
ATOM   664  N N    . CYS A 1 77  ? -2.877  -1.567  -5.492  1.00 31.48  ? 87   CYS A N    1 
ATOM   665  C CA   . CYS A 1 77  ? -1.468  -1.394  -5.159  1.00 31.05  ? 87   CYS A CA   1 
ATOM   666  C C    . CYS A 1 77  ? -1.027  -2.518  -4.263  1.00 31.14  ? 87   CYS A C    1 
ATOM   667  O O    . CYS A 1 77  ? -1.686  -2.856  -3.298  1.00 35.12  ? 87   CYS A O    1 
ATOM   668  C CB   . CYS A 1 77  ? -1.243  -0.025  -4.531  1.00 27.05  ? 87   CYS A CB   1 
ATOM   669  S SG   . CYS A 1 77  ? -1.909  1.257   -5.620  1.00 27.07  ? 87   CYS A SG   1 
ATOM   670  H H    . CYS A 1 77  ? -3.519  -0.984  -5.035  0.00 15.00  ? 87   CYS A H    1 
ATOM   671  N N    . LEU A 1 78  ? 0.117   -3.086  -4.585  1.00 32.00  ? 88   LEU A N    1 
ATOM   672  C CA   . LEU A 1 78  ? 0.605   -4.236  -3.874  1.00 30.34  ? 88   LEU A CA   1 
ATOM   673  C C    . LEU A 1 78  ? 1.863   -3.990  -3.093  1.00 30.93  ? 88   LEU A C    1 
ATOM   674  O O    . LEU A 1 78  ? 2.141   -4.683  -2.128  1.00 37.32  ? 88   LEU A O    1 
ATOM   675  C CB   . LEU A 1 78  ? 0.832   -5.358  -4.893  1.00 31.43  ? 88   LEU A CB   1 
ATOM   676  C CG   . LEU A 1 78  ? -0.402  -5.688  -5.739  1.00 28.26  ? 88   LEU A CG   1 
ATOM   677  C CD1  . LEU A 1 78  ? -0.065  -6.568  -6.941  1.00 27.16  ? 88   LEU A CD1  1 
ATOM   678  C CD2  . LEU A 1 78  ? -1.391  -6.353  -4.818  1.00 28.41  ? 88   LEU A CD2  1 
ATOM   679  H H    . LEU A 1 78  ? 0.624   -2.716  -5.305  0.00 15.00  ? 88   LEU A H    1 
ATOM   680  N N    . LYS A 1 79  ? 2.635   -3.003  -3.490  1.00 30.55  ? 89   LYS A N    1 
ATOM   681  C CA   . LYS A 1 79  ? 3.871   -2.758  -2.791  1.00 29.04  ? 89   LYS A CA   1 
ATOM   682  C C    . LYS A 1 79  ? 3.975   -1.343  -2.280  1.00 31.37  ? 89   LYS A C    1 
ATOM   683  O O    . LYS A 1 79  ? 4.875   -0.605  -2.708  1.00 31.57  ? 89   LYS A O    1 
ATOM   684  C CB   . LYS A 1 79  ? 5.038   -3.048  -3.716  1.00 30.18  ? 89   LYS A CB   1 
ATOM   685  C CG   . LYS A 1 79  ? 5.144   -4.477  -4.086  1.00 32.02  ? 89   LYS A CG   1 
ATOM   686  C CD   . LYS A 1 79  ? 6.396   -4.661  -4.847  1.00 38.00  ? 89   LYS A CD   1 
ATOM   687  C CE   . LYS A 1 79  ? 6.714   -6.119  -4.968  1.00 44.64  ? 89   LYS A CE   1 
ATOM   688  N NZ   . LYS A 1 79  ? 8.047   -6.298  -5.605  1.00 47.81  ? 89   LYS A NZ   1 
ATOM   689  H H    . LYS A 1 79  ? 2.375   -2.448  -4.252  0.00 15.00  ? 89   LYS A H    1 
ATOM   690  H HZ1  . LYS A 1 79  ? 8.788   -5.795  -5.077  0.00 15.00  ? 89   LYS A HZ1  1 
ATOM   691  H HZ2  . LYS A 1 79  ? 8.274   -7.313  -5.646  0.00 15.00  ? 89   LYS A HZ2  1 
ATOM   692  H HZ3  . LYS A 1 79  ? 7.976   -5.926  -6.564  0.00 15.00  ? 89   LYS A HZ3  1 
ATOM   693  N N    . CYS A 1 80  ? 3.056   -0.964  -1.383  1.00 30.53  ? 90   CYS A N    1 
ATOM   694  C CA   . CYS A 1 80  ? 3.044   0.374   -0.795  1.00 28.05  ? 90   CYS A CA   1 
ATOM   695  C C    . CYS A 1 80  ? 4.244   0.591   0.129   1.00 29.80  ? 90   CYS A C    1 
ATOM   696  O O    . CYS A 1 80  ? 4.520   -0.250  0.982   1.00 34.41  ? 90   CYS A O    1 
ATOM   697  C CB   . CYS A 1 80  ? 1.781   0.557   0.008   1.00 26.93  ? 90   CYS A CB   1 
ATOM   698  S SG   . CYS A 1 80  ? 0.260   0.518   -0.961  1.00 26.18  ? 90   CYS A SG   1 
ATOM   699  H H    . CYS A 1 80  ? 2.367   -1.599  -1.099  0.00 15.00  ? 90   CYS A H    1 
ATOM   700  N N    . ILE A 1 81  ? 4.960   1.704   -0.017  1.00 28.79  ? 91   ILE A N    1 
ATOM   701  C CA   . ILE A 1 81  ? 6.112   1.960   0.848   1.00 28.03  ? 91   ILE A CA   1 
ATOM   702  C C    . ILE A 1 81  ? 5.819   3.058   1.854   1.00 30.07  ? 91   ILE A C    1 
ATOM   703  O O    . ILE A 1 81  ? 4.736   3.636   1.839   1.00 34.35  ? 91   ILE A O    1 
ATOM   704  C CB   . ILE A 1 81  ? 7.348   2.336   0.039   1.00 26.26  ? 91   ILE A CB   1 
ATOM   705  C CG1  . ILE A 1 81  ? 7.120   3.616   -0.757  1.00 27.81  ? 91   ILE A CG1  1 
ATOM   706  C CG2  . ILE A 1 81  ? 7.672   1.223   -0.919  1.00 30.66  ? 91   ILE A CG2  1 
ATOM   707  C CD1  . ILE A 1 81  ? 8.365   4.079   -1.518  1.00 25.37  ? 91   ILE A CD1  1 
ATOM   708  H H    . ILE A 1 81  ? 4.683   2.342   -0.700  0.00 15.00  ? 91   ILE A H    1 
ATOM   709  N N    . TYR A 1 82  ? 6.775   3.329   2.739   1.00 29.71  ? 92   TYR A N    1 
ATOM   710  C CA   . TYR A 1 82  ? 6.661   4.369   3.778   1.00 27.17  ? 92   TYR A CA   1 
ATOM   711  C C    . TYR A 1 82  ? 5.617   4.052   4.828   1.00 28.39  ? 92   TYR A C    1 
ATOM   712  O O    . TYR A 1 82  ? 5.047   4.962   5.428   1.00 33.25  ? 92   TYR A O    1 
ATOM   713  C CB   . TYR A 1 82  ? 6.338   5.738   3.179   1.00 24.50  ? 92   TYR A CB   1 
ATOM   714  C CG   . TYR A 1 82  ? 7.334   6.217   2.178   1.00 25.33  ? 92   TYR A CG   1 
ATOM   715  C CD1  . TYR A 1 82  ? 8.692   6.113   2.435   1.00 26.67  ? 92   TYR A CD1  1 
ATOM   716  C CD2  . TYR A 1 82  ? 6.929   6.747   0.964   1.00 24.01  ? 92   TYR A CD2  1 
ATOM   717  C CE1  . TYR A 1 82  ? 9.627   6.517   1.517   1.00 26.52  ? 92   TYR A CE1  1 
ATOM   718  C CE2  . TYR A 1 82  ? 7.856   7.153   0.037   1.00 30.55  ? 92   TYR A CE2  1 
ATOM   719  C CZ   . TYR A 1 82  ? 9.209   7.028   0.332   1.00 30.11  ? 92   TYR A CZ   1 
ATOM   720  O OH   . TYR A 1 82  ? 10.170  7.407   -0.554  1.00 32.90  ? 92   TYR A OH   1 
ATOM   721  H H    . TYR A 1 82  ? 7.607   2.807   2.701   0.00 15.00  ? 92   TYR A H    1 
ATOM   722  H HH   . TYR A 1 82  ? 9.726   7.815   -1.304  0.00 15.00  ? 92   TYR A HH   1 
ATOM   723  N N    . ASN A 1 83  ? 5.368   2.768   5.044   1.00 30.13  ? 93   ASN A N    1 
ATOM   724  C CA   . ASN A 1 83  ? 4.390   2.310   6.020   1.00 29.98  ? 93   ASN A CA   1 
ATOM   725  C C    . ASN A 1 83  ? 2.964   2.626   5.643   1.00 30.02  ? 93   ASN A C    1 
ATOM   726  O O    . ASN A 1 83  ? 2.072   2.581   6.500   1.00 30.96  ? 93   ASN A O    1 
ATOM   727  C CB   . ASN A 1 83  ? 4.692   2.883   7.400   1.00 36.28  ? 93   ASN A CB   1 
ATOM   728  C CG   . ASN A 1 83  ? 6.041   2.439   7.926   1.00 38.49  ? 93   ASN A CG   1 
ATOM   729  O OD1  . ASN A 1 83  ? 6.412   1.284   7.762   1.00 39.45  ? 93   ASN A OD1  1 
ATOM   730  N ND2  . ASN A 1 83  ? 6.775   3.348   8.564   1.00 43.56  ? 93   ASN A ND2  1 
ATOM   731  H H    . ASN A 1 83  ? 5.868   2.098   4.538   0.00 15.00  ? 93   ASN A H    1 
ATOM   732  H HD21 . ASN A 1 83  ? 7.654   3.071   8.886   0.00 15.00  ? 93   ASN A HD21 1 
ATOM   733  H HD22 . ASN A 1 83  ? 6.410   4.258   8.680   0.00 15.00  ? 93   ASN A HD22 1 
ATOM   734  N N    . THR A 1 84  ? 2.746   2.933   4.364   1.00 30.82  ? 94   THR A N    1 
ATOM   735  C CA   . THR A 1 84  ? 1.411   3.217   3.850   1.00 29.51  ? 94   THR A CA   1 
ATOM   736  C C    . THR A 1 84  ? 0.740   1.885   3.483   1.00 28.86  ? 94   THR A C    1 
ATOM   737  O O    . THR A 1 84  ? 1.383   0.845   3.415   1.00 30.70  ? 94   THR A O    1 
ATOM   738  C CB   . THR A 1 84  ? 1.442   4.164   2.627   1.00 29.19  ? 94   THR A CB   1 
ATOM   739  O OG1  . THR A 1 84  ? 2.063   3.511   1.524   1.00 29.23  ? 94   THR A OG1  1 
ATOM   740  C CG2  . THR A 1 84  ? 2.221   5.435   2.946   1.00 22.79  ? 94   THR A CG2  1 
ATOM   741  H H    . THR A 1 84  ? 3.474   2.972   3.719   0.00 15.00  ? 94   THR A H    1 
ATOM   742  H HG1  . THR A 1 84  ? 3.002   3.611   1.632   0.00 15.00  ? 94   THR A HG1  1 
ATOM   743  N N    . ALA A 1 85  ? -0.558  1.912   3.269   1.00 27.29  ? 95   ALA A N    1 
ATOM   744  C CA   . ALA A 1 85  ? -1.272  0.697   2.978   1.00 27.04  ? 95   ALA A CA   1 
ATOM   745  C C    . ALA A 1 85  ? -2.603  1.052   2.335   1.00 27.14  ? 95   ALA A C    1 
ATOM   746  O O    . ALA A 1 85  ? -2.788  2.185   1.901   1.00 31.56  ? 95   ALA A O    1 
ATOM   747  C CB   . ALA A 1 85  ? -1.480  -0.078  4.259   1.00 21.38  ? 95   ALA A CB   1 
ATOM   748  H H    . ALA A 1 85  ? -1.039  2.763   3.304   0.00 15.00  ? 95   ALA A H    1 
ATOM   749  N N    . GLY A 1 86  ? -3.525  0.097   2.268   1.00 28.40  ? 96   GLY A N    1 
ATOM   750  C CA   . GLY A 1 86  ? -4.819  0.344   1.650   1.00 30.63  ? 96   GLY A CA   1 
ATOM   751  C C    . GLY A 1 86  ? -4.842  0.044   0.157   1.00 31.98  ? 96   GLY A C    1 
ATOM   752  O O    . GLY A 1 86  ? -3.789  -0.108  -0.464  1.00 33.05  ? 96   GLY A O    1 
ATOM   753  H H    . GLY A 1 86  ? -3.353  -0.800  2.636   0.00 15.00  ? 96   GLY A H    1 
ATOM   754  N N    . PHE A 1 87  ? -6.029  0.017   -0.439  1.00 32.86  ? 97   PHE A N    1 
ATOM   755  C CA   . PHE A 1 87  ? -6.148  -0.308  -1.863  1.00 30.70  ? 97   PHE A CA   1 
ATOM   756  C C    . PHE A 1 87  ? -5.255  0.502   -2.749  1.00 27.94  ? 97   PHE A C    1 
ATOM   757  O O    . PHE A 1 87  ? -4.721  -0.016  -3.702  1.00 28.58  ? 97   PHE A O    1 
ATOM   758  C CB   . PHE A 1 87  ? -7.584  -0.131  -2.353  1.00 32.53  ? 97   PHE A CB   1 
ATOM   759  C CG   . PHE A 1 87  ? -7.942  -1.017  -3.521  1.00 35.41  ? 97   PHE A CG   1 
ATOM   760  C CD1  . PHE A 1 87  ? -8.427  -2.302  -3.314  1.00 37.01  ? 97   PHE A CD1  1 
ATOM   761  C CD2  . PHE A 1 87  ? -7.807  -0.573  -4.818  1.00 35.11  ? 97   PHE A CD2  1 
ATOM   762  C CE1  . PHE A 1 87  ? -8.766  -3.115  -4.384  1.00 32.95  ? 97   PHE A CE1  1 
ATOM   763  C CE2  . PHE A 1 87  ? -8.147  -1.384  -5.886  1.00 30.60  ? 97   PHE A CE2  1 
ATOM   764  C CZ   . PHE A 1 87  ? -8.623  -2.645  -5.664  1.00 30.47  ? 97   PHE A CZ   1 
ATOM   765  H H    . PHE A 1 87  ? -6.835  0.201   0.094   0.00 15.00  ? 97   PHE A H    1 
ATOM   766  N N    . TYR A 1 88  ? -5.098  1.782   -2.445  1.00 29.11  ? 98   TYR A N    1 
ATOM   767  C CA   . TYR A 1 88  ? -4.266  2.640   -3.276  1.00 28.76  ? 98   TYR A CA   1 
ATOM   768  C C    . TYR A 1 88  ? -3.138  3.353   -2.532  1.00 27.36  ? 98   TYR A C    1 
ATOM   769  O O    . TYR A 1 88  ? -2.735  4.449   -2.934  1.00 25.77  ? 98   TYR A O    1 
ATOM   770  C CB   . TYR A 1 88  ? -5.142  3.681   -3.964  1.00 32.12  ? 98   TYR A CB   1 
ATOM   771  C CG   . TYR A 1 88  ? -6.300  3.117   -4.761  1.00 39.86  ? 98   TYR A CG   1 
ATOM   772  C CD1  . TYR A 1 88  ? -6.085  2.361   -5.923  1.00 41.14  ? 98   TYR A CD1  1 
ATOM   773  C CD2  . TYR A 1 88  ? -7.616  3.387   -4.384  1.00 41.32  ? 98   TYR A CD2  1 
ATOM   774  C CE1  . TYR A 1 88  ? -7.161  1.896   -6.694  1.00 45.40  ? 98   TYR A CE1  1 
ATOM   775  C CE2  . TYR A 1 88  ? -8.694  2.937   -5.136  1.00 46.20  ? 98   TYR A CE2  1 
ATOM   776  C CZ   . TYR A 1 88  ? -8.469  2.192   -6.293  1.00 49.94  ? 98   TYR A CZ   1 
ATOM   777  O OH   . TYR A 1 88  ? -9.569  1.769   -7.031  1.00 54.20  ? 98   TYR A OH   1 
ATOM   778  H H    . TYR A 1 88  ? -5.546  2.157   -1.664  0.00 15.00  ? 98   TYR A H    1 
ATOM   779  H HH   . TYR A 1 88  ? -9.273  1.267   -7.808  0.00 15.00  ? 98   TYR A HH   1 
ATOM   780  N N    . CYS A 1 89  ? -2.616  2.721   -1.474  1.00 27.94  ? 99   CYS A N    1 
ATOM   781  C CA   . CYS A 1 89  ? -1.547  3.289   -0.627  1.00 28.00  ? 99   CYS A CA   1 
ATOM   782  C C    . CYS A 1 89  ? -2.048  4.631   -0.083  1.00 27.64  ? 99   CYS A C    1 
ATOM   783  O O    . CYS A 1 89  ? -1.351  5.655   -0.113  1.00 25.51  ? 99   CYS A O    1 
ATOM   784  C CB   . CYS A 1 89  ? -0.259  3.503   -1.423  1.00 28.10  ? 99   CYS A CB   1 
ATOM   785  S SG   . CYS A 1 89  ? 0.442   2.044   -2.254  1.00 27.40  ? 99   CYS A SG   1 
ATOM   786  H H    . CYS A 1 89  ? -2.941  1.818   -1.261  0.00 15.00  ? 99   CYS A H    1 
ATOM   787  N N    . ASP A 1 90  ? -3.278  4.596   0.411   1.00 24.74  ? 100  ASP A N    1 
ATOM   788  C CA   . ASP A 1 90  ? -3.928  5.769   0.909   1.00 26.79  ? 100  ASP A CA   1 
ATOM   789  C C    . ASP A 1 90  ? -4.382  5.631   2.351   1.00 29.80  ? 100  ASP A C    1 
ATOM   790  O O    . ASP A 1 90  ? -5.243  6.379   2.832   1.00 32.88  ? 100  ASP A O    1 
ATOM   791  C CB   . ASP A 1 90  ? -5.084  6.181   -0.033  1.00 25.65  ? 100  ASP A CB   1 
ATOM   792  C CG   . ASP A 1 90  ? -6.061  5.038   -0.378  1.00 25.40  ? 100  ASP A CG   1 
ATOM   793  O OD1  . ASP A 1 90  ? -5.940  3.875   0.071   1.00 27.82  ? 100  ASP A OD1  1 
ATOM   794  O OD2  . ASP A 1 90  ? -6.989  5.329   -1.150  1.00 27.98  ? 100  ASP A OD2  1 
ATOM   795  H H    . ASP A 1 90  ? -3.726  3.730   0.459   0.00 15.00  ? 100  ASP A H    1 
ATOM   796  N N    . ARG A 1 91  ? -3.803  4.662   3.040   1.00 27.68  ? 101  ARG A N    1 
ATOM   797  C CA   . ARG A 1 91  ? -4.076  4.463   4.451   1.00 26.74  ? 101  ARG A CA   1 
ATOM   798  C C    . ARG A 1 91  ? -2.693  4.230   5.017   1.00 28.88  ? 101  ARG A C    1 
ATOM   799  O O    . ARG A 1 91  ? -1.725  4.240   4.260   1.00 28.75  ? 101  ARG A O    1 
ATOM   800  C CB   . ARG A 1 91  ? -4.935  3.229   4.660   1.00 23.44  ? 101  ARG A CB   1 
ATOM   801  C CG   . ARG A 1 91  ? -6.311  3.338   4.045   1.00 25.49  ? 101  ARG A CG   1 
ATOM   802  C CD   . ARG A 1 91  ? -7.147  4.454   4.678   1.00 25.96  ? 101  ARG A CD   1 
ATOM   803  N NE   . ARG A 1 91  ? -8.538  4.428   4.212   1.00 27.14  ? 101  ARG A NE   1 
ATOM   804  C CZ   . ARG A 1 91  ? -9.038  5.238   3.278   1.00 27.66  ? 101  ARG A CZ   1 
ATOM   805  N NH1  . ARG A 1 91  ? -8.264  6.140   2.710   1.00 25.80  ? 101  ARG A NH1  1 
ATOM   806  N NH2  . ARG A 1 91  ? -10.317 5.153   2.924   1.00 30.07  ? 101  ARG A NH2  1 
ATOM   807  H H    . ARG A 1 91  ? -3.168  4.049   2.613   0.00 15.00  ? 101  ARG A H    1 
ATOM   808  H HE   . ARG A 1 91  ? -9.141  3.771   4.617   0.00 15.00  ? 101  ARG A HE   1 
ATOM   809  H HH11 . ARG A 1 91  ? -7.300  6.230   2.958   0.00 15.00  ? 101  ARG A HH11 1 
ATOM   810  H HH12 . ARG A 1 91  ? -8.647  6.738   2.022   0.00 15.00  ? 101  ARG A HH12 1 
ATOM   811  H HH21 . ARG A 1 91  ? -10.909 4.474   3.363   0.00 15.00  ? 101  ARG A HH21 1 
ATOM   812  H HH22 . ARG A 1 91  ? -10.683 5.752   2.228   0.00 15.00  ? 101  ARG A HH22 1 
ATOM   813  N N    . CYS A 1 92  ? -2.581  4.069   6.335   1.00 32.51  ? 102  CYS A N    1 
ATOM   814  C CA   . CYS A 1 92  ? -1.290  3.760   6.967   1.00 30.65  ? 102  CYS A CA   1 
ATOM   815  C C    . CYS A 1 92  ? -1.419  2.315   7.407   1.00 28.45  ? 102  CYS A C    1 
ATOM   816  O O    . CYS A 1 92  ? -2.531  1.834   7.634   1.00 31.62  ? 102  CYS A O    1 
ATOM   817  C CB   . CYS A 1 92  ? -1.020  4.615   8.202   1.00 27.96  ? 102  CYS A CB   1 
ATOM   818  S SG   . CYS A 1 92  ? -0.501  6.300   7.844   1.00 27.07  ? 102  CYS A SG   1 
ATOM   819  H H    . CYS A 1 92  ? -3.371  4.150   6.912   0.00 15.00  ? 102  CYS A H    1 
ATOM   820  N N    . LYS A 1 93  ? -0.293  1.620   7.513   1.00 30.46  ? 103  LYS A N    1 
ATOM   821  C CA   . LYS A 1 93  ? -0.282  0.226   7.941   1.00 34.17  ? 103  LYS A CA   1 
ATOM   822  C C    . LYS A 1 93  ? -0.993  0.163   9.284   1.00 37.61  ? 103  LYS A C    1 
ATOM   823  O O    . LYS A 1 93  ? -1.144  1.185   9.944   1.00 41.82  ? 103  LYS A O    1 
ATOM   824  C CB   . LYS A 1 93  ? 1.158   -0.232  8.117   1.00 35.33  ? 103  LYS A CB   1 
ATOM   825  C CG   . LYS A 1 93  ? 1.537   -1.422  7.295   1.00 41.37  ? 103  LYS A CG   1 
ATOM   826  C CD   . LYS A 1 93  ? 2.696   -2.194  7.927   1.00 52.06  ? 103  LYS A CD   1 
ATOM   827  C CE   . LYS A 1 93  ? 4.039   -1.523  7.706   1.00 58.86  ? 103  LYS A CE   1 
ATOM   828  N NZ   . LYS A 1 93  ? 4.560   -1.752  6.313   1.00 64.56  ? 103  LYS A NZ   1 
ATOM   829  H H    . LYS A 1 93  ? 0.549   2.046   7.292   0.00 15.00  ? 103  LYS A H    1 
ATOM   830  H HZ1  . LYS A 1 93  ? 3.897   -1.362  5.616   0.00 15.00  ? 103  LYS A HZ1  1 
ATOM   831  H HZ2  . LYS A 1 93  ? 5.481   -1.275  6.240   0.00 15.00  ? 103  LYS A HZ2  1 
ATOM   832  H HZ3  . LYS A 1 93  ? 4.679   -2.776  6.171   0.00 15.00  ? 103  LYS A HZ3  1 
ATOM   833  N N    . GLU A 1 94  ? -1.449  -1.005  9.706   1.00 42.07  ? 104  GLU A N    1 
ATOM   834  C CA   . GLU A 1 94  ? -2.084  -1.082  11.015  1.00 44.62  ? 104  GLU A CA   1 
ATOM   835  C C    . GLU A 1 94  ? -0.959  -0.933  12.038  1.00 42.42  ? 104  GLU A C    1 
ATOM   836  O O    . GLU A 1 94  ? 0.110   -1.533  11.874  1.00 42.58  ? 104  GLU A O    1 
ATOM   837  C CB   . GLU A 1 94  ? -2.792  -2.418  11.212  1.00 54.35  ? 104  GLU A CB   1 
ATOM   838  C CG   . GLU A 1 94  ? -3.385  -2.612  12.615  1.00 73.41  ? 104  GLU A CG   1 
ATOM   839  C CD   . GLU A 1 94  ? -4.515  -1.624  12.947  1.00 84.79  ? 104  GLU A CD   1 
ATOM   840  O OE1  . GLU A 1 94  ? -4.234  -0.413  13.160  1.00 90.14  ? 104  GLU A OE1  1 
ATOM   841  O OE2  . GLU A 1 94  ? -5.690  -2.069  13.007  1.00 92.40  ? 104  GLU A OE2  1 
ATOM   842  H H    . GLU A 1 94  ? -1.343  -1.802  9.153   0.00 15.00  ? 104  GLU A H    1 
ATOM   843  N N    . GLY A 1 95  ? -1.201  -0.136  13.080  1.00 39.69  ? 105  GLY A N    1 
ATOM   844  C CA   . GLY A 1 95  ? -0.190  0.098   14.093  1.00 34.02  ? 105  GLY A CA   1 
ATOM   845  C C    . GLY A 1 95  ? 0.592   1.352   13.763  1.00 33.94  ? 105  GLY A C    1 
ATOM   846  O O    . GLY A 1 95  ? 1.595   1.648   14.406  1.00 37.48  ? 105  GLY A O    1 
ATOM   847  H H    . GLY A 1 95  ? -2.070  0.311   13.165  0.00 15.00  ? 105  GLY A H    1 
ATOM   848  N N    . PHE A 1 96  ? 0.139   2.092   12.758  1.00 34.11  ? 106  PHE A N    1 
ATOM   849  C CA   . PHE A 1 96  ? 0.778   3.344   12.323  1.00 30.27  ? 106  PHE A CA   1 
ATOM   850  C C    . PHE A 1 96  ? -0.305  4.441   12.240  1.00 29.37  ? 106  PHE A C    1 
ATOM   851  O O    . PHE A 1 96  ? -1.511  4.131   12.291  1.00 31.67  ? 106  PHE A O    1 
ATOM   852  C CB   . PHE A 1 96  ? 1.483   3.152   10.959  1.00 28.44  ? 106  PHE A CB   1 
ATOM   853  C CG   . PHE A 1 96  ? 2.756   2.339   11.033  1.00 30.93  ? 106  PHE A CG   1 
ATOM   854  C CD1  . PHE A 1 96  ? 2.714   0.952   11.137  1.00 29.71  ? 106  PHE A CD1  1 
ATOM   855  C CD2  . PHE A 1 96  ? 4.004   2.970   11.030  1.00 30.76  ? 106  PHE A CD2  1 
ATOM   856  C CE1  . PHE A 1 96  ? 3.890   0.216   11.241  1.00 28.72  ? 106  PHE A CE1  1 
ATOM   857  C CE2  . PHE A 1 96  ? 5.179   2.236   11.134  1.00 29.42  ? 106  PHE A CE2  1 
ATOM   858  C CZ   . PHE A 1 96  ? 5.120   0.855   11.241  1.00 27.56  ? 106  PHE A CZ   1 
ATOM   859  H H    . PHE A 1 96  ? -0.665  1.819   12.271  0.00 15.00  ? 106  PHE A H    1 
ATOM   860  N N    . PHE A 1 97  ? 0.107   5.708   12.147  1.00 26.58  ? 107  PHE A N    1 
ATOM   861  C CA   . PHE A 1 97  ? -0.848  6.823   12.072  1.00 24.97  ? 107  PHE A CA   1 
ATOM   862  C C    . PHE A 1 97  ? -0.212  7.954   11.315  1.00 26.23  ? 107  PHE A C    1 
ATOM   863  O O    . PHE A 1 97  ? 1.023   8.008   11.197  1.00 26.57  ? 107  PHE A O    1 
ATOM   864  C CB   . PHE A 1 97  ? -1.263  7.326   13.477  1.00 29.80  ? 107  PHE A CB   1 
ATOM   865  C CG   . PHE A 1 97  ? -0.180  8.089   14.215  1.00 28.79  ? 107  PHE A CG   1 
ATOM   866  C CD1  . PHE A 1 97  ? 0.814   7.417   14.914  1.00 26.80  ? 107  PHE A CD1  1 
ATOM   867  C CD2  . PHE A 1 97  ? -0.144  9.474   14.181  1.00 27.39  ? 107  PHE A CD2  1 
ATOM   868  C CE1  . PHE A 1 97  ? 1.811   8.113   15.548  1.00 26.50  ? 107  PHE A CE1  1 
ATOM   869  C CE2  . PHE A 1 97  ? 0.855   10.161  14.814  1.00 27.52  ? 107  PHE A CE2  1 
ATOM   870  C CZ   . PHE A 1 97  ? 1.830   9.484   15.494  1.00 24.91  ? 107  PHE A CZ   1 
ATOM   871  H H    . PHE A 1 97  ? 1.070   5.900   12.162  0.00 15.00  ? 107  PHE A H    1 
ATOM   872  N N    . GLY A 1 98  ? -1.047  8.857   10.806  1.00 25.35  ? 108  GLY A N    1 
ATOM   873  C CA   . GLY A 1 98  ? -0.541  9.998   10.063  1.00 26.75  ? 108  GLY A CA   1 
ATOM   874  C C    . GLY A 1 98  ? -1.349  10.328  8.818   1.00 29.30  ? 108  GLY A C    1 
ATOM   875  O O    . GLY A 1 98  ? -2.578  10.167  8.801   1.00 33.25  ? 108  GLY A O    1 
ATOM   876  H H    . GLY A 1 98  ? -2.014  8.762   10.907  0.00 15.00  ? 108  GLY A H    1 
ATOM   877  N N    . ASN A 1 99  ? -0.663  10.781  7.772   1.00 26.60  ? 109  ASN A N    1 
ATOM   878  C CA   . ASN A 1 99  ? -1.320  11.139  6.519   1.00 28.85  ? 109  ASN A CA   1 
ATOM   879  C C    . ASN A 1 99  ? -0.509  10.506  5.382   1.00 29.13  ? 109  ASN A C    1 
ATOM   880  O O    . ASN A 1 99  ? 0.539   11.039  5.002   1.00 32.81  ? 109  ASN A O    1 
ATOM   881  C CB   . ASN A 1 99  ? -1.349  12.669  6.371   1.00 27.26  ? 109  ASN A CB   1 
ATOM   882  C CG   . ASN A 1 99  ? -2.258  13.152  5.256   1.00 29.11  ? 109  ASN A CG   1 
ATOM   883  O OD1  . ASN A 1 99  ? -2.540  14.340  5.166   1.00 38.64  ? 109  ASN A OD1  1 
ATOM   884  N ND2  . ASN A 1 99  ? -2.727  12.253  4.418   1.00 25.15  ? 109  ASN A ND2  1 
ATOM   885  H H    . ASN A 1 99  ? 0.317   10.849  7.843   0.00 15.00  ? 109  ASN A H    1 
ATOM   886  H HD21 . ASN A 1 99  ? -3.301  12.642  3.716   0.00 15.00  ? 109  ASN A HD21 1 
ATOM   887  H HD22 . ASN A 1 99  ? -2.567  11.298  4.456   0.00 15.00  ? 109  ASN A HD22 1 
ATOM   888  N N    . PRO A 1 100 ? -0.990  9.371   4.813   1.00 27.87  ? 110  PRO A N    1 
ATOM   889  C CA   . PRO A 1 100 ? -0.249  8.728   3.729   1.00 24.60  ? 110  PRO A CA   1 
ATOM   890  C C    . PRO A 1 100 ? -0.001  9.612   2.538   1.00 25.47  ? 110  PRO A C    1 
ATOM   891  O O    . PRO A 1 100 ? 0.916   9.371   1.777   1.00 30.16  ? 110  PRO A O    1 
ATOM   892  C CB   . PRO A 1 100 ? -1.093  7.495   3.405   1.00 24.55  ? 110  PRO A CB   1 
ATOM   893  C CG   . PRO A 1 100 ? -2.410  7.795   3.927   1.00 27.03  ? 110  PRO A CG   1 
ATOM   894  C CD   . PRO A 1 100 ? -2.154  8.555   5.185   1.00 24.46  ? 110  PRO A CD   1 
ATOM   895  N N    . LEU A 1 101 ? -0.798  10.660  2.391   1.00 29.30  ? 111  LEU A N    1 
ATOM   896  C CA   . LEU A 1 101 ? -0.659  11.590  1.278   1.00 27.16  ? 111  LEU A CA   1 
ATOM   897  C C    . LEU A 1 101 ? 0.251   12.770  1.584   1.00 29.10  ? 111  LEU A C    1 
ATOM   898  O O    . LEU A 1 101 ? 0.394   13.646  0.742   1.00 32.97  ? 111  LEU A O    1 
ATOM   899  C CB   . LEU A 1 101 ? -2.029  12.122  0.849   1.00 27.29  ? 111  LEU A CB   1 
ATOM   900  C CG   . LEU A 1 101 ? -3.163  11.124  0.644   1.00 29.53  ? 111  LEU A CG   1 
ATOM   901  C CD1  . LEU A 1 101 ? -4.273  11.844  -0.047  1.00 28.96  ? 111  LEU A CD1  1 
ATOM   902  C CD2  . LEU A 1 101 ? -2.730  9.955   -0.197  1.00 30.03  ? 111  LEU A CD2  1 
ATOM   903  H H    . LEU A 1 101 ? -1.504  10.834  3.033   0.00 15.00  ? 111  LEU A H    1 
ATOM   904  N N    . ALA A 1 102 ? 0.839   12.816  2.782   1.00 31.22  ? 112  ALA A N    1 
ATOM   905  C CA   . ALA A 1 102 ? 1.749   13.895  3.171   1.00 33.15  ? 112  ALA A CA   1 
ATOM   906  C C    . ALA A 1 102 ? 2.936   13.761  2.232   1.00 37.37  ? 112  ALA A C    1 
ATOM   907  O O    . ALA A 1 102 ? 3.468   12.685  2.071   1.00 41.25  ? 112  ALA A O    1 
ATOM   908  C CB   . ALA A 1 102 ? 2.189   13.716  4.604   1.00 30.93  ? 112  ALA A CB   1 
ATOM   909  H H    . ALA A 1 102 ? 0.709   12.104  3.430   0.00 15.00  ? 112  ALA A H    1 
ATOM   910  N N    . PRO A 1 103 ? 3.344   14.842  1.570   1.00 42.16  ? 113  PRO A N    1 
ATOM   911  C CA   . PRO A 1 103 ? 4.473   14.767  0.646   1.00 39.71  ? 113  PRO A CA   1 
ATOM   912  C C    . PRO A 1 103 ? 5.854   14.384  1.171   1.00 39.01  ? 113  PRO A C    1 
ATOM   913  O O    . PRO A 1 103 ? 6.658   13.850  0.408   1.00 39.85  ? 113  PRO A O    1 
ATOM   914  C CB   . PRO A 1 103 ? 4.446   16.135  -0.037  1.00 43.37  ? 113  PRO A CB   1 
ATOM   915  C CG   . PRO A 1 103 ? 3.823   17.023  0.977   1.00 45.90  ? 113  PRO A CG   1 
ATOM   916  C CD   . PRO A 1 103 ? 2.706   16.167  1.496   1.00 46.71  ? 113  PRO A CD   1 
ATOM   917  N N    . ASN A 1 104 ? 6.161   14.649  2.438   1.00 37.17  ? 114  ASN A N    1 
ATOM   918  C CA   . ASN A 1 104 ? 7.469   14.262  2.943   1.00 35.68  ? 114  ASN A CA   1 
ATOM   919  C C    . ASN A 1 104 ? 7.369   12.854  3.490   1.00 34.58  ? 114  ASN A C    1 
ATOM   920  O O    . ASN A 1 104 ? 6.560   12.590  4.371   1.00 36.41  ? 114  ASN A O    1 
ATOM   921  C CB   . ASN A 1 104 ? 7.960   15.195  4.036   1.00 42.25  ? 114  ASN A CB   1 
ATOM   922  C CG   . ASN A 1 104 ? 9.312   14.757  4.588   1.00 51.65  ? 114  ASN A CG   1 
ATOM   923  O OD1  . ASN A 1 104 ? 10.355  14.996  3.982   1.00 60.06  ? 114  ASN A OD1  1 
ATOM   924  N ND2  . ASN A 1 104 ? 9.294   14.088  5.727   1.00 56.35  ? 114  ASN A ND2  1 
ATOM   925  H H    . ASN A 1 104 ? 5.508   15.087  3.022   0.00 15.00  ? 114  ASN A H    1 
ATOM   926  H HD21 . ASN A 1 104 ? 10.185  13.845  6.059   0.00 15.00  ? 114  ASN A HD21 1 
ATOM   927  H HD22 . ASN A 1 104 ? 8.443   13.893  6.167   0.00 15.00  ? 114  ASN A HD22 1 
ATOM   928  N N    . PRO A 1 105 ? 8.231   11.937  3.027   1.00 31.91  ? 115  PRO A N    1 
ATOM   929  C CA   . PRO A 1 105 ? 8.168   10.554  3.509   1.00 33.46  ? 115  PRO A CA   1 
ATOM   930  C C    . PRO A 1 105 ? 8.146   10.404  5.017   1.00 38.70  ? 115  PRO A C    1 
ATOM   931  O O    . PRO A 1 105 ? 7.520   9.495   5.549   1.00 40.99  ? 115  PRO A O    1 
ATOM   932  C CB   . PRO A 1 105 ? 9.406   9.910   2.894   1.00 29.82  ? 115  PRO A CB   1 
ATOM   933  C CG   . PRO A 1 105 ? 9.611   10.698  1.673   1.00 30.10  ? 115  PRO A CG   1 
ATOM   934  C CD   . PRO A 1 105 ? 9.350   12.115  2.094   1.00 28.39  ? 115  PRO A CD   1 
ATOM   935  N N    . ALA A 1 106 ? 8.835   11.287  5.719   1.00 44.74  ? 116  ALA A N    1 
ATOM   936  C CA   . ALA A 1 106 ? 8.870   11.182  7.170   1.00 50.87  ? 116  ALA A CA   1 
ATOM   937  C C    . ALA A 1 106 ? 7.525   11.500  7.847   1.00 53.71  ? 116  ALA A C    1 
ATOM   938  O O    . ALA A 1 106 ? 7.236   10.979  8.927   1.00 57.22  ? 116  ALA A O    1 
ATOM   939  C CB   . ALA A 1 106 ? 9.976   12.082  7.728   1.00 54.38  ? 116  ALA A CB   1 
ATOM   940  H H    . ALA A 1 106 ? 9.324   11.993  5.254   0.00 15.00  ? 116  ALA A H    1 
ATOM   941  N N    . ASP A 1 107 ? 6.700   12.326  7.204   1.00 52.18  ? 117  ASP A N    1 
ATOM   942  C CA   . ASP A 1 107 ? 5.410   12.721  7.767   1.00 49.39  ? 117  ASP A CA   1 
ATOM   943  C C    . ASP A 1 107 ? 4.236   11.850  7.371   1.00 46.58  ? 117  ASP A C    1 
ATOM   944  O O    . ASP A 1 107 ? 3.112   12.132  7.784   1.00 49.59  ? 117  ASP A O    1 
ATOM   945  C CB   . ASP A 1 107 ? 5.080   14.164  7.372   1.00 51.24  ? 117  ASP A CB   1 
ATOM   946  C CG   . ASP A 1 107 ? 6.169   15.153  7.778   1.00 54.98  ? 117  ASP A CG   1 
ATOM   947  O OD1  . ASP A 1 107 ? 7.003   14.848  8.670   1.00 56.50  ? 117  ASP A OD1  1 
ATOM   948  O OD2  . ASP A 1 107 ? 6.188   16.251  7.189   1.00 57.72  ? 117  ASP A OD2  1 
ATOM   949  H H    . ASP A 1 107 ? 6.907   12.659  6.313   0.00 15.00  ? 117  ASP A H    1 
ATOM   950  N N    . LYS A 1 108 ? 4.472   10.819  6.567   1.00 39.97  ? 118  LYS A N    1 
ATOM   951  C CA   . LYS A 1 108 ? 3.379   9.975   6.134   1.00 34.75  ? 118  LYS A CA   1 
ATOM   952  C C    . LYS A 1 108 ? 2.878   9.115   7.247   1.00 33.47  ? 118  LYS A C    1 
ATOM   953  O O    . LYS A 1 108 ? 1.896   9.455   7.874   1.00 40.47  ? 118  LYS A O    1 
ATOM   954  C CB   . LYS A 1 108 ? 3.773   9.120   4.944   1.00 27.60  ? 118  LYS A CB   1 
ATOM   955  C CG   . LYS A 1 108 ? 4.150   9.941   3.758   1.00 25.36  ? 118  LYS A CG   1 
ATOM   956  C CD   . LYS A 1 108 ? 4.474   9.065   2.595   1.00 25.93  ? 118  LYS A CD   1 
ATOM   957  C CE   . LYS A 1 108 ? 4.809   9.872   1.379   1.00 26.40  ? 118  LYS A CE   1 
ATOM   958  N NZ   . LYS A 1 108 ? 3.569   10.226  0.666   1.00 28.07  ? 118  LYS A NZ   1 
ATOM   959  H H    . LYS A 1 108 ? 5.381   10.624  6.266   0.00 15.00  ? 118  LYS A H    1 
ATOM   960  H HZ1  . LYS A 1 108 ? 3.035   9.377   0.405   0.00 15.00  ? 118  LYS A HZ1  1 
ATOM   961  H HZ2  . LYS A 1 108 ? 3.005   10.816  1.308   0.00 15.00  ? 118  LYS A HZ2  1 
ATOM   962  H HZ3  . LYS A 1 108 ? 3.805   10.775  -0.184  0.00 15.00  ? 118  LYS A HZ3  1 
ATOM   963  N N    . CYS A 1 109 ? 3.546   8.017   7.531   1.00 34.83  ? 119  CYS A N    1 
ATOM   964  C CA   . CYS A 1 109 ? 3.062   7.148   8.589   1.00 36.43  ? 119  CYS A CA   1 
ATOM   965  C C    . CYS A 1 109 ? 4.107   6.838   9.682   1.00 37.64  ? 119  CYS A C    1 
ATOM   966  O O    . CYS A 1 109 ? 5.186   6.294   9.414   1.00 39.74  ? 119  CYS A O    1 
ATOM   967  C CB   . CYS A 1 109 ? 2.497   5.866   7.959   1.00 34.72  ? 119  CYS A CB   1 
ATOM   968  S SG   . CYS A 1 109 ? 1.181   6.154   6.729   1.00 30.00  ? 119  CYS A SG   1 
ATOM   969  H H    . CYS A 1 109 ? 4.373   7.769   7.071   0.00 15.00  ? 119  CYS A H    1 
ATOM   970  N N    . LYS A 1 110 ? 3.775   7.205   10.913  1.00 35.69  ? 120  LYS A N    1 
ATOM   971  C CA   . LYS A 1 110 ? 4.661   6.994   12.046  1.00 34.52  ? 120  LYS A CA   1 
ATOM   972  C C    . LYS A 1 110 ? 4.078   5.896   12.877  1.00 34.01  ? 120  LYS A C    1 
ATOM   973  O O    . LYS A 1 110 ? 2.870   5.710   12.885  1.00 36.17  ? 120  LYS A O    1 
ATOM   974  C CB   . LYS A 1 110 ? 4.747   8.256   12.881  1.00 31.12  ? 120  LYS A CB   1 
ATOM   975  C CG   . LYS A 1 110 ? 5.268   9.417   12.120  1.00 37.19  ? 120  LYS A CG   1 
ATOM   976  C CD   . LYS A 1 110 ? 5.234   10.649  12.967  1.00 45.31  ? 120  LYS A CD   1 
ATOM   977  C CE   . LYS A 1 110 ? 5.871   11.844  12.246  1.00 54.57  ? 120  LYS A CE   1 
ATOM   978  N NZ   . LYS A 1 110 ? 7.378   11.782  12.143  1.00 60.29  ? 120  LYS A NZ   1 
ATOM   979  H H    . LYS A 1 110 ? 2.896   7.605   11.062  0.00 15.00  ? 120  LYS A H    1 
ATOM   980  H HZ1  . LYS A 1 110 ? 7.807   11.733  13.088  0.00 15.00  ? 120  LYS A HZ1  1 
ATOM   981  H HZ2  . LYS A 1 110 ? 7.626   10.939  11.587  0.00 15.00  ? 120  LYS A HZ2  1 
ATOM   982  H HZ3  . LYS A 1 110 ? 7.697   12.632  11.637  0.00 15.00  ? 120  LYS A HZ3  1 
ATOM   983  N N    . ALA A 1 111 ? 4.929   5.168   13.587  1.00 37.83  ? 121  ALA A N    1 
ATOM   984  C CA   . ALA A 1 111 ? 4.473   4.060   14.432  1.00 38.44  ? 121  ALA A CA   1 
ATOM   985  C C    . ALA A 1 111 ? 3.741   4.535   15.684  1.00 36.90  ? 121  ALA A C    1 
ATOM   986  O O    . ALA A 1 111 ? 4.167   5.502   16.321  1.00 37.23  ? 121  ALA A O    1 
ATOM   987  C CB   . ALA A 1 111 ? 5.661   3.172   14.822  1.00 38.29  ? 121  ALA A CB   1 
ATOM   988  H H    . ALA A 1 111 ? 5.884   5.371   13.533  0.00 15.00  ? 121  ALA A H    1 
ATOM   989  N N    . CYS A 1 112 ? 2.654   3.843   16.029  1.00 35.87  ? 122  CYS A N    1 
ATOM   990  C CA   . CYS A 1 112 ? 1.846   4.179   17.193  1.00 34.88  ? 122  CYS A CA   1 
ATOM   991  C C    . CYS A 1 112 ? 2.678   4.217   18.477  1.00 36.12  ? 122  CYS A C    1 
ATOM   992  O O    . CYS A 1 112 ? 2.543   5.130   19.303  1.00 37.32  ? 122  CYS A O    1 
ATOM   993  C CB   . CYS A 1 112 ? 0.712   3.174   17.351  1.00 33.63  ? 122  CYS A CB   1 
ATOM   994  S SG   . CYS A 1 112 ? -0.657  3.320   16.171  1.00 36.27  ? 122  CYS A SG   1 
ATOM   995  H H    . CYS A 1 112 ? 2.373   3.077   15.484  0.00 15.00  ? 122  CYS A H    1 
ATOM   996  N N    . ALA A 1 113 ? 3.541   3.220   18.633  1.00 36.27  ? 123  ALA A N    1 
ATOM   997  C CA   . ALA A 1 113 ? 4.415   3.100   19.795  1.00 35.50  ? 123  ALA A CA   1 
ATOM   998  C C    . ALA A 1 113 ? 3.655   3.228   21.122  1.00 35.44  ? 123  ALA A C    1 
ATOM   999  O O    . ALA A 1 113 ? 4.126   3.887   22.050  1.00 34.73  ? 123  ALA A O    1 
ATOM   1000 C CB   . ALA A 1 113 ? 5.553   4.141   19.713  1.00 33.89  ? 123  ALA A CB   1 
ATOM   1001 H H    . ALA A 1 113 ? 3.569   2.526   17.946  0.00 15.00  ? 123  ALA A H    1 
ATOM   1002 N N    . CYS A 1 114 ? 2.486   2.600   21.212  1.00 34.96  ? 124  CYS A N    1 
ATOM   1003 C CA   . CYS A 1 114 ? 1.712   2.653   22.440  1.00 36.94  ? 124  CYS A CA   1 
ATOM   1004 C C    . CYS A 1 114 ? 2.426   1.968   23.597  1.00 40.48  ? 124  CYS A C    1 
ATOM   1005 O O    . CYS A 1 114 ? 2.840   0.816   23.474  1.00 47.10  ? 124  CYS A O    1 
ATOM   1006 C CB   . CYS A 1 114 ? 0.372   1.986   22.251  1.00 33.81  ? 124  CYS A CB   1 
ATOM   1007 S SG   . CYS A 1 114 ? -0.687  2.816   21.049  1.00 39.68  ? 124  CYS A SG   1 
ATOM   1008 H H    . CYS A 1 114 ? 2.145   2.081   20.455  0.00 15.00  ? 124  CYS A H    1 
ATOM   1009 N N    . ASN A 1 115 ? 2.555   2.672   24.722  1.00 42.20  ? 125  ASN A N    1 
ATOM   1010 C CA   . ASN A 1 115 ? 3.205   2.144   25.922  1.00 40.72  ? 125  ASN A CA   1 
ATOM   1011 C C    . ASN A 1 115 ? 2.310   1.006   26.406  1.00 40.43  ? 125  ASN A C    1 
ATOM   1012 O O    . ASN A 1 115 ? 1.130   1.222   26.676  1.00 43.10  ? 125  ASN A O    1 
ATOM   1013 C CB   . ASN A 1 115 ? 3.270   3.243   26.982  1.00 38.95  ? 125  ASN A CB   1 
ATOM   1014 C CG   . ASN A 1 115 ? 4.117   2.870   28.176  1.00 38.32  ? 125  ASN A CG   1 
ATOM   1015 O OD1  . ASN A 1 115 ? 5.148   3.497   28.420  1.00 38.73  ? 125  ASN A OD1  1 
ATOM   1016 N ND2  . ASN A 1 115 ? 3.680   1.875   28.945  1.00 32.91  ? 125  ASN A ND2  1 
ATOM   1017 H H    . ASN A 1 115 ? 2.181   3.570   24.762  0.00 15.00  ? 125  ASN A H    1 
ATOM   1018 H HD21 . ASN A 1 115 ? 4.273   1.655   29.701  0.00 15.00  ? 125  ASN A HD21 1 
ATOM   1019 H HD22 . ASN A 1 115 ? 2.836   1.454   28.722  0.00 15.00  ? 125  ASN A HD22 1 
ATOM   1020 N N    . PRO A 1 116 ? 2.851   -0.218  26.525  1.00 40.26  ? 126  PRO A N    1 
ATOM   1021 C CA   . PRO A 1 116 ? 2.049   -1.360  26.977  1.00 40.16  ? 126  PRO A CA   1 
ATOM   1022 C C    . PRO A 1 116 ? 1.474   -1.288  28.398  1.00 43.95  ? 126  PRO A C    1 
ATOM   1023 O O    . PRO A 1 116 ? 0.443   -1.925  28.667  1.00 45.35  ? 126  PRO A O    1 
ATOM   1024 C CB   . PRO A 1 116 ? 2.991   -2.539  26.772  1.00 36.76  ? 126  PRO A CB   1 
ATOM   1025 C CG   . PRO A 1 116 ? 4.312   -1.951  26.979  1.00 37.48  ? 126  PRO A CG   1 
ATOM   1026 C CD   . PRO A 1 116 ? 4.225   -0.645  26.226  1.00 38.16  ? 126  PRO A CD   1 
ATOM   1027 N N    . TYR A 1 117 ? 2.119   -0.524  29.297  1.00 43.70  ? 127  TYR A N    1 
ATOM   1028 C CA   . TYR A 1 117 ? 1.632   -0.369  30.680  1.00 42.41  ? 127  TYR A CA   1 
ATOM   1029 C C    . TYR A 1 117 ? 0.436   0.531   30.783  1.00 43.50  ? 127  TYR A C    1 
ATOM   1030 O O    . TYR A 1 117 ? -0.424  0.330   31.642  1.00 44.81  ? 127  TYR A O    1 
ATOM   1031 C CB   . TYR A 1 117 ? 2.683   0.225   31.577  1.00 43.47  ? 127  TYR A CB   1 
ATOM   1032 C CG   . TYR A 1 117 ? 3.850   -0.649  31.679  1.00 50.94  ? 127  TYR A CG   1 
ATOM   1033 C CD1  . TYR A 1 117 ? 3.762   -1.860  32.347  1.00 55.71  ? 127  TYR A CD1  1 
ATOM   1034 C CD2  . TYR A 1 117 ? 5.054   -0.289  31.092  1.00 57.27  ? 127  TYR A CD2  1 
ATOM   1035 C CE1  . TYR A 1 117 ? 4.858   -2.706  32.433  1.00 64.26  ? 127  TYR A CE1  1 
ATOM   1036 C CE2  . TYR A 1 117 ? 6.163   -1.118  31.165  1.00 65.31  ? 127  TYR A CE2  1 
ATOM   1037 C CZ   . TYR A 1 117 ? 6.062   -2.331  31.839  1.00 68.24  ? 127  TYR A CZ   1 
ATOM   1038 O OH   . TYR A 1 117 ? 7.168   -3.158  31.930  1.00 77.11  ? 127  TYR A OH   1 
ATOM   1039 H H    . TYR A 1 117 ? 2.949   -0.096  29.020  0.00 15.00  ? 127  TYR A H    1 
ATOM   1040 H HH   . TYR A 1 117 ? 6.943   -3.947  32.428  0.00 15.00  ? 127  TYR A HH   1 
ATOM   1041 N N    . GLY A 1 118 ? 0.401   1.552   29.932  1.00 42.79  ? 128  GLY A N    1 
ATOM   1042 C CA   . GLY A 1 118 ? -0.700  2.496   29.962  1.00 39.60  ? 128  GLY A CA   1 
ATOM   1043 C C    . GLY A 1 118 ? -1.819  2.292   28.971  1.00 36.76  ? 128  GLY A C    1 
ATOM   1044 O O    . GLY A 1 118 ? -2.878  2.887   29.154  1.00 35.83  ? 128  GLY A O    1 
ATOM   1045 H H    . GLY A 1 118 ? 1.093   1.697   29.267  0.00 15.00  ? 128  GLY A H    1 
ATOM   1046 N N    . THR A 1 119 ? -1.606  1.479   27.937  1.00 36.26  ? 129  THR A N    1 
ATOM   1047 C CA   . THR A 1 119 ? -2.639  1.260   26.938  1.00 36.78  ? 129  THR A CA   1 
ATOM   1048 C C    . THR A 1 119 ? -3.572  0.128   27.305  1.00 39.98  ? 129  THR A C    1 
ATOM   1049 O O    . THR A 1 119 ? -3.134  -0.914  27.798  1.00 41.67  ? 129  THR A O    1 
ATOM   1050 C CB   . THR A 1 119 ? -2.032  0.993   25.575  1.00 33.75  ? 129  THR A CB   1 
ATOM   1051 O OG1  . THR A 1 119 ? -1.033  1.973   25.333  1.00 36.42  ? 129  THR A OG1  1 
ATOM   1052 C CG2  . THR A 1 119 ? -3.075  1.134   24.483  1.00 33.93  ? 129  THR A CG2  1 
ATOM   1053 H H    . THR A 1 119 ? -0.757  1.021   27.812  0.00 15.00  ? 129  THR A H    1 
ATOM   1054 H HG1  . THR A 1 119 ? -0.344  1.857   25.970  0.00 15.00  ? 129  THR A HG1  1 
ATOM   1055 N N    . VAL A 1 120 ? -4.862  0.357   27.054  1.00 44.38  ? 130  VAL A N    1 
ATOM   1056 C CA   . VAL A 1 120 ? -5.932  -0.593  27.330  1.00 46.66  ? 130  VAL A CA   1 
ATOM   1057 C C    . VAL A 1 120 ? -5.676  -1.858  26.554  1.00 53.33  ? 130  VAL A C    1 
ATOM   1058 O O    . VAL A 1 120 ? -5.451  -1.808  25.349  1.00 56.47  ? 130  VAL A O    1 
ATOM   1059 C CB   . VAL A 1 120 ? -7.296  -0.026  26.917  1.00 43.24  ? 130  VAL A CB   1 
ATOM   1060 C CG1  . VAL A 1 120 ? -8.344  -1.115  26.925  1.00 43.99  ? 130  VAL A CG1  1 
ATOM   1061 C CG2  . VAL A 1 120 ? -7.708  1.063   27.876  1.00 41.47  ? 130  VAL A CG2  1 
ATOM   1062 H H    . VAL A 1 120 ? -5.071  1.219   26.637  0.00 15.00  ? 130  VAL A H    1 
ATOM   1063 N N    . GLN A 1 121 ? -5.690  -2.987  27.257  1.00 60.44  ? 131  GLN A N    1 
ATOM   1064 C CA   . GLN A 1 121 ? -5.452  -4.298  26.652  1.00 66.19  ? 131  GLN A CA   1 
ATOM   1065 C C    . GLN A 1 121 ? -4.160  -4.363  25.861  1.00 66.43  ? 131  GLN A C    1 
ATOM   1066 O O    . GLN A 1 121 ? -4.051  -5.131  24.914  1.00 69.45  ? 131  GLN A O    1 
ATOM   1067 C CB   . GLN A 1 121 ? -6.600  -4.693  25.731  1.00 70.14  ? 131  GLN A CB   1 
ATOM   1068 C CG   . GLN A 1 121 ? -7.910  -4.922  26.424  1.00 81.45  ? 131  GLN A CG   1 
ATOM   1069 C CD   . GLN A 1 121 ? -9.034  -5.040  25.424  1.00 89.36  ? 131  GLN A CD   1 
ATOM   1070 O OE1  . GLN A 1 121 ? -9.115  -4.256  24.467  1.00 93.61  ? 131  GLN A OE1  1 
ATOM   1071 N NE2  . GLN A 1 121 ? -9.903  -6.022  25.623  1.00 95.17  ? 131  GLN A NE2  1 
ATOM   1072 H H    . GLN A 1 121 ? -5.864  -2.934  28.218  0.00 15.00  ? 131  GLN A H    1 
ATOM   1073 H HE21 . GLN A 1 121 ? -10.628 -6.073  24.965  0.00 15.00  ? 131  GLN A HE21 1 
ATOM   1074 H HE22 . GLN A 1 121 ? -9.797  -6.628  26.379  0.00 15.00  ? 131  GLN A HE22 1 
ATOM   1075 N N    . GLN A 1 122 ? -3.193  -3.537  26.227  1.00 67.01  ? 132  GLN A N    1 
ATOM   1076 C CA   . GLN A 1 122 ? -1.909  -3.539  25.554  1.00 68.88  ? 132  GLN A CA   1 
ATOM   1077 C C    . GLN A 1 122 ? -1.960  -3.376  24.038  1.00 68.43  ? 132  GLN A C    1 
ATOM   1078 O O    . GLN A 1 122 ? -1.031  -3.818  23.353  1.00 69.79  ? 132  GLN A O    1 
ATOM   1079 C CB   . GLN A 1 122 ? -1.190  -4.828  25.868  1.00 73.09  ? 132  GLN A CB   1 
ATOM   1080 C CG   . GLN A 1 122 ? -1.211  -5.193  27.319  1.00 86.66  ? 132  GLN A CG   1 
ATOM   1081 C CD   . GLN A 1 122 ? -0.219  -6.292  27.601  1.00 96.38  ? 132  GLN A CD   1 
ATOM   1082 O OE1  . GLN A 1 122 ? 0.717   -6.502  26.821  1.00 99.99  ? 132  GLN A OE1  1 
ATOM   1083 N NE2  . GLN A 1 122 ? -0.405  -7.006  28.711  1.00 100.00 ? 132  GLN A NE2  1 
ATOM   1084 H H    . GLN A 1 122 ? -3.309  -2.895  26.957  0.00 15.00  ? 132  GLN A H    1 
ATOM   1085 H HE21 . GLN A 1 122 ? 0.305   -7.672  28.840  0.00 15.00  ? 132  GLN A HE21 1 
ATOM   1086 H HE22 . GLN A 1 122 ? -1.156  -6.853  29.305  0.00 15.00  ? 132  GLN A HE22 1 
ATOM   1087 N N    . GLN A 1 123 ? -3.019  -2.750  23.516  1.00 65.87  ? 133  GLN A N    1 
ATOM   1088 C CA   . GLN A 1 123 ? -3.177  -2.534  22.067  1.00 62.14  ? 133  GLN A CA   1 
ATOM   1089 C C    . GLN A 1 123 ? -1.949  -1.890  21.422  1.00 59.83  ? 133  GLN A C    1 
ATOM   1090 O O    . GLN A 1 123 ? -1.212  -1.148  22.079  1.00 61.80  ? 133  GLN A O    1 
ATOM   1091 C CB   . GLN A 1 123 ? -4.403  -1.668  21.793  1.00 63.11  ? 133  GLN A CB   1 
ATOM   1092 C CG   . GLN A 1 123 ? -5.708  -2.313  22.199  1.00 69.67  ? 133  GLN A CG   1 
ATOM   1093 C CD   . GLN A 1 123 ? -6.786  -1.298  22.521  1.00 73.97  ? 133  GLN A CD   1 
ATOM   1094 O OE1  . GLN A 1 123 ? -6.679  -0.119  22.167  1.00 77.67  ? 133  GLN A OE1  1 
ATOM   1095 N NE2  . GLN A 1 123 ? -7.835  -1.747  23.200  1.00 76.05  ? 133  GLN A NE2  1 
ATOM   1096 H H    . GLN A 1 123 ? -3.719  -2.425  24.117  0.00 15.00  ? 133  GLN A H    1 
ATOM   1097 H HE21 . GLN A 1 123 ? -8.524  -1.109  23.438  0.00 15.00  ? 133  GLN A HE21 1 
ATOM   1098 H HE22 . GLN A 1 123 ? -7.900  -2.695  23.460  0.00 15.00  ? 133  GLN A HE22 1 
ATOM   1099 N N    . SER A 1 124 ? -1.735  -2.181  20.138  1.00 57.99  ? 134  SER A N    1 
ATOM   1100 C CA   . SER A 1 124 ? -0.589  -1.649  19.395  1.00 55.78  ? 134  SER A CA   1 
ATOM   1101 C C    . SER A 1 124 ? -0.993  -0.607  18.367  1.00 51.95  ? 134  SER A C    1 
ATOM   1102 O O    . SER A 1 124 ? -0.156  0.104   17.817  1.00 52.28  ? 134  SER A O    1 
ATOM   1103 C CB   . SER A 1 124 ? 0.157   -2.786  18.690  1.00 56.21  ? 134  SER A CB   1 
ATOM   1104 O OG   . SER A 1 124 ? -0.648  -3.383  17.687  1.00 65.03  ? 134  SER A OG   1 
ATOM   1105 H H    . SER A 1 124 ? -2.336  -2.792  19.667  0.00 15.00  ? 134  SER A H    1 
ATOM   1106 H HG   . SER A 1 124 ? -0.453  -2.994  16.830  0.00 15.00  ? 134  SER A HG   1 
ATOM   1107 N N    . SER A 1 125 ? -2.281  -0.533  18.100  1.00 49.79  ? 135  SER A N    1 
ATOM   1108 C CA   . SER A 1 125 ? -2.796  0.409   17.137  1.00 50.95  ? 135  SER A CA   1 
ATOM   1109 C C    . SER A 1 125 ? -3.325  1.638   17.855  1.00 47.60  ? 135  SER A C    1 
ATOM   1110 O O    . SER A 1 125 ? -3.792  1.561   18.997  1.00 46.59  ? 135  SER A O    1 
ATOM   1111 C CB   . SER A 1 125 ? -3.919  -0.253  16.371  1.00 56.52  ? 135  SER A CB   1 
ATOM   1112 O OG   . SER A 1 125 ? -4.847  -0.791  17.302  1.00 66.63  ? 135  SER A OG   1 
ATOM   1113 H H    . SER A 1 125 ? -2.939  -1.097  18.552  0.00 15.00  ? 135  SER A H    1 
ATOM   1114 H HG   . SER A 1 125 ? -5.299  -0.078  17.771  0.00 15.00  ? 135  SER A HG   1 
ATOM   1115 N N    . CYS A 1 126 ? -3.284  2.765   17.165  1.00 41.56  ? 136  CYS A N    1 
ATOM   1116 C CA   . CYS A 1 126 ? -3.743  4.007   17.733  1.00 36.26  ? 136  CYS A CA   1 
ATOM   1117 C C    . CYS A 1 126 ? -4.674  4.699   16.734  1.00 37.88  ? 136  CYS A C    1 
ATOM   1118 O O    . CYS A 1 126 ? -4.888  4.183   15.649  1.00 42.85  ? 136  CYS A O    1 
ATOM   1119 C CB   . CYS A 1 126 ? -2.521  4.851   18.012  1.00 30.04  ? 136  CYS A CB   1 
ATOM   1120 S SG   . CYS A 1 126 ? -1.442  5.136   16.578  1.00 35.25  ? 136  CYS A SG   1 
ATOM   1121 H H    . CYS A 1 126 ? -2.954  2.793   16.243  0.00 15.00  ? 136  CYS A H    1 
ATOM   1122 N N    . ASN A 1 127 ? -5.256  5.841   17.095  1.00 38.47  ? 137  ASN A N    1 
ATOM   1123 C CA   . ASN A 1 127 ? -6.124  6.590   16.178  1.00 34.20  ? 137  ASN A CA   1 
ATOM   1124 C C    . ASN A 1 127 ? -5.286  6.860   14.915  1.00 34.58  ? 137  ASN A C    1 
ATOM   1125 O O    . ASN A 1 127 ? -4.186  7.392   15.013  1.00 34.00  ? 137  ASN A O    1 
ATOM   1126 C CB   . ASN A 1 127 ? -6.560  7.910   16.827  1.00 34.04  ? 137  ASN A CB   1 
ATOM   1127 C CG   . ASN A 1 127 ? -7.565  8.656   15.995  1.00 36.49  ? 137  ASN A CG   1 
ATOM   1128 O OD1  . ASN A 1 127 ? -7.217  9.269   14.988  1.00 39.77  ? 137  ASN A OD1  1 
ATOM   1129 N ND2  . ASN A 1 127 ? -8.820  8.603   16.399  1.00 34.91  ? 137  ASN A ND2  1 
ATOM   1130 H H    . ASN A 1 127 ? -5.111  6.174   18.006  0.00 15.00  ? 137  ASN A H    1 
ATOM   1131 H HD21 . ASN A 1 127 ? -9.499  9.077   15.876  0.00 15.00  ? 137  ASN A HD21 1 
ATOM   1132 H HD22 . ASN A 1 127 ? -9.036  8.099   17.210  0.00 15.00  ? 137  ASN A HD22 1 
ATOM   1133 N N    . PRO A 1 128 ? -5.801  6.504   13.717  1.00 34.60  ? 138  PRO A N    1 
ATOM   1134 C CA   . PRO A 1 128 ? -5.112  6.686   12.435  1.00 32.00  ? 138  PRO A CA   1 
ATOM   1135 C C    . PRO A 1 128 ? -4.721  8.095   12.019  1.00 31.80  ? 138  PRO A C    1 
ATOM   1136 O O    . PRO A 1 128 ? -3.802  8.260   11.230  1.00 32.17  ? 138  PRO A O    1 
ATOM   1137 C CB   . PRO A 1 128 ? -6.073  6.040   11.452  1.00 33.42  ? 138  PRO A CB   1 
ATOM   1138 C CG   . PRO A 1 128 ? -7.391  6.284   12.073  1.00 34.58  ? 138  PRO A CG   1 
ATOM   1139 C CD   . PRO A 1 128 ? -7.131  5.914   13.491  1.00 33.69  ? 138  PRO A CD   1 
ATOM   1140 N N    . VAL A 1 129 ? -5.402  9.102   12.556  1.00 33.28  ? 139  VAL A N    1 
ATOM   1141 C CA   . VAL A 1 129 ? -5.126  10.515  12.245  1.00 34.21  ? 139  VAL A CA   1 
ATOM   1142 C C    . VAL A 1 129 ? -4.279  11.226  13.346  1.00 34.57  ? 139  VAL A C    1 
ATOM   1143 O O    . VAL A 1 129 ? -3.211  11.823  13.067  1.00 34.49  ? 139  VAL A O    1 
ATOM   1144 C CB   . VAL A 1 129 ? -6.488  11.288  12.026  1.00 34.62  ? 139  VAL A CB   1 
ATOM   1145 C CG1  . VAL A 1 129 ? -6.248  12.763  11.694  1.00 29.97  ? 139  VAL A CG1  1 
ATOM   1146 C CG2  . VAL A 1 129 ? -7.287  10.620  10.913  1.00 31.61  ? 139  VAL A CG2  1 
ATOM   1147 H H    . VAL A 1 129 ? -6.114  8.932   13.205  0.00 15.00  ? 139  VAL A H    1 
ATOM   1148 N N    . THR A 1 130 ? -4.750  11.137  14.594  1.00 32.92  ? 140  THR A N    1 
ATOM   1149 C CA   . THR A 1 130 ? -4.083  11.769  15.735  1.00 31.98  ? 140  THR A CA   1 
ATOM   1150 C C    . THR A 1 130 ? -2.992  10.924  16.362  1.00 30.87  ? 140  THR A C    1 
ATOM   1151 O O    . THR A 1 130 ? -2.060  11.452  16.937  1.00 33.42  ? 140  THR A O    1 
ATOM   1152 C CB   . THR A 1 130 ? -5.091  12.135  16.828  1.00 31.14  ? 140  THR A CB   1 
ATOM   1153 O OG1  . THR A 1 130 ? -5.705  10.938  17.348  1.00 34.13  ? 140  THR A OG1  1 
ATOM   1154 C CG2  . THR A 1 130 ? -6.172  13.091  16.260  1.00 31.81  ? 140  THR A CG2  1 
ATOM   1155 H H    . THR A 1 130 ? -5.571  10.630  14.762  0.00 15.00  ? 140  THR A H    1 
ATOM   1156 H HG1  . THR A 1 130 ? -6.388  11.185  17.997  0.00 15.00  ? 140  THR A HG1  1 
ATOM   1157 N N    . GLY A 1 131 ? -3.112  9.609   16.250  1.00 31.79  ? 141  GLY A N    1 
ATOM   1158 C CA   . GLY A 1 131 ? -2.125  8.719   16.819  1.00 29.79  ? 141  GLY A CA   1 
ATOM   1159 C C    . GLY A 1 131 ? -2.395  8.466   18.276  1.00 29.05  ? 141  GLY A C    1 
ATOM   1160 O O    . GLY A 1 131 ? -1.655  7.755   18.927  1.00 30.75  ? 141  GLY A O    1 
ATOM   1161 H H    . GLY A 1 131 ? -3.873  9.219   15.782  0.00 15.00  ? 141  GLY A H    1 
ATOM   1162 N N    . GLN A 1 132 ? -3.459  9.034   18.809  1.00 30.49  ? 142  GLN A N    1 
ATOM   1163 C CA   . GLN A 1 132 ? -3.731  8.835   20.217  1.00 32.16  ? 142  GLN A CA   1 
ATOM   1164 C C    . GLN A 1 132 ? -3.973  7.384   20.536  1.00 32.84  ? 142  GLN A C    1 
ATOM   1165 O O    . GLN A 1 132 ? -4.798  6.753   19.879  1.00 35.53  ? 142  GLN A O    1 
ATOM   1166 C CB   . GLN A 1 132 ? -4.951  9.646   20.664  1.00 31.84  ? 142  GLN A CB   1 
ATOM   1167 C CG   . GLN A 1 132 ? -5.300  9.440   22.149  1.00 30.34  ? 142  GLN A CG   1 
ATOM   1168 C CD   . GLN A 1 132 ? -4.182  9.872   23.087  1.00 28.74  ? 142  GLN A CD   1 
ATOM   1169 O OE1  . GLN A 1 132 ? -3.703  10.996  23.017  1.00 30.56  ? 142  GLN A OE1  1 
ATOM   1170 N NE2  . GLN A 1 132 ? -3.767  8.983   23.966  1.00 31.06  ? 142  GLN A NE2  1 
ATOM   1171 H H    . GLN A 1 132 ? -4.074  9.592   18.291  0.00 15.00  ? 142  GLN A H    1 
ATOM   1172 H HE21 . GLN A 1 132 ? -3.041  9.232   24.579  0.00 15.00  ? 142  GLN A HE21 1 
ATOM   1173 H HE22 . GLN A 1 132 ? -4.195  8.108   23.971  0.00 15.00  ? 142  GLN A HE22 1 
ATOM   1174 N N    . CYS A 1 133 ? -3.262  6.847   21.530  1.00 33.64  ? 143  CYS A N    1 
ATOM   1175 C CA   . CYS A 1 133 ? -3.469  5.457   21.953  1.00 33.15  ? 143  CYS A CA   1 
ATOM   1176 C C    . CYS A 1 133 ? -4.615  5.446   22.962  1.00 35.87  ? 143  CYS A C    1 
ATOM   1177 O O    . CYS A 1 133 ? -4.926  6.478   23.564  1.00 39.35  ? 143  CYS A O    1 
ATOM   1178 C CB   . CYS A 1 133 ? -2.221  4.888   22.618  1.00 30.50  ? 143  CYS A CB   1 
ATOM   1179 S SG   . CYS A 1 133 ? -0.744  4.778   21.578  1.00 34.10  ? 143  CYS A SG   1 
ATOM   1180 H H    . CYS A 1 133 ? -2.577  7.358   21.984  0.00 15.00  ? 143  CYS A H    1 
ATOM   1181 N N    . GLN A 1 134 ? -5.251  4.302   23.156  1.00 37.68  ? 144  GLN A N    1 
ATOM   1182 C CA   . GLN A 1 134 ? -6.350  4.231   24.100  1.00 41.14  ? 144  GLN A CA   1 
ATOM   1183 C C    . GLN A 1 134 ? -5.754  3.977   25.480  1.00 42.64  ? 144  GLN A C    1 
ATOM   1184 O O    . GLN A 1 134 ? -5.224  2.894   25.741  1.00 44.96  ? 144  GLN A O    1 
ATOM   1185 C CB   . GLN A 1 134 ? -7.265  3.104   23.712  1.00 45.26  ? 144  GLN A CB   1 
ATOM   1186 C CG   . GLN A 1 134 ? -8.632  3.261   24.263  1.00 56.85  ? 144  GLN A CG   1 
ATOM   1187 C CD   . GLN A 1 134 ? -9.354  1.940   24.337  1.00 65.45  ? 144  GLN A CD   1 
ATOM   1188 O OE1  . GLN A 1 134 ? -10.225 1.744   25.191  1.00 72.31  ? 144  GLN A OE1  1 
ATOM   1189 N NE2  . GLN A 1 134 ? -8.990  1.007   23.458  1.00 67.78  ? 144  GLN A NE2  1 
ATOM   1190 H H    . GLN A 1 134 ? -4.981  3.486   22.675  0.00 15.00  ? 144  GLN A H    1 
ATOM   1191 H HE21 . GLN A 1 134 ? -9.530  0.199   23.531  0.00 15.00  ? 144  GLN A HE21 1 
ATOM   1192 H HE22 . GLN A 1 134 ? -8.261  1.119   22.807  0.00 15.00  ? 144  GLN A HE22 1 
ATOM   1193 N N    . CYS A 1 135 ? -5.858  4.966   26.365  1.00 40.90  ? 145  CYS A N    1 
ATOM   1194 C CA   . CYS A 1 135 ? -5.261  4.877   27.695  1.00 36.91  ? 145  CYS A CA   1 
ATOM   1195 C C    . CYS A 1 135 ? -6.116  4.367   28.846  1.00 38.46  ? 145  CYS A C    1 
ATOM   1196 O O    . CYS A 1 135 ? -7.325  4.610   28.911  1.00 41.57  ? 145  CYS A O    1 
ATOM   1197 C CB   . CYS A 1 135 ? -4.740  6.242   28.112  1.00 31.67  ? 145  CYS A CB   1 
ATOM   1198 S SG   . CYS A 1 135 ? -3.632  7.113   26.967  1.00 35.98  ? 145  CYS A SG   1 
ATOM   1199 H H    . CYS A 1 135 ? -6.357  5.779   26.142  0.00 15.00  ? 145  CYS A H    1 
ATOM   1200 N N    . LEU A 1 136 ? -5.450  3.683   29.773  1.00 39.34  ? 146  LEU A N    1 
ATOM   1201 C CA   . LEU A 1 136 ? -6.051  3.165   31.001  1.00 39.88  ? 146  LEU A CA   1 
ATOM   1202 C C    . LEU A 1 136 ? -6.366  4.371   31.897  1.00 42.35  ? 146  LEU A C    1 
ATOM   1203 O O    . LEU A 1 136 ? -5.961  5.497   31.607  1.00 44.11  ? 146  LEU A O    1 
ATOM   1204 C CB   . LEU A 1 136 ? -5.054  2.239   31.688  1.00 37.12  ? 146  LEU A CB   1 
ATOM   1205 C CG   . LEU A 1 136 ? -5.029  0.876   31.024  1.00 34.16  ? 146  LEU A CG   1 
ATOM   1206 C CD1  . LEU A 1 136 ? -3.824  0.027   31.411  1.00 31.24  ? 146  LEU A CD1  1 
ATOM   1207 C CD2  . LEU A 1 136 ? -6.300  0.225   31.432  1.00 36.02  ? 146  LEU A CD2  1 
ATOM   1208 H H    . LEU A 1 136 ? -4.504  3.520   29.622  0.00 15.00  ? 146  LEU A H    1 
ATOM   1209 N N    . PRO A 1 137 ? -7.058  4.154   33.023  1.00 44.82  ? 147  PRO A N    1 
ATOM   1210 C CA   . PRO A 1 137 ? -7.388  5.290   33.901  1.00 41.72  ? 147  PRO A CA   1 
ATOM   1211 C C    . PRO A 1 137 ? -6.208  6.083   34.436  1.00 41.55  ? 147  PRO A C    1 
ATOM   1212 O O    . PRO A 1 137 ? -5.202  5.511   34.852  1.00 42.51  ? 147  PRO A O    1 
ATOM   1213 C CB   . PRO A 1 137 ? -8.176  4.640   35.026  1.00 44.09  ? 147  PRO A CB   1 
ATOM   1214 C CG   . PRO A 1 137 ? -8.734  3.392   34.381  1.00 46.11  ? 147  PRO A CG   1 
ATOM   1215 C CD   . PRO A 1 137 ? -7.582  2.896   33.573  1.00 45.26  ? 147  PRO A CD   1 
ATOM   1216 N N    . HIS A 1 138 ? -6.357  7.407   34.411  1.00 38.95  ? 148  HIS A N    1 
ATOM   1217 C CA   . HIS A 1 138 ? -5.365  8.367   34.893  1.00 38.06  ? 148  HIS A CA   1 
ATOM   1218 C C    . HIS A 1 138 ? -3.989  8.326   34.243  1.00 37.72  ? 148  HIS A C    1 
ATOM   1219 O O    . HIS A 1 138 ? -3.001  8.761   34.854  1.00 40.58  ? 148  HIS A O    1 
ATOM   1220 C CB   . HIS A 1 138 ? -5.228  8.259   36.407  1.00 39.84  ? 148  HIS A CB   1 
ATOM   1221 C CG   . HIS A 1 138 ? -6.541  8.301   37.115  1.00 45.70  ? 148  HIS A CG   1 
ATOM   1222 N ND1  . HIS A 1 138 ? -7.249  9.471   37.289  1.00 45.09  ? 148  HIS A ND1  1 
ATOM   1223 C CD2  . HIS A 1 138 ? -7.299  7.315   37.652  1.00 45.77  ? 148  HIS A CD2  1 
ATOM   1224 C CE1  . HIS A 1 138 ? -8.392  9.203   37.899  1.00 47.54  ? 148  HIS A CE1  1 
ATOM   1225 N NE2  . HIS A 1 138 ? -8.444  7.902   38.130  1.00 47.40  ? 148  HIS A NE2  1 
ATOM   1226 H H    . HIS A 1 138 ? -7.190  7.759   34.027  0.00 15.00  ? 148  HIS A H    1 
ATOM   1227 H HD1  . HIS A 1 138 ? -6.940  10.347  37.032  0.00 15.00  ? 148  HIS A HD1  1 
ATOM   1228 H HE2  . HIS A 1 138 ? -9.178  7.442   38.584  0.00 15.00  ? 148  HIS A HE2  1 
ATOM   1229 N N    . VAL A 1 139 ? -3.944  7.831   33.006  1.00 34.90  ? 149  VAL A N    1 
ATOM   1230 C CA   . VAL A 1 139 ? -2.730  7.734   32.202  1.00 31.56  ? 149  VAL A CA   1 
ATOM   1231 C C    . VAL A 1 139 ? -2.864  8.788   31.126  1.00 30.54  ? 149  VAL A C    1 
ATOM   1232 O O    . VAL A 1 139 ? -3.960  9.036   30.660  1.00 32.51  ? 149  VAL A O    1 
ATOM   1233 C CB   . VAL A 1 139 ? -2.649  6.372   31.522  1.00 28.55  ? 149  VAL A CB   1 
ATOM   1234 C CG1  . VAL A 1 139 ? -1.446  6.309   30.642  1.00 23.22  ? 149  VAL A CG1  1 
ATOM   1235 C CG2  . VAL A 1 139 ? -2.621  5.286   32.575  1.00 28.49  ? 149  VAL A CG2  1 
ATOM   1236 H H    . VAL A 1 139 ? -4.755  7.500   32.566  0.00 15.00  ? 149  VAL A H    1 
ATOM   1237 N N    . SER A 1 140 ? -1.774  9.425   30.734  1.00 31.39  ? 150  SER A N    1 
ATOM   1238 C CA   . SER A 1 140 ? -1.863  10.427  29.699  1.00 30.79  ? 150  SER A CA   1 
ATOM   1239 C C    . SER A 1 140 ? -0.696  10.355  28.729  1.00 28.67  ? 150  SER A C    1 
ATOM   1240 O O    . SER A 1 140 ? 0.242   9.596   28.926  1.00 33.63  ? 150  SER A O    1 
ATOM   1241 C CB   . SER A 1 140 ? -2.014  11.833  30.312  1.00 35.42  ? 150  SER A CB   1 
ATOM   1242 O OG   . SER A 1 140 ? -0.837  12.310  30.937  1.00 43.31  ? 150  SER A OG   1 
ATOM   1243 H H    . SER A 1 140 ? -0.917  9.230   31.118  0.00 15.00  ? 150  SER A H    1 
ATOM   1244 H HG   . SER A 1 140 ? -0.081  12.246  30.348  0.00 15.00  ? 150  SER A HG   1 
ATOM   1245 N N    . GLY A 1 141 ? -0.754  11.166  27.686  1.00 28.72  ? 151  GLY A N    1 
ATOM   1246 C CA   . GLY A 1 141 ? 0.263   11.144  26.650  1.00 27.28  ? 151  GLY A CA   1 
ATOM   1247 C C    . GLY A 1 141 ? -0.344  10.446  25.427  1.00 29.78  ? 151  GLY A C    1 
ATOM   1248 O O    . GLY A 1 141 ? -1.309  9.675   25.545  1.00 28.52  ? 151  GLY A O    1 
ATOM   1249 H H    . GLY A 1 141 ? -1.502  11.789  27.584  0.00 15.00  ? 151  GLY A H    1 
ATOM   1250 N N    . ARG A 1 142 ? 0.202   10.720  24.246  1.00 31.46  ? 152  ARG A N    1 
ATOM   1251 C CA   . ARG A 1 142 ? -0.290  10.107  23.008  1.00 30.84  ? 152  ARG A CA   1 
ATOM   1252 C C    . ARG A 1 142 ? -0.117  8.593   23.074  1.00 31.68  ? 152  ARG A C    1 
ATOM   1253 O O    . ARG A 1 142 ? -1.003  7.841   22.662  1.00 32.73  ? 152  ARG A O    1 
ATOM   1254 C CB   . ARG A 1 142 ? 0.486   10.655  21.811  1.00 29.95  ? 152  ARG A CB   1 
ATOM   1255 C CG   . ARG A 1 142 ? 0.008   10.147  20.459  1.00 30.86  ? 152  ARG A CG   1 
ATOM   1256 C CD   . ARG A 1 142 ? 1.049   10.400  19.352  1.00 28.19  ? 152  ARG A CD   1 
ATOM   1257 N NE   . ARG A 1 142 ? 2.279   9.605   19.507  1.00 32.93  ? 152  ARG A NE   1 
ATOM   1258 C CZ   . ARG A 1 142 ? 2.327   8.273   19.563  1.00 29.45  ? 152  ARG A CZ   1 
ATOM   1259 N NH1  . ARG A 1 142 ? 1.225   7.556   19.475  1.00 27.78  ? 152  ARG A NH1  1 
ATOM   1260 N NH2  . ARG A 1 142 ? 3.489   7.652   19.707  1.00 30.53  ? 152  ARG A NH2  1 
ATOM   1261 H H    . ARG A 1 142 ? 0.943   11.362  24.207  0.00 15.00  ? 152  ARG A H    1 
ATOM   1262 H HE   . ARG A 1 142 ? 3.120   10.097  19.563  0.00 15.00  ? 152  ARG A HE   1 
ATOM   1263 H HH11 . ARG A 1 142 ? 0.320   7.960   19.367  0.00 15.00  ? 152  ARG A HH11 1 
ATOM   1264 H HH12 . ARG A 1 142 ? 1.318   6.565   19.530  0.00 15.00  ? 152  ARG A HH12 1 
ATOM   1265 H HH21 . ARG A 1 142 ? 4.333   8.185   19.765  0.00 15.00  ? 152  ARG A HH21 1 
ATOM   1266 H HH22 . ARG A 1 142 ? 3.511   6.659   19.746  0.00 15.00  ? 152  ARG A HH22 1 
ATOM   1267 N N    . ASP A 1 143 ? 1.039   8.177   23.598  1.00 32.06  ? 153  ASP A N    1 
ATOM   1268 C CA   . ASP A 1 143 ? 1.421   6.780   23.752  1.00 29.92  ? 153  ASP A CA   1 
ATOM   1269 C C    . ASP A 1 143 ? 1.001   6.212   25.079  1.00 30.43  ? 153  ASP A C    1 
ATOM   1270 O O    . ASP A 1 143 ? 1.373   5.103   25.410  1.00 33.06  ? 153  ASP A O    1 
ATOM   1271 C CB   . ASP A 1 143 ? 2.947   6.615   23.607  1.00 30.37  ? 153  ASP A CB   1 
ATOM   1272 C CG   . ASP A 1 143 ? 3.757   7.294   24.739  1.00 33.67  ? 153  ASP A CG   1 
ATOM   1273 O OD1  . ASP A 1 143 ? 3.218   8.100   25.508  1.00 33.33  ? 153  ASP A OD1  1 
ATOM   1274 O OD2  . ASP A 1 143 ? 4.966   7.029   24.862  1.00 31.73  ? 153  ASP A OD2  1 
ATOM   1275 H H    . ASP A 1 143 ? 1.678   8.853   23.892  0.00 15.00  ? 153  ASP A H    1 
ATOM   1276 N N    . CYS A 1 144 ? 0.222   6.970   25.836  1.00 32.23  ? 154  CYS A N    1 
ATOM   1277 C CA   . CYS A 1 144 ? -0.216  6.547   27.162  1.00 33.12  ? 154  CYS A CA   1 
ATOM   1278 C C    . CYS A 1 144 ? 0.970   6.158   28.045  1.00 30.98  ? 154  CYS A C    1 
ATOM   1279 O O    . CYS A 1 144 ? 0.888   5.194   28.791  1.00 31.59  ? 154  CYS A O    1 
ATOM   1280 C CB   . CYS A 1 144 ? -1.146  5.353   27.057  1.00 34.87  ? 154  CYS A CB   1 
ATOM   1281 S SG   . CYS A 1 144 ? -2.632  5.624   26.059  1.00 33.06  ? 154  CYS A SG   1 
ATOM   1282 H H    . CYS A 1 144 ? -0.101  7.832   25.511  0.00 15.00  ? 154  CYS A H    1 
ATOM   1283 N N    . GLY A 1 145 ? 2.055   6.912   27.982  1.00 27.72  ? 155  GLY A N    1 
ATOM   1284 C CA   . GLY A 1 145 ? 3.233   6.547   28.748  1.00 30.00  ? 155  GLY A CA   1 
ATOM   1285 C C    . GLY A 1 145 ? 3.574   7.234   30.061  1.00 28.70  ? 155  GLY A C    1 
ATOM   1286 O O    . GLY A 1 145 ? 4.691   7.074   30.549  1.00 29.75  ? 155  GLY A O    1 
ATOM   1287 H H    . GLY A 1 145 ? 2.073   7.714   27.429  0.00 15.00  ? 155  GLY A H    1 
ATOM   1288 N N    . THR A 1 146 ? 2.648   7.986   30.638  1.00 27.60  ? 156  THR A N    1 
ATOM   1289 C CA   . THR A 1 146 ? 2.936   8.646   31.890  1.00 28.73  ? 156  THR A CA   1 
ATOM   1290 C C    . THR A 1 146 ? 1.624   8.869   32.616  1.00 31.13  ? 156  THR A C    1 
ATOM   1291 O O    . THR A 1 146 ? 0.578   8.939   31.988  1.00 33.67  ? 156  THR A O    1 
ATOM   1292 C CB   . THR A 1 146 ? 3.648   9.981   31.635  1.00 29.10  ? 156  THR A CB   1 
ATOM   1293 O OG1  . THR A 1 146 ? 4.186   10.481  32.864  1.00 31.30  ? 156  THR A OG1  1 
ATOM   1294 C CG2  . THR A 1 146 ? 2.681   10.996  31.042  1.00 29.84  ? 156  THR A CG2  1 
ATOM   1295 H H    . THR A 1 146 ? 1.770   8.140   30.235  0.00 15.00  ? 156  THR A H    1 
ATOM   1296 H HG1  . THR A 1 146 ? 3.431   10.802  33.376  0.00 15.00  ? 156  THR A HG1  1 
ATOM   1297 N N    . CYS A 1 147 ? 1.677   8.968   33.940  1.00 32.07  ? 157  CYS A N    1 
ATOM   1298 C CA   . CYS A 1 147 ? 0.478   9.179   34.745  1.00 30.54  ? 157  CYS A CA   1 
ATOM   1299 C C    . CYS A 1 147 ? 0.022   10.618  34.726  1.00 31.96  ? 157  CYS A C    1 
ATOM   1300 O O    . CYS A 1 147 ? 0.794   11.516  34.406  1.00 32.10  ? 157  CYS A O    1 
ATOM   1301 C CB   . CYS A 1 147 ? 0.748   8.812   36.200  1.00 30.70  ? 157  CYS A CB   1 
ATOM   1302 S SG   . CYS A 1 147 ? 1.153   7.068   36.500  1.00 33.90  ? 157  CYS A SG   1 
ATOM   1303 H H    . CYS A 1 147 ? 2.541   8.884   34.400  0.00 15.00  ? 157  CYS A H    1 
ATOM   1304 N N    . ASP A 1 148 ? -1.235  10.841  35.077  1.00 32.99  ? 158  ASP A N    1 
ATOM   1305 C CA   . ASP A 1 148 ? -1.730  12.199  35.176  1.00 36.04  ? 158  ASP A CA   1 
ATOM   1306 C C    . ASP A 1 148 ? -1.023  12.802  36.392  1.00 38.57  ? 158  ASP A C    1 
ATOM   1307 O O    . ASP A 1 148 ? -0.617  12.072  37.290  1.00 40.79  ? 158  ASP A O    1 
ATOM   1308 C CB   . ASP A 1 148 ? -3.230  12.189  35.404  1.00 36.90  ? 158  ASP A CB   1 
ATOM   1309 C CG   . ASP A 1 148 ? -4.006  11.929  34.132  1.00 39.74  ? 158  ASP A CG   1 
ATOM   1310 O OD1  . ASP A 1 148 ? -3.469  12.152  33.025  1.00 41.12  ? 158  ASP A OD1  1 
ATOM   1311 O OD2  . ASP A 1 148 ? -5.165  11.505  34.242  1.00 43.12  ? 158  ASP A OD2  1 
ATOM   1312 H H    . ASP A 1 148 ? -1.824  10.091  35.262  0.00 15.00  ? 158  ASP A H    1 
ATOM   1313 N N    . PRO A 1 149 ? -0.847  14.133  36.436  1.00 40.53  ? 159  PRO A N    1 
ATOM   1314 C CA   . PRO A 1 149 ? -0.173  14.774  37.577  1.00 40.90  ? 159  PRO A CA   1 
ATOM   1315 C C    . PRO A 1 149 ? -0.819  14.389  38.905  1.00 40.51  ? 159  PRO A C    1 
ATOM   1316 O O    . PRO A 1 149 ? -2.034  14.554  39.069  1.00 40.37  ? 159  PRO A O    1 
ATOM   1317 C CB   . PRO A 1 149 ? -0.344  16.261  37.281  1.00 38.26  ? 159  PRO A CB   1 
ATOM   1318 C CG   . PRO A 1 149 ? -0.341  16.297  35.793  1.00 40.54  ? 159  PRO A CG   1 
ATOM   1319 C CD   . PRO A 1 149 ? -1.255  15.144  35.448  1.00 38.58  ? 159  PRO A CD   1 
ATOM   1320 N N    . GLY A 1 150 ? -0.024  13.872  39.841  1.00 40.13  ? 160  GLY A N    1 
ATOM   1321 C CA   . GLY A 1 150 ? -0.588  13.482  41.119  1.00 35.71  ? 160  GLY A CA   1 
ATOM   1322 C C    . GLY A 1 150 ? -0.982  12.023  41.227  1.00 36.94  ? 160  GLY A C    1 
ATOM   1323 O O    . GLY A 1 150 ? -1.497  11.614  42.270  1.00 39.92  ? 160  GLY A O    1 
ATOM   1324 H H    . GLY A 1 150 ? 0.931   13.741  39.641  0.00 15.00  ? 160  GLY A H    1 
ATOM   1325 N N    . TYR A 1 151 ? -0.780  11.239  40.165  1.00 33.20  ? 161  TYR A N    1 
ATOM   1326 C CA   . TYR A 1 151 ? -1.087  9.808   40.198  1.00 32.28  ? 161  TYR A CA   1 
ATOM   1327 C C    . TYR A 1 151 ? 0.216   9.081   40.054  1.00 33.93  ? 161  TYR A C    1 
ATOM   1328 O O    . TYR A 1 151 ? 1.196   9.640   39.535  1.00 33.06  ? 161  TYR A O    1 
ATOM   1329 C CB   . TYR A 1 151 ? -2.046  9.390   39.100  1.00 33.38  ? 161  TYR A CB   1 
ATOM   1330 C CG   . TYR A 1 151 ? -3.400  9.905   39.365  1.00 32.51  ? 161  TYR A CG   1 
ATOM   1331 C CD1  . TYR A 1 151 ? -3.705  11.227  39.102  1.00 34.85  ? 161  TYR A CD1  1 
ATOM   1332 C CD2  . TYR A 1 151 ? -4.379  9.091   39.906  1.00 35.49  ? 161  TYR A CD2  1 
ATOM   1333 C CE1  . TYR A 1 151 ? -4.945  11.734  39.364  1.00 36.58  ? 161  TYR A CE1  1 
ATOM   1334 C CE2  . TYR A 1 151 ? -5.640  9.584   40.178  1.00 34.38  ? 161  TYR A CE2  1 
ATOM   1335 C CZ   . TYR A 1 151 ? -5.913  10.909  39.904  1.00 38.22  ? 161  TYR A CZ   1 
ATOM   1336 O OH   . TYR A 1 151 ? -7.160  11.427  40.154  1.00 45.57  ? 161  TYR A OH   1 
ATOM   1337 H H    . TYR A 1 151 ? -0.426  11.616  39.327  0.00 15.00  ? 161  TYR A H    1 
ATOM   1338 H HH   . TYR A 1 151 ? -7.125  12.388  40.071  0.00 15.00  ? 161  TYR A HH   1 
ATOM   1339 N N    . TYR A 1 152 ? 0.227   7.825   40.488  1.00 34.13  ? 162  TYR A N    1 
ATOM   1340 C CA   . TYR A 1 152 ? 1.453   7.047   40.514  1.00 38.39  ? 162  TYR A CA   1 
ATOM   1341 C C    . TYR A 1 152 ? 1.279   5.609   40.096  1.00 38.69  ? 162  TYR A C    1 
ATOM   1342 O O    . TYR A 1 152 ? 0.159   5.125   39.922  1.00 38.95  ? 162  TYR A O    1 
ATOM   1343 C CB   . TYR A 1 152 ? 2.039   7.099   41.952  1.00 41.13  ? 162  TYR A CB   1 
ATOM   1344 C CG   . TYR A 1 152 ? 2.163   8.516   42.486  1.00 40.75  ? 162  TYR A CG   1 
ATOM   1345 C CD1  . TYR A 1 152 ? 3.222   9.337   42.080  1.00 42.48  ? 162  TYR A CD1  1 
ATOM   1346 C CD2  . TYR A 1 152 ? 1.185   9.065   43.326  1.00 41.59  ? 162  TYR A CD2  1 
ATOM   1347 C CE1  . TYR A 1 152 ? 3.306   10.660  42.482  1.00 43.12  ? 162  TYR A CE1  1 
ATOM   1348 C CE2  . TYR A 1 152 ? 1.262   10.406  43.739  1.00 42.42  ? 162  TYR A CE2  1 
ATOM   1349 C CZ   . TYR A 1 152 ? 2.331   11.193  43.305  1.00 45.17  ? 162  TYR A CZ   1 
ATOM   1350 O OH   . TYR A 1 152 ? 2.442   12.524  43.662  1.00 46.34  ? 162  TYR A OH   1 
ATOM   1351 H H    . TYR A 1 152 ? -0.580  7.395   40.797  0.00 15.00  ? 162  TYR A H    1 
ATOM   1352 H HH   . TYR A 1 152 ? 1.778   12.775  44.319  0.00 15.00  ? 162  TYR A HH   1 
ATOM   1353 N N    . ASN A 1 153 ? 2.412   4.947   39.910  1.00 41.16  ? 163  ASN A N    1 
ATOM   1354 C CA   . ASN A 1 153 ? 2.431   3.544   39.571  1.00 47.48  ? 163  ASN A CA   1 
ATOM   1355 C C    . ASN A 1 153 ? 1.802   3.136   38.219  1.00 47.85  ? 163  ASN A C    1 
ATOM   1356 O O    . ASN A 1 153 ? 0.777   2.426   38.159  1.00 45.92  ? 163  ASN A O    1 
ATOM   1357 C CB   . ASN A 1 153 ? 1.788   2.777   40.718  1.00 53.52  ? 163  ASN A CB   1 
ATOM   1358 C CG   . ASN A 1 153 ? 2.111   1.315   40.673  1.00 64.35  ? 163  ASN A CG   1 
ATOM   1359 O OD1  . ASN A 1 153 ? 3.145   0.908   40.117  1.00 68.57  ? 163  ASN A OD1  1 
ATOM   1360 N ND2  . ASN A 1 153 ? 1.237   0.499   41.257  1.00 69.36  ? 163  ASN A ND2  1 
ATOM   1361 H H    . ASN A 1 153 ? 3.269   5.412   39.989  0.00 15.00  ? 163  ASN A H    1 
ATOM   1362 H HD21 . ASN A 1 153 ? 1.450   -0.456  41.252  0.00 15.00  ? 163  ASN A HD21 1 
ATOM   1363 H HD22 . ASN A 1 153 ? 0.440   0.894   41.665  0.00 15.00  ? 163  ASN A HD22 1 
ATOM   1364 N N    . LEU A 1 154 ? 2.452   3.563   37.139  1.00 45.51  ? 164  LEU A N    1 
ATOM   1365 C CA   . LEU A 1 154 ? 2.004   3.261   35.788  1.00 44.58  ? 164  LEU A CA   1 
ATOM   1366 C C    . LEU A 1 154 ? 2.163   1.776   35.540  1.00 47.19  ? 164  LEU A C    1 
ATOM   1367 O O    . LEU A 1 154 ? 1.326   1.152   34.887  1.00 47.93  ? 164  LEU A O    1 
ATOM   1368 C CB   . LEU A 1 154 ? 2.844   4.022   34.756  1.00 37.87  ? 164  LEU A CB   1 
ATOM   1369 C CG   . LEU A 1 154 ? 2.544   3.666   33.303  1.00 33.87  ? 164  LEU A CG   1 
ATOM   1370 C CD1  . LEU A 1 154 ? 1.184   4.159   32.934  1.00 29.56  ? 164  LEU A CD1  1 
ATOM   1371 C CD2  . LEU A 1 154 ? 3.571   4.269   32.417  1.00 33.40  ? 164  LEU A CD2  1 
ATOM   1372 H H    . LEU A 1 154 ? 3.258   4.101   37.265  0.00 15.00  ? 164  LEU A H    1 
ATOM   1373 N N    . GLN A 1 155 ? 3.242   1.212   36.076  1.00 50.56  ? 165  GLN A N    1 
ATOM   1374 C CA   . GLN A 1 155 ? 3.553   -0.201  35.896  1.00 54.91  ? 165  GLN A CA   1 
ATOM   1375 C C    . GLN A 1 155 ? 2.556   -1.154  36.543  1.00 56.69  ? 165  GLN A C    1 
ATOM   1376 O O    . GLN A 1 155 ? 2.696   -2.369  36.436  1.00 57.96  ? 165  GLN A O    1 
ATOM   1377 C CB   . GLN A 1 155 ? 4.977   -0.504  36.365  1.00 55.59  ? 165  GLN A CB   1 
ATOM   1378 C CG   . GLN A 1 155 ? 6.065   0.160   35.500  1.00 63.65  ? 165  GLN A CG   1 
ATOM   1379 C CD   . GLN A 1 155 ? 6.196   1.669   35.750  1.00 68.84  ? 165  GLN A CD   1 
ATOM   1380 O OE1  . GLN A 1 155 ? 5.586   2.215   36.682  1.00 69.98  ? 165  GLN A OE1  1 
ATOM   1381 N NE2  . GLN A 1 155 ? 6.999   2.347   34.923  1.00 68.42  ? 165  GLN A NE2  1 
ATOM   1382 H H    . GLN A 1 155 ? 3.817   1.783   36.624  0.00 15.00  ? 165  GLN A H    1 
ATOM   1383 H HE21 . GLN A 1 155 ? 7.087   3.309   35.095  0.00 15.00  ? 165  GLN A HE21 1 
ATOM   1384 H HE22 . GLN A 1 155 ? 7.468   1.894   34.190  0.00 15.00  ? 165  GLN A HE22 1 
ATOM   1385 N N    . SER A 1 156 ? 1.544   -0.602  37.199  1.00 57.05  ? 166  SER A N    1 
ATOM   1386 C CA   . SER A 1 156 ? 0.509   -1.413  37.796  1.00 58.62  ? 166  SER A CA   1 
ATOM   1387 C C    . SER A 1 156 ? -0.188  -2.136  36.635  1.00 60.85  ? 166  SER A C    1 
ATOM   1388 O O    . SER A 1 156 ? -0.777  -3.200  36.805  1.00 65.39  ? 166  SER A O    1 
ATOM   1389 C CB   . SER A 1 156 ? -0.485  -0.516  38.531  1.00 58.38  ? 166  SER A CB   1 
ATOM   1390 O OG   . SER A 1 156 ? -1.067  0.419   37.648  1.00 60.94  ? 166  SER A OG   1 
ATOM   1391 H H    . SER A 1 156 ? 1.431   0.367   37.303  0.00 15.00  ? 166  SER A H    1 
ATOM   1392 H HG   . SER A 1 156 ? -1.489  1.174   38.086  0.00 15.00  ? 166  SER A HG   1 
ATOM   1393 N N    . GLY A 1 157 ? -0.110  -1.553  35.447  1.00 60.32  ? 167  GLY A N    1 
ATOM   1394 C CA   . GLY A 1 157 ? -0.734  -2.162  34.297  1.00 58.72  ? 167  GLY A CA   1 
ATOM   1395 C C    . GLY A 1 157 ? -2.239  -2.032  34.350  1.00 59.18  ? 167  GLY A C    1 
ATOM   1396 O O    . GLY A 1 157 ? -2.940  -2.756  33.648  1.00 60.67  ? 167  GLY A O    1 
ATOM   1397 H H    . GLY A 1 157 ? 0.346   -0.696  35.334  0.00 15.00  ? 167  GLY A H    1 
ATOM   1398 N N    . GLN A 1 158 ? -2.746  -1.117  35.171  1.00 60.67  ? 168  GLN A N    1 
ATOM   1399 C CA   . GLN A 1 158 ? -4.191  -0.912  35.276  1.00 63.31  ? 168  GLN A CA   1 
ATOM   1400 C C    . GLN A 1 158 ? -4.572  0.567   35.414  1.00 59.95  ? 168  GLN A C    1 
ATOM   1401 O O    . GLN A 1 158 ? -5.715  0.915   35.731  1.00 58.16  ? 168  GLN A O    1 
ATOM   1402 C CB   . GLN A 1 158 ? -4.733  -1.686  36.469  1.00 70.29  ? 168  GLN A CB   1 
ATOM   1403 C CG   . GLN A 1 158 ? -4.584  -3.192  36.365  1.00 79.58  ? 168  GLN A CG   1 
ATOM   1404 C CD   . GLN A 1 158 ? -4.912  -3.866  37.677  1.00 86.47  ? 168  GLN A CD   1 
ATOM   1405 O OE1  . GLN A 1 158 ? -4.033  -4.081  38.519  1.00 89.96  ? 168  GLN A OE1  1 
ATOM   1406 N NE2  . GLN A 1 158 ? -6.189  -4.181  37.877  1.00 90.43  ? 168  GLN A NE2  1 
ATOM   1407 H H    . GLN A 1 158 ? -2.157  -0.568  35.734  0.00 15.00  ? 168  GLN A H    1 
ATOM   1408 H HE21 . GLN A 1 158 ? -6.364  -4.612  38.739  0.00 15.00  ? 168  GLN A HE21 1 
ATOM   1409 H HE22 . GLN A 1 158 ? -6.853  -3.971  37.197  0.00 15.00  ? 168  GLN A HE22 1 
ATOM   1410 N N    . GLY A 1 159 ? -3.615  1.434   35.130  1.00 55.99  ? 169  GLY A N    1 
ATOM   1411 C CA   . GLY A 1 159 ? -3.855  2.848   35.259  1.00 54.49  ? 169  GLY A CA   1 
ATOM   1412 C C    . GLY A 1 159 ? -3.109  3.277   36.504  1.00 55.00  ? 169  GLY A C    1 
ATOM   1413 O O    . GLY A 1 159 ? -2.625  2.444   37.283  1.00 56.51  ? 169  GLY A O    1 
ATOM   1414 H H    . GLY A 1 159 ? -2.749  1.112   34.853  0.00 15.00  ? 169  GLY A H    1 
ATOM   1415 N N    . CYS A 1 160 ? -3.008  4.583   36.696  1.00 53.17  ? 170  CYS A N    1 
ATOM   1416 C CA   . CYS A 1 160 ? -2.313  5.131   37.844  1.00 50.41  ? 170  CYS A CA   1 
ATOM   1417 C C    . CYS A 1 160 ? -3.284  5.327   38.978  1.00 53.39  ? 170  CYS A C    1 
ATOM   1418 O O    . CYS A 1 160 ? -4.487  5.507   38.770  1.00 54.18  ? 170  CYS A O    1 
ATOM   1419 C CB   . CYS A 1 160 ? -1.668  6.445   37.460  1.00 43.76  ? 170  CYS A CB   1 
ATOM   1420 S SG   . CYS A 1 160 ? -0.597  6.181   36.027  1.00 39.31  ? 170  CYS A SG   1 
ATOM   1421 H H    . CYS A 1 160 ? -3.456  5.149   36.040  0.00 15.00  ? 170  CYS A H    1 
ATOM   1422 N N    . GLU A 1 161 ? -2.757  5.306   40.186  1.00 55.48  ? 171  GLU A N    1 
ATOM   1423 C CA   . GLU A 1 161 ? -3.581  5.460   41.360  1.00 59.35  ? 171  GLU A CA   1 
ATOM   1424 C C    . GLU A 1 161 ? -3.012  6.631   42.129  1.00 61.80  ? 171  GLU A C    1 
ATOM   1425 O O    . GLU A 1 161 ? -1.857  6.980   41.934  1.00 61.85  ? 171  GLU A O    1 
ATOM   1426 C CB   . GLU A 1 161 ? -3.487  4.188   42.171  1.00 63.19  ? 171  GLU A CB   1 
ATOM   1427 C CG   . GLU A 1 161 ? -2.044  3.771   42.363  1.00 71.50  ? 171  GLU A CG   1 
ATOM   1428 C CD   . GLU A 1 161 ? -1.882  2.340   42.800  1.00 76.18  ? 171  GLU A CD   1 
ATOM   1429 O OE1  . GLU A 1 161 ? -2.828  1.537   42.603  1.00 78.36  ? 171  GLU A OE1  1 
ATOM   1430 O OE2  . GLU A 1 161 ? -0.791  2.027   43.336  1.00 78.71  ? 171  GLU A OE2  1 
ATOM   1431 H H    . GLU A 1 161 ? -1.787  5.183   40.256  0.00 15.00  ? 171  GLU A H    1 
ATOM   1432 N N    . ARG A 1 162 ? -3.823  7.245   42.987  1.00 66.32  ? 172  ARG A N    1 
ATOM   1433 C CA   . ARG A 1 162 ? -3.372  8.395   43.763  1.00 69.14  ? 172  ARG A CA   1 
ATOM   1434 C C    . ARG A 1 162 ? -2.666  7.993   45.046  1.00 69.22  ? 172  ARG A C    1 
ATOM   1435 O O    . ARG A 1 162 ? -2.216  6.854   45.181  1.00 71.70  ? 172  ARG A O    1 
ATOM   1436 C CB   . ARG A 1 162 ? -4.548  9.301   44.088  1.00 72.67  ? 172  ARG A CB   1 
ATOM   1437 C CG   . ARG A 1 162 ? -4.122  10.704  44.485  1.00 82.05  ? 172  ARG A CG   1 
ATOM   1438 C CD   . ARG A 1 162 ? -4.895  11.766  43.700  1.00 86.24  ? 172  ARG A CD   1 
ATOM   1439 N NE   . ARG A 1 162 ? -6.343  11.598  43.832  1.00 90.79  ? 172  ARG A NE   1 
ATOM   1440 C CZ   . ARG A 1 162 ? -7.250  12.488  43.429  1.00 93.62  ? 172  ARG A CZ   1 
ATOM   1441 N NH1  . ARG A 1 162 ? -6.868  13.632  42.868  1.00 95.08  ? 172  ARG A NH1  1 
ATOM   1442 N NH2  . ARG A 1 162 ? -8.547  12.231  43.592  1.00 97.04  ? 172  ARG A NH2  1 
ATOM   1443 H H    . ARG A 1 162 ? -4.730  6.908   43.101  0.00 15.00  ? 172  ARG A H    1 
ATOM   1444 H HE   . ARG A 1 162 ? -6.680  10.776  44.245  0.00 15.00  ? 172  ARG A HE   1 
ATOM   1445 H HH11 . ARG A 1 162 ? -5.895  13.826  42.739  0.00 15.00  ? 172  ARG A HH11 1 
ATOM   1446 H HH12 . ARG A 1 162 ? -7.552  14.294  42.566  0.00 15.00  ? 172  ARG A HH12 1 
ATOM   1447 H HH21 . ARG A 1 162 ? -8.833  11.374  44.020  0.00 15.00  ? 172  ARG A HH21 1 
ATOM   1448 H HH22 . ARG A 1 162 ? -9.228  12.898  43.294  0.00 15.00  ? 172  ARG A HH22 1 
HETATM 1449 O O    . HOH B 2 .   ? -3.345  -9.088  -30.493 1.00 53.48  ? 8001 HOH A O    1 
HETATM 1450 H H1   . HOH B 2 .   ? -3.051  -9.842  -31.025 0.00 15.00  ? 8001 HOH A H1   1 
HETATM 1451 H H2   . HOH B 2 .   ? -2.894  -9.218  -29.643 0.00 15.00  ? 8001 HOH A H2   1 
HETATM 1452 O O    . HOH B 2 .   ? -6.854  -7.751  -23.134 1.00 35.43  ? 8002 HOH A O    1 
HETATM 1453 H H1   . HOH B 2 .   ? -5.974  -7.923  -22.737 0.00 15.00  ? 8002 HOH A H1   1 
HETATM 1454 H H2   . HOH B 2 .   ? -7.157  -8.676  -23.301 0.00 15.00  ? 8002 HOH A H2   1 
HETATM 1455 O O    . HOH B 2 .   ? -2.220  -4.368  -27.107 1.00 49.47  ? 8003 HOH A O    1 
HETATM 1456 H H1   . HOH B 2 .   ? -2.228  -5.150  -26.511 0.00 15.00  ? 8003 HOH A H1   1 
HETATM 1457 H H2   . HOH B 2 .   ? -2.825  -4.668  -27.792 0.00 15.00  ? 8003 HOH A H2   1 
HETATM 1458 O O    . HOH B 2 .   ? -3.920  -6.776  -17.895 1.00 41.11  ? 8004 HOH A O    1 
HETATM 1459 H H1   . HOH B 2 .   ? -4.661  -7.267  -18.297 0.00 15.00  ? 8004 HOH A H1   1 
HETATM 1460 H H2   . HOH B 2 .   ? -4.393  -6.098  -17.389 0.00 15.00  ? 8004 HOH A H2   1 
HETATM 1461 O O    . HOH B 2 .   ? 1.775   -3.833  -12.723 1.00 41.35  ? 8005 HOH A O    1 
HETATM 1462 H H1   . HOH B 2 .   ? 1.276   -4.340  -12.065 0.00 15.00  ? 8005 HOH A H1   1 
HETATM 1463 H H2   . HOH B 2 .   ? 1.067   -3.613  -13.352 0.00 15.00  ? 8005 HOH A H2   1 
HETATM 1464 O O    . HOH B 2 .   ? -8.064  7.319   -10.416 1.00 47.73  ? 8006 HOH A O    1 
HETATM 1465 H H1   . HOH B 2 .   ? -7.784  6.603   -9.798  0.00 15.00  ? 8006 HOH A H1   1 
HETATM 1466 H H2   . HOH B 2 .   ? -8.773  6.873   -10.911 0.00 15.00  ? 8006 HOH A H2   1 
HETATM 1467 O O    . HOH B 2 .   ? -3.943  1.880   -9.139  1.00 26.19  ? 8007 HOH A O    1 
HETATM 1468 H H1   . HOH B 2 .   ? -3.791  2.281   -8.268  0.00 15.00  ? 8007 HOH A H1   1 
HETATM 1469 H H2   . HOH B 2 .   ? -3.937  0.933   -8.873  0.00 15.00  ? 8007 HOH A H2   1 
HETATM 1470 O O    . HOH B 2 .   ? -2.548  7.956   -7.429  1.00 27.92  ? 8008 HOH A O    1 
HETATM 1471 H H1   . HOH B 2 .   ? -3.401  8.228   -7.042  0.00 15.00  ? 8008 HOH A H1   1 
HETATM 1472 H H2   . HOH B 2 .   ? -2.590  8.463   -8.254  0.00 15.00  ? 8008 HOH A H2   1 
HETATM 1473 O O    . HOH B 2 .   ? -1.658  11.871  -4.610  1.00 48.76  ? 8009 HOH A O    1 
HETATM 1474 H H1   . HOH B 2 .   ? -0.688  11.851  -4.541  0.00 15.00  ? 8009 HOH A H1   1 
HETATM 1475 H H2   . HOH B 2 .   ? -1.942  11.072  -4.157  0.00 15.00  ? 8009 HOH A H2   1 
HETATM 1476 O O    . HOH B 2 .   ? 6.921   -0.344  -4.366  1.00 27.82  ? 8010 HOH A O    1 
HETATM 1477 H H1   . HOH B 2 .   ? 6.099   -0.506  -3.866  0.00 15.00  ? 8010 HOH A H1   1 
HETATM 1478 H H2   . HOH B 2 .   ? 7.571   -0.837  -3.842  0.00 15.00  ? 8010 HOH A H2   1 
HETATM 1479 O O    . HOH B 2 .   ? -2.951  2.098   13.823  1.00 47.99  ? 8011 HOH A O    1 
HETATM 1480 H H1   . HOH B 2 .   ? -2.415  2.892   13.646  0.00 15.00  ? 8011 HOH A H1   1 
HETATM 1481 H H2   . HOH B 2 .   ? -3.825  2.434   13.581  0.00 15.00  ? 8011 HOH A H2   1 
HETATM 1482 O O    . HOH B 2 .   ? 4.653   16.472  4.746   1.00 49.13  ? 8012 HOH A O    1 
HETATM 1483 H H1   . HOH B 2 .   ? 4.374   16.286  5.650   0.00 15.00  ? 8012 HOH A H1   1 
HETATM 1484 H H2   . HOH B 2 .   ? 5.082   17.330  4.814   0.00 15.00  ? 8012 HOH A H2   1 
HETATM 1485 O O    . HOH B 2 .   ? -1.073  1.451   34.076  1.00 42.65  ? 8013 HOH A O    1 
HETATM 1486 H H1   . HOH B 2 .   ? -0.935  1.082   33.181  0.00 15.00  ? 8013 HOH A H1   1 
HETATM 1487 H H2   . HOH B 2 .   ? -0.162  1.426   34.431  0.00 15.00  ? 8013 HOH A H2   1 
HETATM 1488 O O    . HOH B 2 .   ? -11.997 -5.233  -18.801 1.00 38.85  ? 8014 HOH A O    1 
HETATM 1489 H H1   . HOH B 2 .   ? -11.189 -4.860  -18.445 0.00 15.00  ? 8014 HOH A H1   1 
HETATM 1490 H H2   . HOH B 2 .   ? -12.124 -4.710  -19.623 0.00 15.00  ? 8014 HOH A H2   1 
HETATM 1491 O O    . HOH B 2 .   ? -5.971  -8.386  -19.378 1.00 58.71  ? 8015 HOH A O    1 
HETATM 1492 H H1   . HOH B 2 .   ? -6.773  -8.913  -19.282 0.00 15.00  ? 8015 HOH A H1   1 
HETATM 1493 H H2   . HOH B 2 .   ? -5.669  -8.592  -20.270 0.00 15.00  ? 8015 HOH A H2   1 
HETATM 1494 O O    . HOH B 2 .   ? -6.617  3.082   -10.040 1.00 37.26  ? 8016 HOH A O    1 
HETATM 1495 H H1   . HOH B 2 .   ? -5.758  2.792   -9.681  0.00 15.00  ? 8016 HOH A H1   1 
HETATM 1496 H H2   . HOH B 2 .   ? -6.880  3.806   -9.442  0.00 15.00  ? 8016 HOH A H2   1 
HETATM 1497 O O    . HOH B 2 .   ? 2.166   0.520   19.015  1.00 53.47  ? 8017 HOH A O    1 
HETATM 1498 H H1   . HOH B 2 .   ? 1.330   0.400   18.520  0.00 15.00  ? 8017 HOH A H1   1 
HETATM 1499 H H2   . HOH B 2 .   ? 2.684   -0.230  18.703  0.00 15.00  ? 8017 HOH A H2   1 
HETATM 1500 O O    . HOH B 2 .   ? 5.779   -2.188  -10.963 1.00 29.83  ? 8018 HOH A O    1 
HETATM 1501 H H1   . HOH B 2 .   ? 6.545   -1.916  -10.430 0.00 15.00  ? 8018 HOH A H1   1 
HETATM 1502 H H2   . HOH B 2 .   ? 5.881   -1.584  -11.712 0.00 15.00  ? 8018 HOH A H2   1 
HETATM 1503 O O    . HOH B 2 .   ? -15.578 -5.733  -25.161 1.00 81.15  ? 8019 HOH A O    1 
HETATM 1504 H H1   . HOH B 2 .   ? -15.483 -6.073  -26.049 0.00 15.00  ? 8019 HOH A H1   1 
HETATM 1505 H H2   . HOH B 2 .   ? -15.027 -6.320  -24.633 0.00 15.00  ? 8019 HOH A H2   1 
HETATM 1506 O O    . HOH B 2 .   ? -3.165  -0.011  -23.539 1.00 46.77  ? 8020 HOH A O    1 
HETATM 1507 H H1   . HOH B 2 .   ? -2.313  0.399   -23.807 0.00 15.00  ? 8020 HOH A H1   1 
HETATM 1508 H H2   . HOH B 2 .   ? -3.480  -0.309  -24.400 0.00 15.00  ? 8020 HOH A H2   1 
HETATM 1509 O O    . HOH B 2 .   ? -8.245  4.229   -13.279 1.00 41.87  ? 8021 HOH A O    1 
HETATM 1510 H H1   . HOH B 2 .   ? -7.874  3.850   -14.081 0.00 15.00  ? 8021 HOH A H1   1 
HETATM 1511 H H2   . HOH B 2 .   ? -8.588  3.451   -12.798 0.00 15.00  ? 8021 HOH A H2   1 
HETATM 1512 O O    . HOH B 2 .   ? -8.065  -6.496  -6.869  1.00 44.91  ? 8022 HOH A O    1 
HETATM 1513 H H1   . HOH B 2 .   ? -7.525  -7.169  -6.448  0.00 15.00  ? 8022 HOH A H1   1 
HETATM 1514 H H2   . HOH B 2 .   ? -8.821  -6.448  -6.261  0.00 15.00  ? 8022 HOH A H2   1 
HETATM 1515 O O    . HOH B 2 .   ? -5.216  8.802   -7.110  1.00 42.28  ? 8023 HOH A O    1 
HETATM 1516 H H1   . HOH B 2 .   ? -5.018  9.698   -6.795  0.00 15.00  ? 8023 HOH A H1   1 
HETATM 1517 H H2   . HOH B 2 .   ? -5.652  8.995   -7.975  0.00 15.00  ? 8023 HOH A H2   1 
HETATM 1518 O O    . HOH B 2 .   ? 3.778   -7.622  -6.076  1.00 54.59  ? 8024 HOH A O    1 
HETATM 1519 H H1   . HOH B 2 .   ? 3.716   -6.738  -6.487  0.00 15.00  ? 8024 HOH A H1   1 
HETATM 1520 H H2   . HOH B 2 .   ? 3.853   -7.409  -5.146  0.00 15.00  ? 8024 HOH A H2   1 
HETATM 1521 O O    . HOH B 2 .   ? -7.060  7.162   -3.193  1.00 41.30  ? 8025 HOH A O    1 
HETATM 1522 H H1   . HOH B 2 .   ? -7.268  6.360   -3.684  0.00 15.00  ? 8025 HOH A H1   1 
HETATM 1523 H H2   . HOH B 2 .   ? -6.950  7.815   -3.891  0.00 15.00  ? 8025 HOH A H2   1 
HETATM 1524 O O    . HOH B 2 .   ? 5.921   1.271   -10.699 1.00 40.67  ? 8026 HOH A O    1 
HETATM 1525 H H1   . HOH B 2 .   ? 6.482   0.966   -11.435 0.00 15.00  ? 8026 HOH A H1   1 
HETATM 1526 H H2   . HOH B 2 .   ? 5.084   1.513   -11.152 0.00 15.00  ? 8026 HOH A H2   1 
HETATM 1527 O O    . HOH B 2 .   ? 5.893   6.194   -7.462  1.00 31.07  ? 8027 HOH A O    1 
HETATM 1528 H H1   . HOH B 2 .   ? 6.326   5.491   -6.942  0.00 15.00  ? 8027 HOH A H1   1 
HETATM 1529 H H2   . HOH B 2 .   ? 5.421   5.710   -8.153  0.00 15.00  ? 8027 HOH A H2   1 
HETATM 1530 O O    . HOH B 2 .   ? 12.862  15.497  4.655   1.00 73.00  ? 8028 HOH A O    1 
HETATM 1531 H H1   . HOH B 2 .   ? 12.929  16.448  4.782   0.00 15.00  ? 8028 HOH A H1   1 
HETATM 1532 H H2   . HOH B 2 .   ? 11.952  15.400  4.301   0.00 15.00  ? 8028 HOH A H2   1 
HETATM 1533 O O    . HOH B 2 .   ? 6.263   7.214   16.702  1.00 44.49  ? 8029 HOH A O    1 
HETATM 1534 H H1   . HOH B 2 .   ? 6.140   7.375   15.763  0.00 15.00  ? 8029 HOH A H1   1 
HETATM 1535 H H2   . HOH B 2 .   ? 5.477   6.657   16.867  0.00 15.00  ? 8029 HOH A H2   1 
HETATM 1536 O O    . HOH B 2 .   ? 5.091   10.613  20.219  1.00 43.03  ? 8030 HOH A O    1 
HETATM 1537 H H1   . HOH B 2 .   ? 5.193   10.559  21.178  0.00 15.00  ? 8030 HOH A H1   1 
HETATM 1538 H H2   . HOH B 2 .   ? 5.464   11.497  20.024  0.00 15.00  ? 8030 HOH A H2   1 
HETATM 1539 O O    . HOH B 2 .   ? 3.600   13.539  20.299  1.00 72.18  ? 8031 HOH A O    1 
HETATM 1540 H H1   . HOH B 2 .   ? 4.558   13.415  20.176  0.00 15.00  ? 8031 HOH A H1   1 
HETATM 1541 H H2   . HOH B 2 .   ? 3.259   12.675  20.056  0.00 15.00  ? 8031 HOH A H2   1 
HETATM 1542 O O    . HOH B 2 .   ? 6.853   5.927   31.669  1.00 33.89  ? 8032 HOH A O    1 
HETATM 1543 H H1   . HOH B 2 .   ? 7.574   5.986   31.019  0.00 15.00  ? 8032 HOH A H1   1 
HETATM 1544 H H2   . HOH B 2 .   ? 6.097   6.318   31.184  0.00 15.00  ? 8032 HOH A H2   1 
HETATM 1545 O O    . HOH B 2 .   ? -6.884  12.017  36.288  1.00 52.00  ? 8033 HOH A O    1 
HETATM 1546 H H1   . HOH B 2 .   ? -6.185  12.684  36.256  0.00 15.00  ? 8033 HOH A H1   1 
HETATM 1547 H H2   . HOH B 2 .   ? -7.625  12.491  35.885  0.00 15.00  ? 8033 HOH A H2   1 
HETATM 1548 O O    . HOH B 2 .   ? 3.456   2.212   -11.846 1.00 31.65  ? 8034 HOH A O    1 
HETATM 1549 H H1   . HOH B 2 .   ? 3.170   3.149   -11.762 0.00 15.00  ? 8034 HOH A H1   1 
HETATM 1550 H H2   . HOH B 2 .   ? 2.977   1.910   -12.635 0.00 15.00  ? 8034 HOH A H2   1 
HETATM 1551 O O    . HOH B 2 .   ? 8.061   0.137   -12.364 1.00 63.20  ? 8035 HOH A O    1 
HETATM 1552 H H1   . HOH B 2 .   ? 8.515   -0.502  -11.794 0.00 15.00  ? 8035 HOH A H1   1 
HETATM 1553 H H2   . HOH B 2 .   ? 8.631   0.914   -12.254 0.00 15.00  ? 8035 HOH A H2   1 
HETATM 1554 O O    . HOH B 2 .   ? -3.675  -3.075  2.563   1.00 62.77  ? 8036 HOH A O    1 
HETATM 1555 H H1   . HOH B 2 .   ? -3.006  -3.060  1.853   0.00 15.00  ? 8036 HOH A H1   1 
HETATM 1556 H H2   . HOH B 2 .   ? -4.106  -3.922  2.411   0.00 15.00  ? 8036 HOH A H2   1 
HETATM 1557 O O    . HOH B 2 .   ? 6.527   8.280   -9.090  1.00 32.58  ? 8037 HOH A O    1 
HETATM 1558 H H1   . HOH B 2 .   ? 6.327   7.607   -8.395  0.00 15.00  ? 8037 HOH A H1   1 
HETATM 1559 H H2   . HOH B 2 .   ? 6.350   9.110   -8.606  0.00 15.00  ? 8037 HOH A H2   1 
HETATM 1560 O O    . HOH B 2 .   ? 4.236   7.859   35.546  1.00 52.72  ? 8038 HOH A O    1 
HETATM 1561 H H1   . HOH B 2 .   ? 4.196   7.156   36.216  0.00 15.00  ? 8038 HOH A H1   1 
HETATM 1562 H H2   . HOH B 2 .   ? 4.897   7.477   34.957  0.00 15.00  ? 8038 HOH A H2   1 
HETATM 1563 O O    . HOH B 2 .   ? -5.380  -3.040  -29.925 1.00 60.31  ? 8039 HOH A O    1 
HETATM 1564 H H1   . HOH B 2 .   ? -5.540  -2.836  -30.850 0.00 15.00  ? 8039 HOH A H1   1 
HETATM 1565 H H2   . HOH B 2 .   ? -5.485  -3.987  -29.858 0.00 15.00  ? 8039 HOH A H2   1 
HETATM 1566 O O    . HOH B 2 .   ? -11.508 4.780   -13.819 1.00 60.30  ? 8040 HOH A O    1 
HETATM 1567 H H1   . HOH B 2 .   ? -10.570 4.650   -13.598 0.00 15.00  ? 8040 HOH A H1   1 
HETATM 1568 H H2   . HOH B 2 .   ? -11.733 5.531   -13.265 0.00 15.00  ? 8040 HOH A H2   1 
HETATM 1569 O O    . HOH B 2 .   ? -3.769  -8.709  -6.165  1.00 62.01  ? 8041 HOH A O    1 
HETATM 1570 H H1   . HOH B 2 .   ? -2.842  -8.952  -6.264  0.00 15.00  ? 8041 HOH A H1   1 
HETATM 1571 H H2   . HOH B 2 .   ? -3.745  -8.022  -5.492  0.00 15.00  ? 8041 HOH A H2   1 
HETATM 1572 O O    . HOH B 2 .   ? 1.821   -6.977  -11.171 1.00 42.88  ? 8042 HOH A O    1 
HETATM 1573 H H1   . HOH B 2 .   ? 1.355   -6.231  -10.764 0.00 15.00  ? 8042 HOH A H1   1 
HETATM 1574 H H2   . HOH B 2 .   ? 1.878   -7.618  -10.425 0.00 15.00  ? 8042 HOH A H2   1 
HETATM 1575 O O    . HOH B 2 .   ? 6.089   4.478   -10.224 1.00 42.58  ? 8043 HOH A O    1 
HETATM 1576 H H1   . HOH B 2 .   ? 6.109   3.505   -10.209 0.00 15.00  ? 8043 HOH A H1   1 
HETATM 1577 H H2   . HOH B 2 .   ? 5.793   4.639   -11.143 0.00 15.00  ? 8043 HOH A H2   1 
HETATM 1578 O O    . HOH B 2 .   ? 6.431   7.352   6.856   1.00 44.20  ? 8044 HOH A O    1 
HETATM 1579 H H1   . HOH B 2 .   ? 6.875   7.999   6.280   0.00 15.00  ? 8044 HOH A H1   1 
HETATM 1580 H H2   . HOH B 2 .   ? 6.266   6.597   6.275   0.00 15.00  ? 8044 HOH A H2   1 
HETATM 1581 O O    . HOH B 2 .   ? -1.095  12.628  45.543  1.00 75.18  ? 8046 HOH A O    1 
HETATM 1582 H H1   . HOH B 2 .   ? -0.284  12.153  45.368  0.00 15.00  ? 8046 HOH A H1   1 
HETATM 1583 H H2   . HOH B 2 .   ? -1.321  13.020  44.694  0.00 15.00  ? 8046 HOH A H2   1 
HETATM 1584 O O    . HOH B 2 .   ? 3.793   14.146  42.316  1.00 47.22  ? 8047 HOH A O    1 
HETATM 1585 H H1   . HOH B 2 .   ? 3.402   13.416  42.855  0.00 15.00  ? 8047 HOH A H1   1 
HETATM 1586 H H2   . HOH B 2 .   ? 4.737   14.084  42.524  0.00 15.00  ? 8047 HOH A H2   1 
HETATM 1587 O O    . HOH B 2 .   ? -4.008  -4.128  -1.118  1.00 57.45  ? 8048 HOH A O    1 
HETATM 1588 H H1   . HOH B 2 .   ? -3.279  -3.850  -0.547  0.00 15.00  ? 8048 HOH A H1   1 
HETATM 1589 H H2   . HOH B 2 .   ? -3.649  -3.898  -1.981  0.00 15.00  ? 8048 HOH A H2   1 
HETATM 1590 O O    . HOH B 2 .   ? 3.173   10.407  -10.506 1.00 27.88  ? 8049 HOH A O    1 
HETATM 1591 H H1   . HOH B 2 .   ? 3.378   10.279  -9.571  0.00 15.00  ? 8049 HOH A H1   1 
HETATM 1592 H H2   . HOH B 2 .   ? 3.481   9.536   -10.854 0.00 15.00  ? 8049 HOH A H2   1 
HETATM 1593 O O    . HOH B 2 .   ? 8.883   -1.849  -3.190  1.00 44.06  ? 8052 HOH A O    1 
HETATM 1594 H H1   . HOH B 2 .   ? 8.581   -2.473  -3.861  0.00 15.00  ? 8052 HOH A H1   1 
HETATM 1595 H H2   . HOH B 2 .   ? 8.556   -2.282  -2.365  0.00 15.00  ? 8052 HOH A H2   1 
HETATM 1596 O O    . HOH B 2 .   ? -8.269  0.838   -10.048 1.00 35.43  ? 8053 HOH A O    1 
HETATM 1597 H H1   . HOH B 2 .   ? -7.896  -0.049  -10.238 0.00 15.00  ? 8053 HOH A H1   1 
HETATM 1598 H H2   . HOH B 2 .   ? -7.501  1.443   -10.120 0.00 15.00  ? 8053 HOH A H2   1 
HETATM 1599 O O    . HOH B 2 .   ? 1.206   12.406  -4.455  1.00 58.79  ? 8054 HOH A O    1 
HETATM 1600 H H1   . HOH B 2 .   ? 1.202   13.347  -4.220  0.00 15.00  ? 8054 HOH A H1   1 
HETATM 1601 H H2   . HOH B 2 .   ? 1.560   12.017  -3.627  0.00 15.00  ? 8054 HOH A H2   1 
HETATM 1602 O O    . HOH B 2 .   ? 9.414   2.084   3.462   1.00 71.51  ? 8055 HOH A O    1 
HETATM 1603 H H1   . HOH B 2 .   ? 10.158  1.639   3.040   0.00 15.00  ? 8055 HOH A H1   1 
HETATM 1604 H H2   . HOH B 2 .   ? 9.826   2.491   4.235   0.00 15.00  ? 8055 HOH A H2   1 
HETATM 1605 O O    . HOH B 2 .   ? 8.035   -3.103  -1.043  1.00 67.95  ? 8056 HOH A O    1 
HETATM 1606 H H1   . HOH B 2 .   ? 8.529   -3.333  -0.250  0.00 15.00  ? 8056 HOH A H1   1 
HETATM 1607 H H2   . HOH B 2 .   ? 7.121   -3.098  -0.697  0.00 15.00  ? 8056 HOH A H2   1 
HETATM 1608 O O    . HOH B 2 .   ? 1.344   14.344  33.232  1.00 51.89  ? 8057 HOH A O    1 
HETATM 1609 H H1   . HOH B 2 .   ? 0.604   14.256  32.627  0.00 15.00  ? 8057 HOH A H1   1 
HETATM 1610 H H2   . HOH B 2 .   ? 1.290   13.511  33.725  0.00 15.00  ? 8057 HOH A H2   1 
HETATM 1611 O O    . HOH B 2 .   ? 4.298   7.947   -10.945 1.00 39.40  ? 8058 HOH A O    1 
HETATM 1612 H H1   . HOH B 2 .   ? 4.511   7.678   -10.031 0.00 15.00  ? 8058 HOH A H1   1 
HETATM 1613 H H2   . HOH B 2 .   ? 5.200   7.881   -11.305 0.00 15.00  ? 8058 HOH A H2   1 
HETATM 1614 O O    . HOH B 2 .   ? -11.743 6.272   13.373  1.00 80.62  ? 8059 HOH A O    1 
HETATM 1615 H H1   . HOH B 2 .   ? -12.562 5.768   13.331  0.00 15.00  ? 8059 HOH A H1   1 
HETATM 1616 H H2   . HOH B 2 .   ? -11.094 5.641   13.049  0.00 15.00  ? 8059 HOH A H2   1 
HETATM 1617 O O    . HOH B 2 .   ? -10.266 0.446   -14.583 1.00 66.67  ? 8060 HOH A O    1 
HETATM 1618 H H1   . HOH B 2 .   ? -10.080 0.829   -13.714 0.00 15.00  ? 8060 HOH A H1   1 
HETATM 1619 H H2   . HOH B 2 .   ? -10.969 1.001   -14.922 0.00 15.00  ? 8060 HOH A H2   1 
HETATM 1620 O O    . HOH B 2 .   ? 6.385   -3.524  -24.629 1.00 84.77  ? 8061 HOH A O    1 
HETATM 1621 H H1   . HOH B 2 .   ? 5.606   -3.239  -25.119 0.00 15.00  ? 8061 HOH A H1   1 
HETATM 1622 H H2   . HOH B 2 .   ? 6.058   -4.294  -24.163 0.00 15.00  ? 8061 HOH A H2   1 
HETATM 1623 O O    . HOH B 2 .   ? -9.687  2.231   -11.878 1.00 47.30  ? 8062 HOH A O    1 
HETATM 1624 H H1   . HOH B 2 .   ? -10.285 2.656   -11.258 0.00 15.00  ? 8062 HOH A H1   1 
HETATM 1625 H H2   . HOH B 2 .   ? -9.194  1.649   -11.256 0.00 15.00  ? 8062 HOH A H2   1 
HETATM 1626 O O    . HOH B 2 .   ? -0.829  -8.483  -11.546 1.00 59.33  ? 8063 HOH A O    1 
HETATM 1627 H H1   . HOH B 2 .   ? 0.095   -8.165  -11.519 0.00 15.00  ? 8063 HOH A H1   1 
HETATM 1628 H H2   . HOH B 2 .   ? -0.736  -9.267  -12.102 0.00 15.00  ? 8063 HOH A H2   1 
HETATM 1629 O O    . HOH B 2 .   ? -2.644  6.742   -14.577 1.00 39.06  ? 8064 HOH A O    1 
HETATM 1630 H H1   . HOH B 2 .   ? -2.159  6.224   -13.934 0.00 15.00  ? 8064 HOH A H1   1 
HETATM 1631 H H2   . HOH B 2 .   ? -3.452  6.994   -14.103 0.00 15.00  ? 8064 HOH A H2   1 
HETATM 1632 O O    . HOH B 2 .   ? -5.847  6.354   -6.511  1.00 37.53  ? 8065 HOH A O    1 
HETATM 1633 H H1   . HOH B 2 .   ? -5.642  7.308   -6.656  0.00 15.00  ? 8065 HOH A H1   1 
HETATM 1634 H H2   . HOH B 2 .   ? -4.959  5.973   -6.459  0.00 15.00  ? 8065 HOH A H2   1 
HETATM 1635 O O    . HOH B 2 .   ? 10.865  -5.369  -6.978  1.00 62.30  ? 8066 HOH A O    1 
HETATM 1636 H H1   . HOH B 2 .   ? 10.429  -6.101  -6.533  0.00 15.00  ? 8066 HOH A H1   1 
HETATM 1637 H H2   . HOH B 2 .   ? 11.795  -5.476  -6.764  0.00 15.00  ? 8066 HOH A H2   1 
HETATM 1638 O O    . HOH B 2 .   ? 2.178   -3.705  10.725  1.00 62.57  ? 8067 HOH A O    1 
HETATM 1639 H H1   . HOH B 2 .   ? 1.644   -2.964  11.045  0.00 15.00  ? 8067 HOH A H1   1 
HETATM 1640 H H2   . HOH B 2 .   ? 2.075   -4.353  11.422  0.00 15.00  ? 8067 HOH A H2   1 
HETATM 1641 O O    . HOH B 2 .   ? -7.431  6.092   20.584  1.00 56.86  ? 8068 HOH A O    1 
HETATM 1642 H H1   . HOH B 2 .   ? -6.523  6.343   20.360  0.00 15.00  ? 8068 HOH A H1   1 
HETATM 1643 H H2   . HOH B 2 .   ? -7.435  5.137   20.499  0.00 15.00  ? 8068 HOH A H2   1 
HETATM 1644 O O    . HOH B 2 .   ? -5.094  1.851   21.324  1.00 58.38  ? 8069 HOH A O    1 
HETATM 1645 H H1   . HOH B 2 .   ? -4.549  1.564   20.569  0.00 15.00  ? 8069 HOH A H1   1 
HETATM 1646 H H2   . HOH B 2 .   ? -5.593  1.045   21.567  0.00 15.00  ? 8069 HOH A H2   1 
HETATM 1647 O O    . HOH B 2 .   ? -3.435  12.974  20.957  1.00 58.38  ? 8070 HOH A O    1 
HETATM 1648 H H1   . HOH B 2 .   ? -3.550  12.322  21.673  0.00 15.00  ? 8070 HOH A H1   1 
HETATM 1649 H H2   . HOH B 2 .   ? -3.832  13.763  21.343  0.00 15.00  ? 8070 HOH A H2   1 
HETATM 1650 O O    . HOH B 2 .   ? -6.084  -12.947 -21.001 1.00 60.53  ? 8071 HOH A O    1 
HETATM 1651 H H1   . HOH B 2 .   ? -6.554  -12.318 -21.548 0.00 15.00  ? 8071 HOH A H1   1 
HETATM 1652 H H2   . HOH B 2 .   ? -5.876  -13.661 -21.607 0.00 15.00  ? 8071 HOH A H2   1 
HETATM 1653 O O    . HOH B 2 .   ? 9.721   -2.067  -21.462 1.00 92.36  ? 8072 HOH A O    1 
HETATM 1654 H H1   . HOH B 2 .   ? 9.292   -2.345  -20.648 0.00 15.00  ? 8072 HOH A H1   1 
HETATM 1655 H H2   . HOH B 2 .   ? 9.290   -1.238  -21.669 0.00 15.00  ? 8072 HOH A H2   1 
HETATM 1656 O O    . HOH B 2 .   ? -1.269  -9.643  -8.461  1.00 66.52  ? 8073 HOH A O    1 
HETATM 1657 H H1   . HOH B 2 .   ? -1.239  -9.250  -9.348  0.00 15.00  ? 8073 HOH A H1   1 
HETATM 1658 H H2   . HOH B 2 .   ? -1.820  -10.418 -8.592  0.00 15.00  ? 8073 HOH A H2   1 
HETATM 1659 O O    . HOH B 2 .   ? 0.956   -2.538  0.060   1.00 46.47  ? 8074 HOH A O    1 
HETATM 1660 H H1   . HOH B 2 .   ? 0.896   -3.504  0.192   0.00 15.00  ? 8074 HOH A H1   1 
HETATM 1661 H H2   . HOH B 2 .   ? 0.935   -2.223  0.973   0.00 15.00  ? 8074 HOH A H2   1 
HETATM 1662 O O    . HOH B 2 .   ? 1.037   15.472  -4.080  1.00 55.42  ? 8075 HOH A O    1 
HETATM 1663 H H1   . HOH B 2 .   ? 1.843   15.976  -3.800  0.00 15.00  ? 8075 HOH A H1   1 
HETATM 1664 H H2   . HOH B 2 .   ? 0.563   15.493  -3.240  0.00 15.00  ? 8075 HOH A H2   1 
HETATM 1665 O O    . HOH B 2 .   ? 5.278   -3.072  0.601   1.00 56.55  ? 8076 HOH A O    1 
HETATM 1666 H H1   . HOH B 2 .   ? 4.663   -3.577  1.134   0.00 15.00  ? 8076 HOH A H1   1 
HETATM 1667 H H2   . HOH B 2 .   ? 5.081   -2.155  0.860   0.00 15.00  ? 8076 HOH A H2   1 
HETATM 1668 O O    . HOH B 2 .   ? 2.065   11.277  -1.701  1.00 55.00  ? 8077 HOH A O    1 
HETATM 1669 H H1   . HOH B 2 .   ? 2.111   10.316  -1.827  0.00 15.00  ? 8077 HOH A H1   1 
HETATM 1670 H H2   . HOH B 2 .   ? 2.885   11.440  -1.220  0.00 15.00  ? 8077 HOH A H2   1 
HETATM 1671 O O    . HOH B 2 .   ? -3.635  3.074   10.632  1.00 57.22  ? 8078 HOH A O    1 
HETATM 1672 H H1   . HOH B 2 .   ? -3.176  2.411   10.098  0.00 15.00  ? 8078 HOH A H1   1 
HETATM 1673 H H2   . HOH B 2 .   ? -2.936  3.378   11.233  0.00 15.00  ? 8078 HOH A H2   1 
HETATM 1674 O O    . HOH B 2 .   ? 9.488   6.261   6.367   1.00 70.47  ? 8079 HOH A O    1 
HETATM 1675 H H1   . HOH B 2 .   ? 8.908   6.872   6.836   0.00 15.00  ? 8079 HOH A H1   1 
HETATM 1676 H H2   . HOH B 2 .   ? 10.263  6.796   6.152   0.00 15.00  ? 8079 HOH A H2   1 
HETATM 1677 O O    . HOH B 2 .   ? 12.071  7.615   4.434   1.00 61.08  ? 8080 HOH A O    1 
HETATM 1678 H H1   . HOH B 2 .   ? 12.832  7.753   3.857   0.00 15.00  ? 8080 HOH A H1   1 
HETATM 1679 H H2   . HOH B 2 .   ? 11.538  7.030   3.891   0.00 15.00  ? 8080 HOH A H2   1 
HETATM 1680 O O    . HOH B 2 .   ? -6.924  7.665   25.354  1.00 65.40  ? 8081 HOH A O    1 
HETATM 1681 H H1   . HOH B 2 .   ? -6.454  8.413   25.729  0.00 15.00  ? 8081 HOH A H1   1 
HETATM 1682 H H2   . HOH B 2 .   ? -6.369  7.415   24.599  0.00 15.00  ? 8081 HOH A H2   1 
HETATM 1683 O O    . HOH B 2 .   ? 0.883   14.451  20.019  1.00 40.85  ? 8082 HOH A O    1 
HETATM 1684 H H1   . HOH B 2 .   ? 0.064   13.955  20.115  0.00 15.00  ? 8082 HOH A H1   1 
HETATM 1685 H H2   . HOH B 2 .   ? 1.131   14.200  19.111  0.00 15.00  ? 8082 HOH A H2   1 
HETATM 1686 O O    . HOH B 2 .   ? -8.815  9.251   33.787  1.00 71.84  ? 8083 HOH A O    1 
HETATM 1687 H H1   . HOH B 2 .   ? -8.340  9.858   33.206  0.00 15.00  ? 8083 HOH A H1   1 
HETATM 1688 H H2   . HOH B 2 .   ? -9.699  9.261   33.399  0.00 15.00  ? 8083 HOH A H2   1 
HETATM 1689 O O    . HOH B 2 .   ? 6.345   5.607   23.093  1.00 54.33  ? 8084 HOH A O    1 
HETATM 1690 H H1   . HOH B 2 .   ? 5.632   5.034   22.750  0.00 15.00  ? 8084 HOH A H1   1 
HETATM 1691 H H2   . HOH B 2 .   ? 6.225   5.520   24.048  0.00 15.00  ? 8084 HOH A H2   1 
HETATM 1692 O O    . HOH B 2 .   ? 7.753   7.480   21.420  1.00 53.51  ? 8085 HOH A O    1 
HETATM 1693 H H1   . HOH B 2 .   ? 7.371   7.403   20.525  0.00 15.00  ? 8085 HOH A H1   1 
HETATM 1694 H H2   . HOH B 2 .   ? 7.365   6.711   21.890  0.00 15.00  ? 8085 HOH A H2   1 
HETATM 1695 O O    . HOH B 2 .   ? 7.174   3.163   31.636  1.00 56.16  ? 8086 HOH A O    1 
HETATM 1696 H H1   . HOH B 2 .   ? 7.019   4.105   31.846  0.00 15.00  ? 8086 HOH A H1   1 
HETATM 1697 H H2   . HOH B 2 .   ? 7.255   3.208   30.680  0.00 15.00  ? 8086 HOH A H2   1 
HETATM 1698 O O    . HOH B 2 .   ? 4.824   6.607   39.717  1.00 48.55  ? 8087 HOH A O    1 
HETATM 1699 H H1   . HOH B 2 .   ? 4.629   7.537   39.487  0.00 15.00  ? 8087 HOH A H1   1 
HETATM 1700 H H2   . HOH B 2 .   ? 5.694   6.678   40.136  0.00 15.00  ? 8087 HOH A H2   1 
HETATM 1701 O O    . HOH B 2 .   ? -4.988  -2.841  -34.347 1.00 70.92  ? 8088 HOH A O    1 
HETATM 1702 H H1   . HOH B 2 .   ? -4.785  -3.656  -34.820 0.00 15.00  ? 8088 HOH A H1   1 
HETATM 1703 H H2   . HOH B 2 .   ? -5.694  -2.466  -34.882 0.00 15.00  ? 8088 HOH A H2   1 
HETATM 1704 O O    . HOH B 2 .   ? -1.812  -17.342 -36.047 1.00 81.64  ? 8089 HOH A O    1 
HETATM 1705 H H1   . HOH B 2 .   ? -1.318  -18.149 -35.900 0.00 15.00  ? 8089 HOH A H1   1 
HETATM 1706 H H2   . HOH B 2 .   ? -1.810  -17.208 -36.991 0.00 15.00  ? 8089 HOH A H2   1 
HETATM 1707 O O    . HOH B 2 .   ? -0.871  1.419   -24.367 1.00 76.22  ? 8090 HOH A O    1 
HETATM 1708 H H1   . HOH B 2 .   ? -1.100  2.305   -24.044 0.00 15.00  ? 8090 HOH A H1   1 
HETATM 1709 H H2   . HOH B 2 .   ? 0.104   1.413   -24.255 0.00 15.00  ? 8090 HOH A H2   1 
HETATM 1710 O O    . HOH B 2 .   ? 7.103   -8.671  -15.589 1.00 89.90  ? 8091 HOH A O    1 
HETATM 1711 H H1   . HOH B 2 .   ? 7.289   -9.421  -16.153 0.00 15.00  ? 8091 HOH A H1   1 
HETATM 1712 H H2   . HOH B 2 .   ? 6.681   -9.053  -14.819 0.00 15.00  ? 8091 HOH A H2   1 
HETATM 1713 O O    . HOH B 2 .   ? -11.700 3.053   -17.109 1.00 34.41  ? 8092 HOH A O    1 
HETATM 1714 H H1   . HOH B 2 .   ? -12.634 2.835   -17.105 0.00 15.00  ? 8092 HOH A H1   1 
HETATM 1715 H H2   . HOH B 2 .   ? -11.577 3.548   -16.289 0.00 15.00  ? 8092 HOH A H2   1 
HETATM 1716 O O    . HOH B 2 .   ? 2.555   11.471  11.757  1.00 68.11  ? 8093 HOH A O    1 
HETATM 1717 H H1   . HOH B 2 .   ? 2.823   11.886  10.931  0.00 15.00  ? 8093 HOH A H1   1 
HETATM 1718 H H2   . HOH B 2 .   ? 2.062   10.702  11.461  0.00 15.00  ? 8093 HOH A H2   1 
HETATM 1719 O O    . HOH B 2 .   ? -6.176  -1.078  -25.996 1.00 58.07  ? 8094 HOH A O    1 
HETATM 1720 H H1   . HOH B 2 .   ? -6.751  -1.869  -25.985 0.00 15.00  ? 8094 HOH A H1   1 
HETATM 1721 H H2   . HOH B 2 .   ? -6.262  -0.784  -26.905 0.00 15.00  ? 8094 HOH A H2   1 
HETATM 1722 O O    . HOH B 2 .   ? -3.221  -1.662  -27.406 1.00 69.54  ? 8095 HOH A O    1 
HETATM 1723 H H1   . HOH B 2 .   ? -2.778  -2.499  -27.191 0.00 15.00  ? 8095 HOH A H1   1 
HETATM 1724 H H2   . HOH B 2 .   ? -4.049  -1.728  -26.922 0.00 15.00  ? 8095 HOH A H2   1 
HETATM 1725 O O    . HOH B 2 .   ? -7.380  5.685   -8.478  1.00 41.99  ? 8096 HOH A O    1 
HETATM 1726 H H1   . HOH B 2 .   ? -6.787  5.944   -7.739  0.00 15.00  ? 8096 HOH A H1   1 
HETATM 1727 H H2   . HOH B 2 .   ? -8.208  5.538   -7.972  0.00 15.00  ? 8096 HOH A H2   1 
HETATM 1728 O O    . HOH B 2 .   ? -9.661  5.355   -7.014  1.00 46.17  ? 8097 HOH A O    1 
HETATM 1729 H H1   . HOH B 2 .   ? -9.596  5.738   -6.104  0.00 15.00  ? 8097 HOH A H1   1 
HETATM 1730 H H2   . HOH B 2 .   ? -9.957  4.454   -6.810  0.00 15.00  ? 8097 HOH A H2   1 
HETATM 1731 O O    . HOH B 2 .   ? -12.065 3.354   5.227   1.00 39.66  ? 8098 HOH A O    1 
HETATM 1732 H H1   . HOH B 2 .   ? -11.246 2.877   5.392   0.00 15.00  ? 8098 HOH A H1   1 
HETATM 1733 H H2   . HOH B 2 .   ? -12.743 2.757   5.553   0.00 15.00  ? 8098 HOH A H2   1 
HETATM 1734 O O    . HOH B 2 .   ? -4.619  6.599   7.962   1.00 77.48  ? 8099 HOH A O    1 
HETATM 1735 H H1   . HOH B 2 .   ? -4.221  6.789   8.815   0.00 15.00  ? 8099 HOH A H1   1 
HETATM 1736 H H2   . HOH B 2 .   ? -4.963  5.681   8.097   0.00 15.00  ? 8099 HOH A H2   1 
HETATM 1737 O O    . HOH B 2 .   ? -8.460  5.139   8.300   1.00 55.57  ? 8100 HOH A O    1 
HETATM 1738 H H1   . HOH B 2 .   ? -9.383  5.300   8.100   0.00 15.00  ? 8100 HOH A H1   1 
HETATM 1739 H H2   . HOH B 2 .   ? -8.037  5.952   7.933   0.00 15.00  ? 8100 HOH A H2   1 
HETATM 1740 O O    . HOH B 2 .   ? -7.245  7.250   7.414   1.00 49.02  ? 8101 HOH A O    1 
HETATM 1741 H H1   . HOH B 2 .   ? -7.090  8.204   7.370   0.00 15.00  ? 8101 HOH A H1   1 
HETATM 1742 H H2   . HOH B 2 .   ? -6.308  6.950   7.466   0.00 15.00  ? 8101 HOH A H2   1 
HETATM 1743 O O    . HOH B 2 .   ? -5.572  -14.161 -24.952 1.00 99.39  ? 8102 HOH A O    1 
HETATM 1744 H H1   . HOH B 2 .   ? -5.733  -14.412 -25.864 0.00 15.00  ? 8102 HOH A H1   1 
HETATM 1745 H H2   . HOH B 2 .   ? -4.905  -14.791 -24.662 0.00 15.00  ? 8102 HOH A H2   1 
HETATM 1746 O O    . HOH B 2 .   ? -12.546 -8.887  -14.969 1.00 73.22  ? 8103 HOH A O    1 
HETATM 1747 H H1   . HOH B 2 .   ? -13.215 -9.057  -15.653 0.00 15.00  ? 8103 HOH A H1   1 
HETATM 1748 H H2   . HOH B 2 .   ? -12.292 -7.987  -15.202 0.00 15.00  ? 8103 HOH A H2   1 
HETATM 1749 O O    . HOH B 2 .   ? -2.094  3.905   -22.923 1.00 59.49  ? 8104 HOH A O    1 
HETATM 1750 H H1   . HOH B 2 .   ? -1.471  4.125   -22.216 0.00 15.00  ? 8104 HOH A H1   1 
HETATM 1751 H H2   . HOH B 2 .   ? -2.769  3.449   -22.405 0.00 15.00  ? 8104 HOH A H2   1 
HETATM 1752 O O    . HOH B 2 .   ? 1.588   -8.693  -9.029  1.00 56.94  ? 8105 HOH A O    1 
HETATM 1753 H H1   . HOH B 2 .   ? 2.230   -8.733  -8.303  0.00 15.00  ? 8105 HOH A H1   1 
HETATM 1754 H H2   . HOH B 2 .   ? 0.805   -9.093  -8.616  0.00 15.00  ? 8105 HOH A H2   1 
HETATM 1755 O O    . HOH B 2 .   ? -1.740  -2.649  0.286   1.00 67.01  ? 8106 HOH A O    1 
HETATM 1756 H H1   . HOH B 2 .   ? -2.178  -1.903  -0.154  0.00 15.00  ? 8106 HOH A H1   1 
HETATM 1757 H H2   . HOH B 2 .   ? -0.836  -2.554  -0.063  0.00 15.00  ? 8106 HOH A H2   1 
HETATM 1758 O O    . HOH B 2 .   ? -5.730  4.283   8.297   1.00 56.60  ? 8107 HOH A O    1 
HETATM 1759 H H1   . HOH B 2 .   ? -6.715  4.344   8.317   0.00 15.00  ? 8107 HOH A H1   1 
HETATM 1760 H H2   . HOH B 2 .   ? -5.579  3.589   8.964   0.00 15.00  ? 8107 HOH A H2   1 
HETATM 1761 O O    . HOH B 2 .   ? 11.463  -0.414  -2.274  1.00 68.09  ? 8108 HOH A O    1 
HETATM 1762 H H1   . HOH B 2 .   ? 11.286  0.215   -2.970  0.00 15.00  ? 8108 HOH A H1   1 
HETATM 1763 H H2   . HOH B 2 .   ? 10.751  -1.059  -2.414  0.00 15.00  ? 8108 HOH A H2   1 
HETATM 1764 O O    . HOH B 2 .   ? 3.252   -0.334  15.532  1.00 79.79  ? 8109 HOH A O    1 
HETATM 1765 H H1   . HOH B 2 .   ? 2.619   0.253   15.087  0.00 15.00  ? 8109 HOH A H1   1 
HETATM 1766 H H2   . HOH B 2 .   ? 3.902   -0.504  14.849  0.00 15.00  ? 8109 HOH A H2   1 
HETATM 1767 O O    . HOH B 2 .   ? 7.663   5.347   12.500  1.00 100.00 ? 8110 HOH A O    1 
HETATM 1768 H H1   . HOH B 2 .   ? 8.039   5.848   11.767  0.00 15.00  ? 8110 HOH A H1   1 
HETATM 1769 H H2   . HOH B 2 .   ? 8.257   5.564   13.228  0.00 15.00  ? 8110 HOH A H2   1 
HETATM 1770 O O    . HOH B 2 .   ? -10.100 3.123   29.896  1.00 73.59  ? 8112 HOH A O    1 
HETATM 1771 H H1   . HOH B 2 .   ? -9.377  3.694   29.605  0.00 15.00  ? 8112 HOH A H1   1 
HETATM 1772 H H2   . HOH B 2 .   ? -10.511 2.859   29.069  0.00 15.00  ? 8112 HOH A H2   1 
HETATM 1773 O O    . HOH B 2 .   ? -1.267  14.312  23.091  1.00 51.08  ? 8113 HOH A O    1 
HETATM 1774 H H1   . HOH B 2 .   ? -1.528  13.776  22.336  0.00 15.00  ? 8113 HOH A H1   1 
HETATM 1775 H H2   . HOH B 2 .   ? -0.356  14.558  22.924  0.00 15.00  ? 8113 HOH A H2   1 
HETATM 1776 O O    . HOH B 2 .   ? -9.400  -10.482 -27.041 1.00 91.56  ? 8114 HOH A O    1 
HETATM 1777 H H1   . HOH B 2 .   ? -9.521  -9.526  -26.977 0.00 15.00  ? 8114 HOH A H1   1 
HETATM 1778 H H2   . HOH B 2 .   ? -10.233 -10.759 -27.433 0.00 15.00  ? 8114 HOH A H2   1 
HETATM 1779 O O    . HOH B 2 .   ? 11.993  -27.522 -28.556 1.00 72.95  ? 8115 HOH A O    1 
HETATM 1780 H H1   . HOH B 2 .   ? 11.060  -27.538 -28.786 0.00 15.00  ? 8115 HOH A H1   1 
HETATM 1781 H H2   . HOH B 2 .   ? 11.982  -27.829 -27.649 0.00 15.00  ? 8115 HOH A H2   1 
HETATM 1782 O O    . HOH B 2 .   ? 5.053   -11.508 -23.471 1.00 99.99  ? 8116 HOH A O    1 
HETATM 1783 H H1   . HOH B 2 .   ? 5.712   -11.443 -24.171 0.00 15.00  ? 8116 HOH A H1   1 
HETATM 1784 H H2   . HOH B 2 .   ? 5.578   -11.647 -22.678 0.00 15.00  ? 8116 HOH A H2   1 
HETATM 1785 O O    . HOH B 2 .   ? -9.782  -9.329  -8.876  1.00 100.00 ? 8117 HOH A O    1 
HETATM 1786 H H1   . HOH B 2 .   ? -9.113  -8.713  -8.565  0.00 15.00  ? 8117 HOH A H1   1 
HETATM 1787 H H2   . HOH B 2 .   ? -9.623  -9.400  -9.819  0.00 15.00  ? 8117 HOH A H2   1 
HETATM 1788 O O    . HOH B 2 .   ? 0.661   -5.612  1.053   1.00 74.12  ? 8121 HOH A O    1 
HETATM 1789 H H1   . HOH B 2 .   ? 0.977   -5.903  0.186   0.00 15.00  ? 8121 HOH A H1   1 
HETATM 1790 H H2   . HOH B 2 .   ? 0.874   -6.347  1.629   0.00 15.00  ? 8121 HOH A H2   1 
HETATM 1791 O O    . HOH B 2 .   ? -5.459  9.236   2.173   1.00 40.40  ? 8122 HOH A O    1 
HETATM 1792 H H1   . HOH B 2 .   ? -5.574  9.003   1.240   0.00 15.00  ? 8122 HOH A H1   1 
HETATM 1793 H H2   . HOH B 2 .   ? -5.538  8.350   2.582   0.00 15.00  ? 8122 HOH A H2   1 
HETATM 1794 O O    . HOH B 2 .   ? -7.710  11.326  19.487  1.00 69.29  ? 8123 HOH A O    1 
HETATM 1795 H H1   . HOH B 2 .   ? -7.599  12.256  19.776  0.00 15.00  ? 8123 HOH A H1   1 
HETATM 1796 H H2   . HOH B 2 .   ? -8.521  11.064  19.926  0.00 15.00  ? 8123 HOH A H2   1 
HETATM 1797 O O    . HOH B 2 .   ? 8.354   8.435   15.104  1.00 68.06  ? 8124 HOH A O    1 
HETATM 1798 H H1   . HOH B 2 .   ? 7.956   8.118   15.934  0.00 15.00  ? 8124 HOH A H1   1 
HETATM 1799 H H2   . HOH B 2 .   ? 8.489   9.374   15.242  0.00 15.00  ? 8124 HOH A H2   1 
HETATM 1800 O O    . HOH B 2 .   ? 3.080   -4.134  39.233  1.00 81.43  ? 8126 HOH A O    1 
HETATM 1801 H H1   . HOH B 2 .   ? 3.901   -3.643  39.295  0.00 15.00  ? 8126 HOH A H1   1 
HETATM 1802 H H2   . HOH B 2 .   ? 2.821   -4.006  38.311  0.00 15.00  ? 8126 HOH A H2   1 
HETATM 1803 O O    . HOH B 2 .   ? 2.799   15.597  44.284  1.00 70.24  ? 8127 HOH A O    1 
HETATM 1804 H H1   . HOH B 2 .   ? 3.441   16.298  44.401  0.00 15.00  ? 8127 HOH A H1   1 
HETATM 1805 H H2   . HOH B 2 .   ? 3.116   15.161  43.468  0.00 15.00  ? 8127 HOH A H2   1 
# 
